data_5ZXK
# 
_entry.id   5ZXK 
# 
_audit_conform.dict_name       mmcif_pdbx.dic 
_audit_conform.dict_version    5.380 
_audit_conform.dict_location   http://mmcif.pdb.org/dictionaries/ascii/mmcif_pdbx.dic 
# 
loop_
_database_2.database_id 
_database_2.database_code 
_database_2.pdbx_database_accession 
_database_2.pdbx_DOI 
PDB   5ZXK         pdb_00005zxk 10.2210/pdb5zxk/pdb 
WWPDB D_1300007830 ?            ?                   
# 
_pdbx_database_status.status_code                     REL 
_pdbx_database_status.status_code_sf                  REL 
_pdbx_database_status.status_code_mr                  ? 
_pdbx_database_status.entry_id                        5ZXK 
_pdbx_database_status.recvd_initial_deposition_date   2018-05-21 
_pdbx_database_status.SG_entry                        N 
_pdbx_database_status.deposit_site                    PDBJ 
_pdbx_database_status.process_site                    PDBJ 
_pdbx_database_status.status_code_cs                  ? 
_pdbx_database_status.methods_development_category    ? 
_pdbx_database_status.pdb_format_compatible           Y 
_pdbx_database_status.status_code_nmr_data            ? 
# 
loop_
_audit_author.name 
_audit_author.pdbx_ordinal 
_audit_author.identifier_ORCID 
'Yang, Y.Y.'  1 ? 
'Liu, W.D.'   2 ? 
'Chen, C.C.'  3 ? 
'Guo, R.T.'   4 ? 
'Zhang, Y.H.' 5 ? 
# 
_citation.abstract                  ? 
_citation.abstract_id_CAS           ? 
_citation.book_id_ISBN              ? 
_citation.book_publisher            ? 
_citation.book_publisher_city       ? 
_citation.book_title                ? 
_citation.coordinate_linkage        ? 
_citation.country                   US 
_citation.database_id_Medline       ? 
_citation.details                   ? 
_citation.id                        primary 
_citation.journal_abbrev            Immunity 
_citation.journal_id_ASTM           IUNIEH 
_citation.journal_id_CSD            2048 
_citation.journal_id_ISSN           1097-4180 
_citation.journal_full              ? 
_citation.journal_issue             ? 
_citation.journal_volume            50 
_citation.language                  ? 
_citation.page_first                1043 
_citation.page_last                 ? 
_citation.title                     
;A Structural Change in Butyrophilin upon Phosphoantigen Binding Underlies Phosphoantigen-Mediated V gamma 9V delta 2 T Cell Activation.
;
_citation.year                      2019 
_citation.database_id_CSD           ? 
_citation.pdbx_database_id_DOI      10.1016/j.immuni.2019.02.016 
_citation.pdbx_database_id_PubMed   30902636 
_citation.unpublished_flag          ? 
# 
loop_
_citation_author.citation_id 
_citation_author.name 
_citation_author.ordinal 
_citation_author.identifier_ORCID 
primary 'Yang, Y.'     1  ? 
primary 'Li, L.'       2  ? 
primary 'Yuan, L.'     3  ? 
primary 'Zhou, X.'     4  ? 
primary 'Duan, J.'     5  ? 
primary 'Xiao, H.'     6  ? 
primary 'Cai, N.'      7  ? 
primary 'Han, S.'      8  ? 
primary 'Ma, X.'       9  ? 
primary 'Liu, W.'      10 ? 
primary 'Chen, C.C.'   11 ? 
primary 'Wang, L.'     12 ? 
primary 'Li, X.'       13 ? 
primary 'Chen, J.'     14 ? 
primary 'Kang, N.'     15 ? 
primary 'Chen, J.'     16 ? 
primary 'Shen, Z.'     17 ? 
primary 'Malwal, S.R.' 18 ? 
primary 'Liu, W.'      19 ? 
primary 'Shi, Y.'      20 ? 
primary 'Oldfield, E.' 21 ? 
primary 'Guo, R.T.'    22 ? 
primary 'Zhang, Y.'    23 ? 
# 
_cell.angle_alpha                  90.00 
_cell.angle_alpha_esd              ? 
_cell.angle_beta                   90.00 
_cell.angle_beta_esd               ? 
_cell.angle_gamma                  90.00 
_cell.angle_gamma_esd              ? 
_cell.entry_id                     5ZXK 
_cell.details                      ? 
_cell.formula_units_Z              ? 
_cell.length_a                     45.131 
_cell.length_a_esd                 ? 
_cell.length_b                     125.668 
_cell.length_b_esd                 ? 
_cell.length_c                     39.046 
_cell.length_c_esd                 ? 
_cell.volume                       ? 
_cell.volume_esd                   ? 
_cell.Z_PDB                        4 
_cell.reciprocal_angle_alpha       ? 
_cell.reciprocal_angle_beta        ? 
_cell.reciprocal_angle_gamma       ? 
_cell.reciprocal_angle_alpha_esd   ? 
_cell.reciprocal_angle_beta_esd    ? 
_cell.reciprocal_angle_gamma_esd   ? 
_cell.reciprocal_length_a          ? 
_cell.reciprocal_length_b          ? 
_cell.reciprocal_length_c          ? 
_cell.reciprocal_length_a_esd      ? 
_cell.reciprocal_length_b_esd      ? 
_cell.reciprocal_length_c_esd      ? 
_cell.pdbx_unique_axis             ? 
# 
_symmetry.entry_id                         5ZXK 
_symmetry.cell_setting                     ? 
_symmetry.Int_Tables_number                18 
_symmetry.space_group_name_Hall            ? 
_symmetry.space_group_name_H-M             'P 21 21 2' 
_symmetry.pdbx_full_space_group_name_H-M   ? 
# 
loop_
_entity.id 
_entity.type 
_entity.src_method 
_entity.pdbx_description 
_entity.formula_weight 
_entity.pdbx_number_of_molecules 
_entity.pdbx_ec 
_entity.pdbx_mutation 
_entity.pdbx_fragment 
_entity.details 
1 polymer     man 'Butyrophilin subfamily 3 member A1'                           22661.773 1   ? ? 'UNP RESIDUES 328-513' ? 
2 non-polymer syn '(2E)-4-hydroxy-3-methylbut-2-en-1-yl trihydrogen diphosphate' 262.092   1   ? ? ?                      ? 
3 water       nat water                                                          18.015    124 ? ? ?                      ? 
# 
_entity_poly.entity_id                      1 
_entity_poly.type                           'polypeptide(L)' 
_entity_poly.nstd_linkage                   no 
_entity_poly.nstd_monomer                   no 
_entity_poly.pdbx_seq_one_letter_code       
;MGAYNEWKKALFKPADVILDPKTANPILLVSEDQRSVQRAKEPQDLPDNPERFNWHYCVLGCESFISGRHYWEVEVGDRK
EWHIGVCSKNVQRKGWVKMTPENGFWTMGLTDGNKYRTLTEPRTNLKLPKPPKKVGVFLDYETGDISFYNAVDGSHIHTF
LDVSFSEALYPVFRILTLEPTALTICPALEHHHHHH
;
_entity_poly.pdbx_seq_one_letter_code_can   
;MGAYNEWKKALFKPADVILDPKTANPILLVSEDQRSVQRAKEPQDLPDNPERFNWHYCVLGCESFISGRHYWEVEVGDRK
EWHIGVCSKNVQRKGWVKMTPENGFWTMGLTDGNKYRTLTEPRTNLKLPKPPKKVGVFLDYETGDISFYNAVDGSHIHTF
LDVSFSEALYPVFRILTLEPTALTICPALEHHHHHH
;
_entity_poly.pdbx_strand_id                 A 
_entity_poly.pdbx_target_identifier         ? 
# 
loop_
_entity_poly_seq.entity_id 
_entity_poly_seq.num 
_entity_poly_seq.mon_id 
_entity_poly_seq.hetero 
1 1   MET n 
1 2   GLY n 
1 3   ALA n 
1 4   TYR n 
1 5   ASN n 
1 6   GLU n 
1 7   TRP n 
1 8   LYS n 
1 9   LYS n 
1 10  ALA n 
1 11  LEU n 
1 12  PHE n 
1 13  LYS n 
1 14  PRO n 
1 15  ALA n 
1 16  ASP n 
1 17  VAL n 
1 18  ILE n 
1 19  LEU n 
1 20  ASP n 
1 21  PRO n 
1 22  LYS n 
1 23  THR n 
1 24  ALA n 
1 25  ASN n 
1 26  PRO n 
1 27  ILE n 
1 28  LEU n 
1 29  LEU n 
1 30  VAL n 
1 31  SER n 
1 32  GLU n 
1 33  ASP n 
1 34  GLN n 
1 35  ARG n 
1 36  SER n 
1 37  VAL n 
1 38  GLN n 
1 39  ARG n 
1 40  ALA n 
1 41  LYS n 
1 42  GLU n 
1 43  PRO n 
1 44  GLN n 
1 45  ASP n 
1 46  LEU n 
1 47  PRO n 
1 48  ASP n 
1 49  ASN n 
1 50  PRO n 
1 51  GLU n 
1 52  ARG n 
1 53  PHE n 
1 54  ASN n 
1 55  TRP n 
1 56  HIS n 
1 57  TYR n 
1 58  CYS n 
1 59  VAL n 
1 60  LEU n 
1 61  GLY n 
1 62  CYS n 
1 63  GLU n 
1 64  SER n 
1 65  PHE n 
1 66  ILE n 
1 67  SER n 
1 68  GLY n 
1 69  ARG n 
1 70  HIS n 
1 71  TYR n 
1 72  TRP n 
1 73  GLU n 
1 74  VAL n 
1 75  GLU n 
1 76  VAL n 
1 77  GLY n 
1 78  ASP n 
1 79  ARG n 
1 80  LYS n 
1 81  GLU n 
1 82  TRP n 
1 83  HIS n 
1 84  ILE n 
1 85  GLY n 
1 86  VAL n 
1 87  CYS n 
1 88  SER n 
1 89  LYS n 
1 90  ASN n 
1 91  VAL n 
1 92  GLN n 
1 93  ARG n 
1 94  LYS n 
1 95  GLY n 
1 96  TRP n 
1 97  VAL n 
1 98  LYS n 
1 99  MET n 
1 100 THR n 
1 101 PRO n 
1 102 GLU n 
1 103 ASN n 
1 104 GLY n 
1 105 PHE n 
1 106 TRP n 
1 107 THR n 
1 108 MET n 
1 109 GLY n 
1 110 LEU n 
1 111 THR n 
1 112 ASP n 
1 113 GLY n 
1 114 ASN n 
1 115 LYS n 
1 116 TYR n 
1 117 ARG n 
1 118 THR n 
1 119 LEU n 
1 120 THR n 
1 121 GLU n 
1 122 PRO n 
1 123 ARG n 
1 124 THR n 
1 125 ASN n 
1 126 LEU n 
1 127 LYS n 
1 128 LEU n 
1 129 PRO n 
1 130 LYS n 
1 131 PRO n 
1 132 PRO n 
1 133 LYS n 
1 134 LYS n 
1 135 VAL n 
1 136 GLY n 
1 137 VAL n 
1 138 PHE n 
1 139 LEU n 
1 140 ASP n 
1 141 TYR n 
1 142 GLU n 
1 143 THR n 
1 144 GLY n 
1 145 ASP n 
1 146 ILE n 
1 147 SER n 
1 148 PHE n 
1 149 TYR n 
1 150 ASN n 
1 151 ALA n 
1 152 VAL n 
1 153 ASP n 
1 154 GLY n 
1 155 SER n 
1 156 HIS n 
1 157 ILE n 
1 158 HIS n 
1 159 THR n 
1 160 PHE n 
1 161 LEU n 
1 162 ASP n 
1 163 VAL n 
1 164 SER n 
1 165 PHE n 
1 166 SER n 
1 167 GLU n 
1 168 ALA n 
1 169 LEU n 
1 170 TYR n 
1 171 PRO n 
1 172 VAL n 
1 173 PHE n 
1 174 ARG n 
1 175 ILE n 
1 176 LEU n 
1 177 THR n 
1 178 LEU n 
1 179 GLU n 
1 180 PRO n 
1 181 THR n 
1 182 ALA n 
1 183 LEU n 
1 184 THR n 
1 185 ILE n 
1 186 CYS n 
1 187 PRO n 
1 188 ALA n 
1 189 LEU n 
1 190 GLU n 
1 191 HIS n 
1 192 HIS n 
1 193 HIS n 
1 194 HIS n 
1 195 HIS n 
1 196 HIS n 
# 
_entity_src_gen.entity_id                          1 
_entity_src_gen.pdbx_src_id                        1 
_entity_src_gen.pdbx_alt_source_flag               sample 
_entity_src_gen.pdbx_seq_type                      'Biological sequence' 
_entity_src_gen.pdbx_beg_seq_num                   1 
_entity_src_gen.pdbx_end_seq_num                   196 
_entity_src_gen.gene_src_common_name               Human 
_entity_src_gen.gene_src_genus                     ? 
_entity_src_gen.pdbx_gene_src_gene                 'BTN3A1, BTF5' 
_entity_src_gen.gene_src_species                   ? 
_entity_src_gen.gene_src_strain                    ? 
_entity_src_gen.gene_src_tissue                    ? 
_entity_src_gen.gene_src_tissue_fraction           ? 
_entity_src_gen.gene_src_details                   ? 
_entity_src_gen.pdbx_gene_src_fragment             ? 
_entity_src_gen.pdbx_gene_src_scientific_name      'Homo sapiens' 
_entity_src_gen.pdbx_gene_src_ncbi_taxonomy_id     9606 
_entity_src_gen.pdbx_gene_src_variant              ? 
_entity_src_gen.pdbx_gene_src_cell_line            ? 
_entity_src_gen.pdbx_gene_src_atcc                 ? 
_entity_src_gen.pdbx_gene_src_organ                ? 
_entity_src_gen.pdbx_gene_src_organelle            ? 
_entity_src_gen.pdbx_gene_src_cell                 ? 
_entity_src_gen.pdbx_gene_src_cellular_location    ? 
_entity_src_gen.host_org_common_name               ? 
_entity_src_gen.pdbx_host_org_scientific_name      'Escherichia coli' 
_entity_src_gen.pdbx_host_org_ncbi_taxonomy_id     562 
_entity_src_gen.host_org_genus                     ? 
_entity_src_gen.pdbx_host_org_gene                 ? 
_entity_src_gen.pdbx_host_org_organ                ? 
_entity_src_gen.host_org_species                   ? 
_entity_src_gen.pdbx_host_org_tissue               ? 
_entity_src_gen.pdbx_host_org_tissue_fraction      ? 
_entity_src_gen.pdbx_host_org_strain               ? 
_entity_src_gen.pdbx_host_org_variant              ? 
_entity_src_gen.pdbx_host_org_cell_line            ? 
_entity_src_gen.pdbx_host_org_atcc                 ? 
_entity_src_gen.pdbx_host_org_culture_collection   ? 
_entity_src_gen.pdbx_host_org_cell                 ? 
_entity_src_gen.pdbx_host_org_organelle            ? 
_entity_src_gen.pdbx_host_org_cellular_location    ? 
_entity_src_gen.pdbx_host_org_vector_type          ? 
_entity_src_gen.pdbx_host_org_vector               ? 
_entity_src_gen.host_org_details                   ? 
_entity_src_gen.expression_system_id               ? 
_entity_src_gen.plasmid_name                       ? 
_entity_src_gen.plasmid_details                    ? 
_entity_src_gen.pdbx_description                   ? 
# 
_struct_ref.id                         1 
_struct_ref.db_name                    UNP 
_struct_ref.db_code                    BT3A1_HUMAN 
_struct_ref.pdbx_db_accession          O00481 
_struct_ref.pdbx_db_isoform            ? 
_struct_ref.entity_id                  1 
_struct_ref.pdbx_seq_one_letter_code   
;AYNEWKKALFKPADVILDPKTANPILLVSEDQRSVQRAKEPQDLPDNPERFNWHYCVLGCESFISGRHYWEVEVGDRKEW
HIGVCSKNVQRKGWVKMTPENGFWTMGLTDGNKYRTLTEPRTNLKLPKPPKKVGVFLDYETGDISFYNAVDGSHIHTFLD
VSFSEALYPVFRILTLEPTALTICPA
;
_struct_ref.pdbx_align_begin           328 
# 
_struct_ref_seq.align_id                      1 
_struct_ref_seq.ref_id                        1 
_struct_ref_seq.pdbx_PDB_id_code              5ZXK 
_struct_ref_seq.pdbx_strand_id                A 
_struct_ref_seq.seq_align_beg                 3 
_struct_ref_seq.pdbx_seq_align_beg_ins_code   ? 
_struct_ref_seq.seq_align_end                 188 
_struct_ref_seq.pdbx_seq_align_end_ins_code   ? 
_struct_ref_seq.pdbx_db_accession             O00481 
_struct_ref_seq.db_align_beg                  328 
_struct_ref_seq.pdbx_db_align_beg_ins_code    ? 
_struct_ref_seq.db_align_end                  513 
_struct_ref_seq.pdbx_db_align_end_ins_code    ? 
_struct_ref_seq.pdbx_auth_seq_align_beg       298 
_struct_ref_seq.pdbx_auth_seq_align_end       483 
# 
loop_
_struct_ref_seq_dif.align_id 
_struct_ref_seq_dif.pdbx_pdb_id_code 
_struct_ref_seq_dif.mon_id 
_struct_ref_seq_dif.pdbx_pdb_strand_id 
_struct_ref_seq_dif.seq_num 
_struct_ref_seq_dif.pdbx_pdb_ins_code 
_struct_ref_seq_dif.pdbx_seq_db_name 
_struct_ref_seq_dif.pdbx_seq_db_accession_code 
_struct_ref_seq_dif.db_mon_id 
_struct_ref_seq_dif.pdbx_seq_db_seq_num 
_struct_ref_seq_dif.details 
_struct_ref_seq_dif.pdbx_auth_seq_num 
_struct_ref_seq_dif.pdbx_ordinal 
1 5ZXK MET A 1   ? UNP O00481 ? ? 'expression tag' 296 1  
1 5ZXK GLY A 2   ? UNP O00481 ? ? 'expression tag' 297 2  
1 5ZXK LEU A 189 ? UNP O00481 ? ? 'expression tag' 484 3  
1 5ZXK GLU A 190 ? UNP O00481 ? ? 'expression tag' 485 4  
1 5ZXK HIS A 191 ? UNP O00481 ? ? 'expression tag' 486 5  
1 5ZXK HIS A 192 ? UNP O00481 ? ? 'expression tag' 487 6  
1 5ZXK HIS A 193 ? UNP O00481 ? ? 'expression tag' 488 7  
1 5ZXK HIS A 194 ? UNP O00481 ? ? 'expression tag' 489 8  
1 5ZXK HIS A 195 ? UNP O00481 ? ? 'expression tag' 490 9  
1 5ZXK HIS A 196 ? UNP O00481 ? ? 'expression tag' 491 10 
# 
loop_
_chem_comp.id 
_chem_comp.type 
_chem_comp.mon_nstd_flag 
_chem_comp.name 
_chem_comp.pdbx_synonyms 
_chem_comp.formula 
_chem_comp.formula_weight 
ALA 'L-peptide linking' y ALANINE                                                        ? 'C3 H7 N O2'     89.093  
ARG 'L-peptide linking' y ARGININE                                                       ? 'C6 H15 N4 O2 1' 175.209 
ASN 'L-peptide linking' y ASPARAGINE                                                     ? 'C4 H8 N2 O3'    132.118 
ASP 'L-peptide linking' y 'ASPARTIC ACID'                                                ? 'C4 H7 N O4'     133.103 
CYS 'L-peptide linking' y CYSTEINE                                                       ? 'C3 H7 N O2 S'   121.158 
GLN 'L-peptide linking' y GLUTAMINE                                                      ? 'C5 H10 N2 O3'   146.144 
GLU 'L-peptide linking' y 'GLUTAMIC ACID'                                                ? 'C5 H9 N O4'     147.129 
GLY 'peptide linking'   y GLYCINE                                                        ? 'C2 H5 N O2'     75.067  
H6P non-polymer         . '(2E)-4-hydroxy-3-methylbut-2-en-1-yl trihydrogen diphosphate' ? 'C5 H12 O8 P2'   262.092 
HIS 'L-peptide linking' y HISTIDINE                                                      ? 'C6 H10 N3 O2 1' 156.162 
HOH non-polymer         . WATER                                                          ? 'H2 O'           18.015  
ILE 'L-peptide linking' y ISOLEUCINE                                                     ? 'C6 H13 N O2'    131.173 
LEU 'L-peptide linking' y LEUCINE                                                        ? 'C6 H13 N O2'    131.173 
LYS 'L-peptide linking' y LYSINE                                                         ? 'C6 H15 N2 O2 1' 147.195 
MET 'L-peptide linking' y METHIONINE                                                     ? 'C5 H11 N O2 S'  149.211 
PHE 'L-peptide linking' y PHENYLALANINE                                                  ? 'C9 H11 N O2'    165.189 
PRO 'L-peptide linking' y PROLINE                                                        ? 'C5 H9 N O2'     115.130 
SER 'L-peptide linking' y SERINE                                                         ? 'C3 H7 N O3'     105.093 
THR 'L-peptide linking' y THREONINE                                                      ? 'C4 H9 N O3'     119.119 
TRP 'L-peptide linking' y TRYPTOPHAN                                                     ? 'C11 H12 N2 O2'  204.225 
TYR 'L-peptide linking' y TYROSINE                                                       ? 'C9 H11 N O3'    181.189 
VAL 'L-peptide linking' y VALINE                                                         ? 'C5 H11 N O2'    117.146 
# 
_exptl.absorpt_coefficient_mu     ? 
_exptl.absorpt_correction_T_max   ? 
_exptl.absorpt_correction_T_min   ? 
_exptl.absorpt_correction_type    ? 
_exptl.absorpt_process_details    ? 
_exptl.entry_id                   5ZXK 
_exptl.crystals_number            1 
_exptl.details                    ? 
_exptl.method                     'X-RAY DIFFRACTION' 
_exptl.method_details             ? 
# 
_exptl_crystal.colour                      ? 
_exptl_crystal.density_diffrn              ? 
_exptl_crystal.density_Matthews            2.44 
_exptl_crystal.density_method              ? 
_exptl_crystal.density_percent_sol         49.65 
_exptl_crystal.description                 ? 
_exptl_crystal.F_000                       ? 
_exptl_crystal.id                          1 
_exptl_crystal.preparation                 ? 
_exptl_crystal.size_max                    ? 
_exptl_crystal.size_mid                    ? 
_exptl_crystal.size_min                    ? 
_exptl_crystal.size_rad                    ? 
_exptl_crystal.colour_lustre               ? 
_exptl_crystal.colour_modifier             ? 
_exptl_crystal.colour_primary              ? 
_exptl_crystal.density_meas                ? 
_exptl_crystal.density_meas_esd            ? 
_exptl_crystal.density_meas_gt             ? 
_exptl_crystal.density_meas_lt             ? 
_exptl_crystal.density_meas_temp           ? 
_exptl_crystal.density_meas_temp_esd       ? 
_exptl_crystal.density_meas_temp_gt        ? 
_exptl_crystal.density_meas_temp_lt        ? 
_exptl_crystal.pdbx_crystal_image_url      ? 
_exptl_crystal.pdbx_crystal_image_format   ? 
_exptl_crystal.pdbx_mosaicity              ? 
_exptl_crystal.pdbx_mosaicity_esd          ? 
# 
_exptl_crystal_grow.apparatus       ? 
_exptl_crystal_grow.atmosphere      ? 
_exptl_crystal_grow.crystal_id      1 
_exptl_crystal_grow.details         ? 
_exptl_crystal_grow.method          'VAPOR DIFFUSION, SITTING DROP' 
_exptl_crystal_grow.method_ref      ? 
_exptl_crystal_grow.pH              ? 
_exptl_crystal_grow.pressure        ? 
_exptl_crystal_grow.pressure_esd    ? 
_exptl_crystal_grow.seeding         ? 
_exptl_crystal_grow.seeding_ref     ? 
_exptl_crystal_grow.temp            289 
_exptl_crystal_grow.temp_details    ? 
_exptl_crystal_grow.temp_esd        ? 
_exptl_crystal_grow.time            ? 
_exptl_crystal_grow.pdbx_details    
;CALCIUM ACETATE HYDRATE, PEG8000,
 SODIUM CACODYLATE
;
_exptl_crystal_grow.pdbx_pH_range   ? 
# 
_diffrn.ambient_environment    ? 
_diffrn.ambient_temp           100 
_diffrn.ambient_temp_details   ? 
_diffrn.ambient_temp_esd       ? 
_diffrn.crystal_id             1 
_diffrn.crystal_support        ? 
_diffrn.crystal_treatment      ? 
_diffrn.details                ? 
_diffrn.id                     1 
_diffrn.ambient_pressure       ? 
_diffrn.ambient_pressure_esd   ? 
_diffrn.ambient_pressure_gt    ? 
_diffrn.ambient_pressure_lt    ? 
_diffrn.ambient_temp_gt        ? 
_diffrn.ambient_temp_lt        ? 
# 
_diffrn_detector.details                      ? 
_diffrn_detector.detector                     CCD 
_diffrn_detector.diffrn_id                    1 
_diffrn_detector.type                         'ADSC QUANTUM 315r' 
_diffrn_detector.area_resol_mean              ? 
_diffrn_detector.dtime                        ? 
_diffrn_detector.pdbx_frames_total            ? 
_diffrn_detector.pdbx_collection_time_total   ? 
_diffrn_detector.pdbx_collection_date         2016-08-10 
# 
_diffrn_radiation.collimation                      ? 
_diffrn_radiation.diffrn_id                        1 
_diffrn_radiation.filter_edge                      ? 
_diffrn_radiation.inhomogeneity                    ? 
_diffrn_radiation.monochromator                    ? 
_diffrn_radiation.polarisn_norm                    ? 
_diffrn_radiation.polarisn_ratio                   ? 
_diffrn_radiation.probe                            ? 
_diffrn_radiation.type                             ? 
_diffrn_radiation.xray_symbol                      ? 
_diffrn_radiation.wavelength_id                    1 
_diffrn_radiation.pdbx_monochromatic_or_laue_m_l   M 
_diffrn_radiation.pdbx_wavelength_list             ? 
_diffrn_radiation.pdbx_wavelength                  ? 
_diffrn_radiation.pdbx_diffrn_protocol             'SINGLE WAVELENGTH' 
_diffrn_radiation.pdbx_analyzer                    ? 
_diffrn_radiation.pdbx_scattering_type             x-ray 
# 
_diffrn_radiation_wavelength.id           1 
_diffrn_radiation_wavelength.wavelength   1 
_diffrn_radiation_wavelength.wt           1.0 
# 
_diffrn_source.current                     ? 
_diffrn_source.details                     ? 
_diffrn_source.diffrn_id                   1 
_diffrn_source.power                       ? 
_diffrn_source.size                        ? 
_diffrn_source.source                      SYNCHROTRON 
_diffrn_source.target                      ? 
_diffrn_source.type                        'NSRRC BEAMLINE BL13C1' 
_diffrn_source.voltage                     ? 
_diffrn_source.take-off_angle              ? 
_diffrn_source.pdbx_wavelength_list        1 
_diffrn_source.pdbx_wavelength             ? 
_diffrn_source.pdbx_synchrotron_beamline   BL13C1 
_diffrn_source.pdbx_synchrotron_site       NSRRC 
# 
_reflns.B_iso_Wilson_estimate            ? 
_reflns.entry_id                         5ZXK 
_reflns.data_reduction_details           ? 
_reflns.data_reduction_method            ? 
_reflns.d_resolution_high                1.960 
_reflns.d_resolution_low                 25.000 
_reflns.details                          ? 
_reflns.limit_h_max                      ? 
_reflns.limit_h_min                      ? 
_reflns.limit_k_max                      ? 
_reflns.limit_k_min                      ? 
_reflns.limit_l_max                      ? 
_reflns.limit_l_min                      ? 
_reflns.number_all                       ? 
_reflns.number_obs                       16009 
_reflns.observed_criterion               ? 
_reflns.observed_criterion_F_max         ? 
_reflns.observed_criterion_F_min         ? 
_reflns.observed_criterion_I_max         ? 
_reflns.observed_criterion_I_min         ? 
_reflns.observed_criterion_sigma_F       ? 
_reflns.observed_criterion_sigma_I       ? 
_reflns.percent_possible_obs             96.9 
_reflns.R_free_details                   ? 
_reflns.Rmerge_F_all                     ? 
_reflns.Rmerge_F_obs                     ? 
_reflns.Friedel_coverage                 ? 
_reflns.number_gt                        ? 
_reflns.threshold_expression             ? 
_reflns.pdbx_redundancy                  3.300 
_reflns.pdbx_Rmerge_I_obs                0.08400 
_reflns.pdbx_Rmerge_I_all                ? 
_reflns.pdbx_Rsym_value                  ? 
_reflns.pdbx_netI_over_av_sigmaI         ? 
_reflns.pdbx_netI_over_sigmaI            17.9900 
_reflns.pdbx_res_netI_over_av_sigmaI_2   ? 
_reflns.pdbx_res_netI_over_sigmaI_2      ? 
_reflns.pdbx_chi_squared                 ? 
_reflns.pdbx_scaling_rejects             ? 
_reflns.pdbx_d_res_high_opt              ? 
_reflns.pdbx_d_res_low_opt               ? 
_reflns.pdbx_d_res_opt_method            ? 
_reflns.phase_calculation_details        ? 
_reflns.pdbx_Rrim_I_all                  ? 
_reflns.pdbx_Rpim_I_all                  ? 
_reflns.pdbx_d_opt                       ? 
_reflns.pdbx_number_measured_all         ? 
_reflns.pdbx_diffrn_id                   1 
_reflns.pdbx_ordinal                     1 
_reflns.pdbx_CC_half                     ? 
_reflns.pdbx_R_split                     ? 
# 
_reflns_shell.d_res_high                  1.96 
_reflns_shell.d_res_low                   2.08 
_reflns_shell.meanI_over_sigI_all         ? 
_reflns_shell.meanI_over_sigI_obs         ? 
_reflns_shell.number_measured_all         ? 
_reflns_shell.number_measured_obs         ? 
_reflns_shell.number_possible             ? 
_reflns_shell.number_unique_all           ? 
_reflns_shell.number_unique_obs           ? 
_reflns_shell.percent_possible_all        96.6 
_reflns_shell.percent_possible_obs        ? 
_reflns_shell.Rmerge_F_all                ? 
_reflns_shell.Rmerge_F_obs                ? 
_reflns_shell.Rmerge_I_all                ? 
_reflns_shell.Rmerge_I_obs                0.40900 
_reflns_shell.meanI_over_sigI_gt          ? 
_reflns_shell.meanI_over_uI_all           ? 
_reflns_shell.meanI_over_uI_gt            ? 
_reflns_shell.number_measured_gt          ? 
_reflns_shell.number_unique_gt            ? 
_reflns_shell.percent_possible_gt         ? 
_reflns_shell.Rmerge_F_gt                 ? 
_reflns_shell.Rmerge_I_gt                 ? 
_reflns_shell.pdbx_redundancy             3.40 
_reflns_shell.pdbx_Rsym_value             ? 
_reflns_shell.pdbx_chi_squared            ? 
_reflns_shell.pdbx_netI_over_sigmaI_all   ? 
_reflns_shell.pdbx_netI_over_sigmaI_obs   ? 
_reflns_shell.pdbx_Rrim_I_all             ? 
_reflns_shell.pdbx_Rpim_I_all             ? 
_reflns_shell.pdbx_rejects                ? 
_reflns_shell.pdbx_ordinal                1 
_reflns_shell.pdbx_diffrn_id              1 
_reflns_shell.pdbx_CC_half                ? 
_reflns_shell.pdbx_R_split                ? 
# 
_refine.aniso_B[1][1]                            0.00000 
_refine.aniso_B[1][2]                            0.00000 
_refine.aniso_B[1][3]                            0.00000 
_refine.aniso_B[2][2]                            -0.08000 
_refine.aniso_B[2][3]                            0.00000 
_refine.aniso_B[3][3]                            0.07000 
_refine.B_iso_max                                ? 
_refine.B_iso_mean                               22.02 
_refine.B_iso_min                                ? 
_refine.correlation_coeff_Fo_to_Fc               0.931 
_refine.correlation_coeff_Fo_to_Fc_free          0.896 
_refine.details                                  
;HYDROGENS HAVE BEEN ADDED IN THE RIDING
 POSITIONS
;
_refine.diff_density_max                         ? 
_refine.diff_density_max_esd                     ? 
_refine.diff_density_min                         ? 
_refine.diff_density_min_esd                     ? 
_refine.diff_density_rms                         ? 
_refine.diff_density_rms_esd                     ? 
_refine.entry_id                                 5ZXK 
_refine.pdbx_refine_id                           'X-RAY DIFFRACTION' 
_refine.ls_abs_structure_details                 ? 
_refine.ls_abs_structure_Flack                   ? 
_refine.ls_abs_structure_Flack_esd               ? 
_refine.ls_abs_structure_Rogers                  ? 
_refine.ls_abs_structure_Rogers_esd              ? 
_refine.ls_d_res_high                            1.96 
_refine.ls_d_res_low                             25.00 
_refine.ls_extinction_coef                       ? 
_refine.ls_extinction_coef_esd                   ? 
_refine.ls_extinction_expression                 ? 
_refine.ls_extinction_method                     ? 
_refine.ls_goodness_of_fit_all                   ? 
_refine.ls_goodness_of_fit_all_esd               ? 
_refine.ls_goodness_of_fit_obs                   ? 
_refine.ls_goodness_of_fit_obs_esd               ? 
_refine.ls_hydrogen_treatment                    ? 
_refine.ls_matrix_type                           ? 
_refine.ls_number_constraints                    ? 
_refine.ls_number_parameters                     ? 
_refine.ls_number_reflns_all                     ? 
_refine.ls_number_reflns_obs                     15176 
_refine.ls_number_reflns_R_free                  797 
_refine.ls_number_reflns_R_work                  ? 
_refine.ls_number_restraints                     ? 
_refine.ls_percent_reflns_obs                    96.2 
_refine.ls_percent_reflns_R_free                 5.000 
_refine.ls_R_factor_all                          ? 
_refine.ls_R_factor_obs                          0.209 
_refine.ls_R_factor_R_free                       0.265 
_refine.ls_R_factor_R_free_error                 ? 
_refine.ls_R_factor_R_free_error_details         ? 
_refine.ls_R_factor_R_work                       0.206 
_refine.ls_R_Fsqd_factor_obs                     ? 
_refine.ls_R_I_factor_obs                        ? 
_refine.ls_redundancy_reflns_all                 ? 
_refine.ls_redundancy_reflns_obs                 ? 
_refine.ls_restrained_S_all                      ? 
_refine.ls_restrained_S_obs                      ? 
_refine.ls_shift_over_esd_max                    ? 
_refine.ls_shift_over_esd_mean                   ? 
_refine.ls_structure_factor_coef                 ? 
_refine.ls_weighting_details                     ? 
_refine.ls_weighting_scheme                      ? 
_refine.ls_wR_factor_all                         ? 
_refine.ls_wR_factor_obs                         ? 
_refine.ls_wR_factor_R_free                      ? 
_refine.ls_wR_factor_R_work                      ? 
_refine.occupancy_max                            ? 
_refine.occupancy_min                            ? 
_refine.solvent_model_details                    ? 
_refine.solvent_model_param_bsol                 ? 
_refine.solvent_model_param_ksol                 ? 
_refine.ls_R_factor_gt                           ? 
_refine.ls_goodness_of_fit_gt                    ? 
_refine.ls_goodness_of_fit_ref                   ? 
_refine.ls_shift_over_su_max                     ? 
_refine.ls_shift_over_su_max_lt                  ? 
_refine.ls_shift_over_su_mean                    ? 
_refine.ls_shift_over_su_mean_lt                 ? 
_refine.pdbx_ls_sigma_I                          ? 
_refine.pdbx_ls_sigma_F                          ? 
_refine.pdbx_ls_sigma_Fsqd                       ? 
_refine.pdbx_data_cutoff_high_absF               ? 
_refine.pdbx_data_cutoff_high_rms_absF           ? 
_refine.pdbx_data_cutoff_low_absF                ? 
_refine.pdbx_isotropic_thermal_model             ? 
_refine.pdbx_ls_cross_valid_method               THROUGHOUT 
_refine.pdbx_method_to_determine_struct          'MOLECULAR REPLACEMENT' 
_refine.pdbx_starting_model                      4N7U 
_refine.pdbx_stereochemistry_target_values       ? 
_refine.pdbx_R_Free_selection_details            RANDOM 
_refine.pdbx_stereochem_target_val_spec_case     ? 
_refine.pdbx_overall_ESU_R                       0.185 
_refine.pdbx_overall_ESU_R_Free                  0.178 
_refine.pdbx_solvent_vdw_probe_radii             1.20 
_refine.pdbx_solvent_ion_probe_radii             0.80 
_refine.pdbx_solvent_shrinkage_radii             0.80 
_refine.pdbx_real_space_R                        ? 
_refine.pdbx_density_correlation                 ? 
_refine.pdbx_pd_number_of_powder_patterns        ? 
_refine.pdbx_pd_number_of_points                 ? 
_refine.pdbx_pd_meas_number_of_points            ? 
_refine.pdbx_pd_proc_ls_prof_R_factor            ? 
_refine.pdbx_pd_proc_ls_prof_wR_factor           ? 
_refine.pdbx_pd_Marquardt_correlation_coeff      ? 
_refine.pdbx_pd_Fsqrd_R_factor                   ? 
_refine.pdbx_pd_ls_matrix_band_width             ? 
_refine.pdbx_overall_phase_error                 ? 
_refine.pdbx_overall_SU_R_free_Cruickshank_DPI   ? 
_refine.pdbx_overall_SU_R_free_Blow_DPI          ? 
_refine.pdbx_overall_SU_R_Blow_DPI               ? 
_refine.pdbx_TLS_residual_ADP_flag               ? 
_refine.pdbx_diffrn_id                           1 
_refine.overall_SU_B                             4.351 
_refine.overall_SU_ML                            0.122 
_refine.overall_SU_R_Cruickshank_DPI             ? 
_refine.overall_SU_R_free                        ? 
_refine.overall_FOM_free_R_set                   ? 
_refine.overall_FOM_work_R_set                   ? 
_refine.pdbx_average_fsc_overall                 ? 
_refine.pdbx_average_fsc_work                    ? 
_refine.pdbx_average_fsc_free                    ? 
# 
_refine_hist.pdbx_refine_id                   'X-RAY DIFFRACTION' 
_refine_hist.cycle_id                         LAST 
_refine_hist.pdbx_number_atoms_protein        1507 
_refine_hist.pdbx_number_atoms_nucleic_acid   0 
_refine_hist.pdbx_number_atoms_ligand         15 
_refine_hist.number_atoms_solvent             124 
_refine_hist.number_atoms_total               1646 
_refine_hist.d_res_high                       1.96 
_refine_hist.d_res_low                        25.00 
# 
loop_
_refine_ls_restr.pdbx_refine_id 
_refine_ls_restr.criterion 
_refine_ls_restr.dev_ideal 
_refine_ls_restr.dev_ideal_target 
_refine_ls_restr.number 
_refine_ls_restr.rejects 
_refine_ls_restr.type 
_refine_ls_restr.weight 
_refine_ls_restr.pdbx_restraint_function 
'X-RAY DIFFRACTION' ? 0.019  0.019  1591 ? r_bond_refined_d             ? ? 
'X-RAY DIFFRACTION' ? 0.002  0.020  1473 ? r_bond_other_d               ? ? 
'X-RAY DIFFRACTION' ? 1.972  1.951  2172 ? r_angle_refined_deg          ? ? 
'X-RAY DIFFRACTION' ? 1.019  2.993  3413 ? r_angle_other_deg            ? ? 
'X-RAY DIFFRACTION' ? 7.565  5.000  193  ? r_dihedral_angle_1_deg       ? ? 
'X-RAY DIFFRACTION' ? 32.676 23.919 74   ? r_dihedral_angle_2_deg       ? ? 
'X-RAY DIFFRACTION' ? 15.958 15.000 261  ? r_dihedral_angle_3_deg       ? ? 
'X-RAY DIFFRACTION' ? 19.338 15.000 9    ? r_dihedral_angle_4_deg       ? ? 
'X-RAY DIFFRACTION' ? 0.107  0.200  230  ? r_chiral_restr               ? ? 
'X-RAY DIFFRACTION' ? 0.011  0.021  1777 ? r_gen_planes_refined         ? ? 
'X-RAY DIFFRACTION' ? 0.002  0.020  366  ? r_gen_planes_other           ? ? 
'X-RAY DIFFRACTION' ? ?      ?      ?    ? r_nbd_refined                ? ? 
'X-RAY DIFFRACTION' ? ?      ?      ?    ? r_nbd_other                  ? ? 
'X-RAY DIFFRACTION' ? ?      ?      ?    ? r_nbtor_refined              ? ? 
'X-RAY DIFFRACTION' ? ?      ?      ?    ? r_nbtor_other                ? ? 
'X-RAY DIFFRACTION' ? ?      ?      ?    ? r_xyhbond_nbd_refined        ? ? 
'X-RAY DIFFRACTION' ? ?      ?      ?    ? r_xyhbond_nbd_other          ? ? 
'X-RAY DIFFRACTION' ? ?      ?      ?    ? r_metal_ion_refined          ? ? 
'X-RAY DIFFRACTION' ? ?      ?      ?    ? r_metal_ion_other            ? ? 
'X-RAY DIFFRACTION' ? ?      ?      ?    ? r_symmetry_vdw_refined       ? ? 
'X-RAY DIFFRACTION' ? ?      ?      ?    ? r_symmetry_vdw_other         ? ? 
'X-RAY DIFFRACTION' ? ?      ?      ?    ? r_symmetry_hbond_refined     ? ? 
'X-RAY DIFFRACTION' ? ?      ?      ?    ? r_symmetry_hbond_other       ? ? 
'X-RAY DIFFRACTION' ? ?      ?      ?    ? r_symmetry_metal_ion_refined ? ? 
'X-RAY DIFFRACTION' ? ?      ?      ?    ? r_symmetry_metal_ion_other   ? ? 
'X-RAY DIFFRACTION' ? 1.800  1.991  754  ? r_mcbond_it                  ? ? 
'X-RAY DIFFRACTION' ? 1.794  1.990  753  ? r_mcbond_other               ? ? 
'X-RAY DIFFRACTION' ? 2.615  2.975  944  ? r_mcangle_it                 ? ? 
'X-RAY DIFFRACTION' ? 2.616  2.977  945  ? r_mcangle_other              ? ? 
'X-RAY DIFFRACTION' ? 2.537  2.278  837  ? r_scbond_it                  ? ? 
'X-RAY DIFFRACTION' ? 2.527  2.273  830  ? r_scbond_other               ? ? 
'X-RAY DIFFRACTION' ? ?      ?      ?    ? r_scangle_it                 ? ? 
'X-RAY DIFFRACTION' ? 3.939  3.309  1226 ? r_scangle_other              ? ? 
'X-RAY DIFFRACTION' ? 5.166  16.576 1863 ? r_long_range_B_refined       ? ? 
'X-RAY DIFFRACTION' ? 5.065  16.428 1829 ? r_long_range_B_other         ? ? 
'X-RAY DIFFRACTION' ? ?      ?      ?    ? r_rigid_bond_restr           ? ? 
'X-RAY DIFFRACTION' ? ?      ?      ?    ? r_sphericity_free            ? ? 
'X-RAY DIFFRACTION' ? ?      ?      ?    ? r_sphericity_bonded          ? ? 
# 
_refine_ls_shell.pdbx_refine_id                   'X-RAY DIFFRACTION' 
_refine_ls_shell.d_res_high                       1.96 
_refine_ls_shell.d_res_low                        2.01 
_refine_ls_shell.number_reflns_all                ? 
_refine_ls_shell.number_reflns_obs                ? 
_refine_ls_shell.number_reflns_R_free             43 
_refine_ls_shell.number_reflns_R_work             982 
_refine_ls_shell.percent_reflns_obs               87.83 
_refine_ls_shell.percent_reflns_R_free            ? 
_refine_ls_shell.R_factor_all                     ? 
_refine_ls_shell.R_factor_obs                     ? 
_refine_ls_shell.R_factor_R_free                  0.2630 
_refine_ls_shell.R_factor_R_free_error            ? 
_refine_ls_shell.R_factor_R_work                  0.2370 
_refine_ls_shell.redundancy_reflns_all            ? 
_refine_ls_shell.redundancy_reflns_obs            ? 
_refine_ls_shell.wR_factor_all                    ? 
_refine_ls_shell.wR_factor_obs                    ? 
_refine_ls_shell.wR_factor_R_free                 ? 
_refine_ls_shell.wR_factor_R_work                 ? 
_refine_ls_shell.pdbx_total_number_of_bins_used   20 
_refine_ls_shell.pdbx_phase_error                 ? 
_refine_ls_shell.pdbx_fsc_work                    ? 
_refine_ls_shell.pdbx_fsc_free                    ? 
# 
_struct.entry_id                     5ZXK 
_struct.title                        'Crystal structure of intracellular B30.2 domain of BTN3A1 in complex with HMBPP' 
_struct.pdbx_model_details           ? 
_struct.pdbx_formula_weight          ? 
_struct.pdbx_formula_weight_method   ? 
_struct.pdbx_model_type_details      ? 
_struct.pdbx_CASP_flag               N 
# 
_struct_keywords.entry_id        5ZXK 
_struct_keywords.text            'substrate binding, agonist, SIGNALING PROTEIN' 
_struct_keywords.pdbx_keywords   'SIGNALING PROTEIN' 
# 
loop_
_struct_asym.id 
_struct_asym.pdbx_blank_PDB_chainid_flag 
_struct_asym.pdbx_modified 
_struct_asym.entity_id 
_struct_asym.details 
A N N 1 ? 
B N N 2 ? 
C N N 3 ? 
# 
loop_
_struct_conf.conf_type_id 
_struct_conf.id 
_struct_conf.pdbx_PDB_helix_id 
_struct_conf.beg_label_comp_id 
_struct_conf.beg_label_asym_id 
_struct_conf.beg_label_seq_id 
_struct_conf.pdbx_beg_PDB_ins_code 
_struct_conf.end_label_comp_id 
_struct_conf.end_label_asym_id 
_struct_conf.end_label_seq_id 
_struct_conf.pdbx_end_PDB_ins_code 
_struct_conf.beg_auth_comp_id 
_struct_conf.beg_auth_asym_id 
_struct_conf.beg_auth_seq_id 
_struct_conf.end_auth_comp_id 
_struct_conf.end_auth_asym_id 
_struct_conf.end_auth_seq_id 
_struct_conf.pdbx_PDB_helix_class 
_struct_conf.details 
_struct_conf.pdbx_PDB_helix_length 
HELX_P HELX_P1 AA1 GLY A 2   ? PHE A 12  ? GLY A 297 PHE A 307 1 ? 11 
HELX_P HELX_P2 AA2 THR A 100 ? ASN A 103 ? THR A 395 ASN A 398 5 ? 4  
# 
_struct_conf_type.id          HELX_P 
_struct_conf_type.criteria    ? 
_struct_conf_type.reference   ? 
# 
_struct_mon_prot_cis.pdbx_id                1 
_struct_mon_prot_cis.label_comp_id          GLU 
_struct_mon_prot_cis.label_seq_id           121 
_struct_mon_prot_cis.label_asym_id          A 
_struct_mon_prot_cis.label_alt_id           . 
_struct_mon_prot_cis.pdbx_PDB_ins_code      ? 
_struct_mon_prot_cis.auth_comp_id           GLU 
_struct_mon_prot_cis.auth_seq_id            416 
_struct_mon_prot_cis.auth_asym_id           A 
_struct_mon_prot_cis.pdbx_label_comp_id_2   PRO 
_struct_mon_prot_cis.pdbx_label_seq_id_2    122 
_struct_mon_prot_cis.pdbx_label_asym_id_2   A 
_struct_mon_prot_cis.pdbx_PDB_ins_code_2    ? 
_struct_mon_prot_cis.pdbx_auth_comp_id_2    PRO 
_struct_mon_prot_cis.pdbx_auth_seq_id_2     417 
_struct_mon_prot_cis.pdbx_auth_asym_id_2    A 
_struct_mon_prot_cis.pdbx_PDB_model_num     1 
_struct_mon_prot_cis.pdbx_omega_angle       -8.93 
# 
loop_
_struct_sheet.id 
_struct_sheet.type 
_struct_sheet.number_strands 
_struct_sheet.details 
AA1 ? 5 ? 
AA2 ? 5 ? 
AA3 ? 6 ? 
# 
loop_
_struct_sheet_order.sheet_id 
_struct_sheet_order.range_id_1 
_struct_sheet_order.range_id_2 
_struct_sheet_order.offset 
_struct_sheet_order.sense 
AA1 1 2 ? parallel      
AA1 2 3 ? anti-parallel 
AA1 3 4 ? anti-parallel 
AA1 4 5 ? anti-parallel 
AA2 1 2 ? parallel      
AA2 2 3 ? anti-parallel 
AA2 3 4 ? anti-parallel 
AA2 4 5 ? anti-parallel 
AA3 1 2 ? anti-parallel 
AA3 2 3 ? anti-parallel 
AA3 3 4 ? anti-parallel 
AA3 4 5 ? anti-parallel 
AA3 5 6 ? anti-parallel 
# 
loop_
_struct_sheet_range.sheet_id 
_struct_sheet_range.id 
_struct_sheet_range.beg_label_comp_id 
_struct_sheet_range.beg_label_asym_id 
_struct_sheet_range.beg_label_seq_id 
_struct_sheet_range.pdbx_beg_PDB_ins_code 
_struct_sheet_range.end_label_comp_id 
_struct_sheet_range.end_label_asym_id 
_struct_sheet_range.end_label_seq_id 
_struct_sheet_range.pdbx_end_PDB_ins_code 
_struct_sheet_range.beg_auth_comp_id 
_struct_sheet_range.beg_auth_asym_id 
_struct_sheet_range.beg_auth_seq_id 
_struct_sheet_range.end_auth_comp_id 
_struct_sheet_range.end_auth_asym_id 
_struct_sheet_range.end_auth_seq_id 
AA1 1 LYS A 13  ? PRO A 14  ? LYS A 308 PRO A 309 
AA1 2 ARG A 69  ? GLU A 75  ? ARG A 364 GLU A 370 
AA1 3 LEU A 183 ? ILE A 185 ? LEU A 478 ILE A 480 
AA1 4 SER A 36  ? ARG A 39  ? SER A 331 ARG A 334 
AA1 5 LEU A 28  ? VAL A 30  ? LEU A 323 VAL A 325 
AA2 1 LYS A 13  ? PRO A 14  ? LYS A 308 PRO A 309 
AA2 2 ARG A 69  ? GLU A 75  ? ARG A 364 GLU A 370 
AA2 3 LYS A 134 ? ASP A 140 ? LYS A 429 ASP A 435 
AA2 4 ASP A 145 ? ASN A 150 ? ASP A 440 ASN A 445 
AA2 5 HIS A 156 ? PHE A 160 ? HIS A 451 PHE A 455 
AA3 1 CYS A 58  ? LEU A 60  ? CYS A 353 LEU A 355 
AA3 2 LEU A 169 ? ARG A 174 ? LEU A 464 ARG A 469 
AA3 3 TRP A 82  ? SER A 88  ? TRP A 377 SER A 383 
AA3 4 PHE A 105 ? THR A 111 ? PHE A 400 THR A 406 
AA3 5 LYS A 115 ? THR A 118 ? LYS A 410 THR A 413 
AA3 6 THR A 124 ? ASN A 125 ? THR A 419 ASN A 420 
# 
loop_
_pdbx_struct_sheet_hbond.sheet_id 
_pdbx_struct_sheet_hbond.range_id_1 
_pdbx_struct_sheet_hbond.range_id_2 
_pdbx_struct_sheet_hbond.range_1_label_atom_id 
_pdbx_struct_sheet_hbond.range_1_label_comp_id 
_pdbx_struct_sheet_hbond.range_1_label_asym_id 
_pdbx_struct_sheet_hbond.range_1_label_seq_id 
_pdbx_struct_sheet_hbond.range_1_PDB_ins_code 
_pdbx_struct_sheet_hbond.range_1_auth_atom_id 
_pdbx_struct_sheet_hbond.range_1_auth_comp_id 
_pdbx_struct_sheet_hbond.range_1_auth_asym_id 
_pdbx_struct_sheet_hbond.range_1_auth_seq_id 
_pdbx_struct_sheet_hbond.range_2_label_atom_id 
_pdbx_struct_sheet_hbond.range_2_label_comp_id 
_pdbx_struct_sheet_hbond.range_2_label_asym_id 
_pdbx_struct_sheet_hbond.range_2_label_seq_id 
_pdbx_struct_sheet_hbond.range_2_PDB_ins_code 
_pdbx_struct_sheet_hbond.range_2_auth_atom_id 
_pdbx_struct_sheet_hbond.range_2_auth_comp_id 
_pdbx_struct_sheet_hbond.range_2_auth_asym_id 
_pdbx_struct_sheet_hbond.range_2_auth_seq_id 
AA1 1 2 N LYS A 13  ? N LYS A 308 O ARG A 69  ? O ARG A 364 
AA1 2 3 N GLU A 75  ? N GLU A 370 O THR A 184 ? O THR A 479 
AA1 3 4 O LEU A 183 ? O LEU A 478 N VAL A 37  ? N VAL A 332 
AA1 4 5 O GLN A 38  ? O GLN A 333 N LEU A 29  ? N LEU A 324 
AA2 1 2 N LYS A 13  ? N LYS A 308 O ARG A 69  ? O ARG A 364 
AA2 2 3 N VAL A 74  ? N VAL A 369 O VAL A 135 ? O VAL A 430 
AA2 3 4 N ASP A 140 ? N ASP A 435 O ASP A 145 ? O ASP A 440 
AA2 4 5 N PHE A 148 ? N PHE A 443 O ILE A 157 ? O ILE A 452 
AA3 1 2 N VAL A 59  ? N VAL A 354 O PHE A 173 ? O PHE A 468 
AA3 2 3 O TYR A 170 ? O TYR A 465 N CYS A 87  ? N CYS A 382 
AA3 3 4 N VAL A 86  ? N VAL A 381 O TRP A 106 ? O TRP A 401 
AA3 4 5 N GLY A 109 ? N GLY A 404 O ARG A 117 ? O ARG A 412 
AA3 5 6 N THR A 118 ? N THR A 413 O THR A 124 ? O THR A 419 
# 
_struct_site.id                   AC1 
_struct_site.pdbx_evidence_code   Software 
_struct_site.pdbx_auth_asym_id    A 
_struct_site.pdbx_auth_comp_id    H6P 
_struct_site.pdbx_auth_seq_id     501 
_struct_site.pdbx_auth_ins_code   ? 
_struct_site.pdbx_num_residues    9 
_struct_site.details              'binding site for residue H6P A 501' 
# 
loop_
_struct_site_gen.id 
_struct_site_gen.site_id 
_struct_site_gen.pdbx_num_res 
_struct_site_gen.label_comp_id 
_struct_site_gen.label_asym_id 
_struct_site_gen.label_seq_id 
_struct_site_gen.pdbx_auth_ins_code 
_struct_site_gen.auth_comp_id 
_struct_site_gen.auth_asym_id 
_struct_site_gen.auth_seq_id 
_struct_site_gen.label_atom_id 
_struct_site_gen.label_alt_id 
_struct_site_gen.symmetry 
_struct_site_gen.details 
1 AC1 9 HIS A 56  ? HIS A 351 . ? 1_555 ? 
2 AC1 9 TYR A 57  ? TYR A 352 . ? 1_555 ? 
3 AC1 9 TRP A 96  ? TRP A 391 . ? 1_555 ? 
4 AC1 9 ARG A 117 ? ARG A 412 . ? 1_555 ? 
5 AC1 9 ARG A 123 ? ARG A 418 . ? 1_555 ? 
6 AC1 9 ARG A 174 ? ARG A 469 . ? 1_555 ? 
7 AC1 9 LEU A 176 ? LEU A 471 . ? 1_555 ? 
8 AC1 9 HOH C .   ? HOH A 609 . ? 1_555 ? 
9 AC1 9 HOH C .   ? HOH A 623 . ? 1_555 ? 
# 
_atom_sites.entry_id                    5ZXK 
_atom_sites.fract_transf_matrix[1][1]   0.01913349 
_atom_sites.fract_transf_matrix[1][2]   0.00888965 
_atom_sites.fract_transf_matrix[1][3]   -0.00677206 
_atom_sites.fract_transf_matrix[2][1]   -0.00391691 
_atom_sites.fract_transf_matrix[2][2]   0.00428545 
_atom_sites.fract_transf_matrix[2][3]   -0.00544119 
_atom_sites.fract_transf_matrix[3][1]   -0.00281064 
_atom_sites.fract_transf_matrix[3][2]   0.01897600 
_atom_sites.fract_transf_matrix[3][3]   0.01696865 
_atom_sites.fract_transf_vector[1]      1.277324 
_atom_sites.fract_transf_vector[2]      1.147673 
_atom_sites.fract_transf_vector[3]      1.362129 
# 
loop_
_atom_type.symbol 
C 
N 
O 
P 
S 
# 
loop_
_atom_site.group_PDB 
_atom_site.id 
_atom_site.type_symbol 
_atom_site.label_atom_id 
_atom_site.label_alt_id 
_atom_site.label_comp_id 
_atom_site.label_asym_id 
_atom_site.label_entity_id 
_atom_site.label_seq_id 
_atom_site.pdbx_PDB_ins_code 
_atom_site.Cartn_x 
_atom_site.Cartn_y 
_atom_site.Cartn_z 
_atom_site.occupancy 
_atom_site.B_iso_or_equiv 
_atom_site.pdbx_formal_charge 
_atom_site.auth_seq_id 
_atom_site.auth_comp_id 
_atom_site.auth_asym_id 
_atom_site.auth_atom_id 
_atom_site.pdbx_PDB_model_num 
ATOM   1    N N   . GLY A 1 2   ? 22.369  0.179   9.376   1.00 29.09 ? 297 GLY A N   1 
ATOM   2    C CA  . GLY A 1 2   ? 21.528  -0.785  10.066  1.00 25.71 ? 297 GLY A CA  1 
ATOM   3    C C   . GLY A 1 2   ? 21.495  -2.058  9.243   1.00 24.72 ? 297 GLY A C   1 
ATOM   4    O O   . GLY A 1 2   ? 21.613  -2.058  7.989   1.00 21.39 ? 297 GLY A O   1 
ATOM   5    N N   . ALA A 1 3   ? 21.311  -3.150  9.948   1.00 21.86 ? 298 ALA A N   1 
ATOM   6    C CA  . ALA A 1 3   ? 21.076  -4.395  9.278   1.00 21.39 ? 298 ALA A CA  1 
ATOM   7    C C   . ALA A 1 3   ? 19.924  -4.286  8.242   1.00 19.94 ? 298 ALA A C   1 
ATOM   8    O O   . ALA A 1 3   ? 19.998  -4.881  7.161   1.00 19.88 ? 298 ALA A O   1 
ATOM   9    C CB  . ALA A 1 3   ? 20.767  -5.472  10.285  1.00 21.52 ? 298 ALA A CB  1 
ATOM   10   N N   . TYR A 1 4   ? 18.854  -3.547  8.577   1.00 18.96 ? 299 TYR A N   1 
ATOM   11   C CA  . TYR A 1 4   ? 17.688  -3.390  7.655   1.00 17.60 ? 299 TYR A CA  1 
ATOM   12   C C   . TYR A 1 4   ? 18.201  -2.943  6.280   1.00 18.08 ? 299 TYR A C   1 
ATOM   13   O O   . TYR A 1 4   ? 17.907  -3.535  5.258   1.00 18.07 ? 299 TYR A O   1 
ATOM   14   C CB  . TYR A 1 4   ? 16.676  -2.333  8.226   1.00 17.80 ? 299 TYR A CB  1 
ATOM   15   C CG  . TYR A 1 4   ? 15.585  -1.952  7.216   1.00 18.23 ? 299 TYR A CG  1 
ATOM   16   C CD1 . TYR A 1 4   ? 14.542  -2.798  6.994   1.00 17.82 ? 299 TYR A CD1 1 
ATOM   17   C CD2 . TYR A 1 4   ? 15.682  -0.799  6.441   1.00 18.02 ? 299 TYR A CD2 1 
ATOM   18   C CE1 . TYR A 1 4   ? 13.544  -2.487  6.111   1.00 16.96 ? 299 TYR A CE1 1 
ATOM   19   C CE2 . TYR A 1 4   ? 14.736  -0.505  5.489   1.00 19.68 ? 299 TYR A CE2 1 
ATOM   20   C CZ  . TYR A 1 4   ? 13.662  -1.373  5.314   1.00 17.90 ? 299 TYR A CZ  1 
ATOM   21   O OH  . TYR A 1 4   ? 12.691  -1.144  4.369   1.00 17.66 ? 299 TYR A OH  1 
ATOM   22   N N   . ASN A 1 5   ? 18.964  -1.873  6.261   1.00 17.40 ? 300 ASN A N   1 
ATOM   23   C CA  . ASN A 1 5   ? 19.458  -1.365  4.976   1.00 23.09 ? 300 ASN A CA  1 
ATOM   24   C C   . ASN A 1 5   ? 20.500  -2.301  4.299   1.00 21.62 ? 300 ASN A C   1 
ATOM   25   O O   . ASN A 1 5   ? 20.478  -2.513  3.079   1.00 21.69 ? 300 ASN A O   1 
ATOM   26   C CB  . ASN A 1 5   ? 20.025  0.032   5.151   1.00 25.46 ? 300 ASN A CB  1 
ATOM   27   C CG  . ASN A 1 5   ? 18.996  1.106   4.921   1.00 33.18 ? 300 ASN A CG  1 
ATOM   28   O OD1 . ASN A 1 5   ? 17.832  0.860   4.582   1.00 34.53 ? 300 ASN A OD1 1 
ATOM   29   N ND2 . ASN A 1 5   ? 19.440  2.328   5.034   1.00 39.96 ? 300 ASN A ND2 1 
ATOM   30   N N   . GLU A 1 6   ? 21.332  -2.907  5.130   1.00 22.01 ? 301 GLU A N   1 
ATOM   31   C CA  . GLU A 1 6   ? 22.404  -3.768  4.683   1.00 24.11 ? 301 GLU A CA  1 
ATOM   32   C C   . GLU A 1 6   ? 21.908  -5.069  4.104   1.00 21.18 ? 301 GLU A C   1 
ATOM   33   O O   . GLU A 1 6   ? 22.598  -5.636  3.268   1.00 19.38 ? 301 GLU A O   1 
ATOM   34   C CB  . GLU A 1 6   ? 23.354  -4.124  5.831   1.00 28.67 ? 301 GLU A CB  1 
ATOM   35   C CG  . GLU A 1 6   ? 24.279  -3.053  6.371   1.00 35.60 ? 301 GLU A CG  1 
ATOM   36   C CD  . GLU A 1 6   ? 25.033  -2.349  5.287   1.00 43.35 ? 301 GLU A CD  1 
ATOM   37   O OE1 . GLU A 1 6   ? 25.690  -3.036  4.429   1.00 46.04 ? 301 GLU A OE1 1 
ATOM   38   O OE2 . GLU A 1 6   ? 24.887  -1.112  5.287   1.00 48.11 ? 301 GLU A OE2 1 
ATOM   39   N N   . TRP A 1 7   ? 20.773  -5.579  4.557   1.00 16.66 ? 302 TRP A N   1 
ATOM   40   C CA  . TRP A 1 7   ? 20.329  -6.902  4.178   1.00 17.41 ? 302 TRP A CA  1 
ATOM   41   C C   . TRP A 1 7   ? 19.119  -7.002  3.248   1.00 16.69 ? 302 TRP A C   1 
ATOM   42   O O   . TRP A 1 7   ? 18.891  -8.060  2.634   1.00 19.79 ? 302 TRP A O   1 
ATOM   43   C CB  . TRP A 1 7   ? 19.986  -7.684  5.448   1.00 15.80 ? 302 TRP A CB  1 
ATOM   44   C CG  . TRP A 1 7   ? 21.205  -7.959  6.355   1.00 17.00 ? 302 TRP A CG  1 
ATOM   45   C CD1 . TRP A 1 7   ? 22.547  -7.699  6.104   1.00 17.35 ? 302 TRP A CD1 1 
ATOM   46   C CD2 . TRP A 1 7   ? 21.148  -8.456  7.672   1.00 17.83 ? 302 TRP A CD2 1 
ATOM   47   N NE1 . TRP A 1 7   ? 23.310  -8.052  7.186   1.00 16.98 ? 302 TRP A NE1 1 
ATOM   48   C CE2 . TRP A 1 7   ? 22.482  -8.513  8.167   1.00 18.46 ? 302 TRP A CE2 1 
ATOM   49   C CE3 . TRP A 1 7   ? 20.097  -8.879  8.503   1.00 18.38 ? 302 TRP A CE3 1 
ATOM   50   C CZ2 . TRP A 1 7   ? 22.773  -8.979  9.447   1.00 19.70 ? 302 TRP A CZ2 1 
ATOM   51   C CZ3 . TRP A 1 7   ? 20.401  -9.351  9.790   1.00 19.74 ? 302 TRP A CZ3 1 
ATOM   52   C CH2 . TRP A 1 7   ? 21.727  -9.399  10.230  1.00 19.47 ? 302 TRP A CH2 1 
ATOM   53   N N   . LYS A 1 8   ? 18.287  -5.967  3.253   1.00 18.84 ? 303 LYS A N   1 
ATOM   54   C CA  . LYS A 1 8   ? 16.968  -5.999  2.585   1.00 18.06 ? 303 LYS A CA  1 
ATOM   55   C C   . LYS A 1 8   ? 17.108  -6.540  1.182   1.00 19.16 ? 303 LYS A C   1 
ATOM   56   O O   . LYS A 1 8   ? 16.482  -7.541  0.848   1.00 21.27 ? 303 LYS A O   1 
ATOM   57   C CB  . LYS A 1 8   ? 16.288  -4.638  2.645   1.00 18.16 ? 303 LYS A CB  1 
ATOM   58   C CG  . LYS A 1 8   ? 16.970  -3.533  1.903   1.00 16.80 ? 303 LYS A CG  1 
ATOM   59   C CD  . LYS A 1 8   ? 16.355  -2.250  2.333   1.00 17.40 ? 303 LYS A CD  1 
ATOM   60   C CE  . LYS A 1 8   ? 16.991  -1.060  1.664   1.00 18.31 ? 303 LYS A CE  1 
ATOM   61   N NZ  . LYS A 1 8   ? 16.379  0.200   2.217   1.00 18.60 ? 303 LYS A NZ  1 
ATOM   62   N N   . LYS A 1 9   ? 18.044  -5.975  0.424   1.00 21.13 ? 304 LYS A N   1 
ATOM   63   C CA  . LYS A 1 9   ? 18.301  -6.398  -0.974  1.00 23.61 ? 304 LYS A CA  1 
ATOM   64   C C   . LYS A 1 9   ? 18.928  -7.746  -1.123  1.00 22.54 ? 304 LYS A C   1 
ATOM   65   O O   . LYS A 1 9   ? 18.686  -8.391  -2.141  1.00 21.48 ? 304 LYS A O   1 
ATOM   66   C CB  . LYS A 1 9   ? 19.150  -5.387  -1.738  1.00 24.42 ? 304 LYS A CB  1 
ATOM   67   C CG  . LYS A 1 9   ? 18.314  -4.272  -2.305  1.00 26.05 ? 304 LYS A CG  1 
ATOM   68   C CD  . LYS A 1 9   ? 19.107  -3.217  -3.087  1.00 29.17 ? 304 LYS A CD  1 
ATOM   69   C CE  . LYS A 1 9   ? 19.447  -1.987  -2.230  1.00 33.68 ? 304 LYS A CE  1 
ATOM   70   N NZ  . LYS A 1 9   ? 19.409  -0.690  -2.954  1.00 33.71 ? 304 LYS A NZ  1 
ATOM   71   N N   . ALA A 1 10  ? 19.740  -8.176  -0.141  1.00 21.14 ? 305 ALA A N   1 
ATOM   72   C CA  . ALA A 1 10  ? 20.198  -9.594  -0.084  1.00 21.45 ? 305 ALA A CA  1 
ATOM   73   C C   . ALA A 1 10  ? 19.050  -10.607 -0.035  1.00 22.06 ? 305 ALA A C   1 
ATOM   74   O O   . ALA A 1 10  ? 19.107  -11.704 -0.612  1.00 21.67 ? 305 ALA A O   1 
ATOM   75   C CB  . ALA A 1 10  ? 21.080  -9.804  1.120   1.00 18.77 ? 305 ALA A CB  1 
ATOM   76   N N   . LEU A 1 11  ? 17.978  -10.223 0.649   1.00 23.17 ? 306 LEU A N   1 
ATOM   77   C CA  . LEU A 1 11  ? 16.846  -11.133 0.937   1.00 24.74 ? 306 LEU A CA  1 
ATOM   78   C C   . LEU A 1 11  ? 15.589  -10.945 0.045   1.00 22.88 ? 306 LEU A C   1 
ATOM   79   O O   . LEU A 1 11  ? 14.860  -11.924 -0.285  1.00 20.29 ? 306 LEU A O   1 
ATOM   80   C CB  . LEU A 1 11  ? 16.523  -10.933 2.381   1.00 27.68 ? 306 LEU A CB  1 
ATOM   81   C CG  . LEU A 1 11  ? 16.370  -12.135 3.291   1.00 35.08 ? 306 LEU A CG  1 
ATOM   82   C CD1 . LEU A 1 11  ? 17.059  -13.429 2.872   1.00 35.29 ? 306 LEU A CD1 1 
ATOM   83   C CD2 . LEU A 1 11  ? 16.887  -11.671 4.650   1.00 38.05 ? 306 LEU A CD2 1 
ATOM   84   N N   . PHE A 1 12  ? 15.358  -9.706  -0.363  1.00 19.21 ? 307 PHE A N   1 
ATOM   85   C CA  . PHE A 1 12  ? 14.229  -9.369  -1.196  1.00 18.87 ? 307 PHE A CA  1 
ATOM   86   C C   . PHE A 1 12  ? 14.651  -8.515  -2.390  1.00 19.78 ? 307 PHE A C   1 
ATOM   87   O O   . PHE A 1 12  ? 15.483  -7.605  -2.327  1.00 20.13 ? 307 PHE A O   1 
ATOM   88   C CB  . PHE A 1 12  ? 13.169  -8.602  -0.407  1.00 18.58 ? 307 PHE A CB  1 
ATOM   89   C CG  . PHE A 1 12  ? 12.678  -9.304  0.822   1.00 18.45 ? 307 PHE A CG  1 
ATOM   90   C CD1 . PHE A 1 12  ? 13.422  -9.234  2.014   1.00 20.13 ? 307 PHE A CD1 1 
ATOM   91   C CD2 . PHE A 1 12  ? 11.442  -9.888  0.849   1.00 19.41 ? 307 PHE A CD2 1 
ATOM   92   C CE1 . PHE A 1 12  ? 12.979  -9.841  3.171   1.00 19.83 ? 307 PHE A CE1 1 
ATOM   93   C CE2 . PHE A 1 12  ? 10.977  -10.511 1.997   1.00 20.29 ? 307 PHE A CE2 1 
ATOM   94   C CZ  . PHE A 1 12  ? 11.745  -10.476 3.163   1.00 21.02 ? 307 PHE A CZ  1 
ATOM   95   N N   . LYS A 1 13  ? 14.016  -8.807  -3.497  1.00 22.83 ? 308 LYS A N   1 
ATOM   96   C CA  . LYS A 1 13  ? 14.313  -8.149  -4.751  1.00 23.83 ? 308 LYS A CA  1 
ATOM   97   C C   . LYS A 1 13  ? 13.677  -6.770  -4.695  1.00 21.61 ? 308 LYS A C   1 
ATOM   98   O O   . LYS A 1 13  ? 12.515  -6.671  -4.390  1.00 19.53 ? 308 LYS A O   1 
ATOM   99   C CB  . LYS A 1 13  ? 13.715  -8.988  -5.847  1.00 26.57 ? 308 LYS A CB  1 
ATOM   100  C CG  . LYS A 1 13  ? 14.078  -8.540  -7.237  1.00 33.69 ? 308 LYS A CG  1 
ATOM   101  C CD  . LYS A 1 13  ? 13.719  -9.628  -8.266  1.00 36.06 ? 308 LYS A CD  1 
ATOM   102  C CE  . LYS A 1 13  ? 14.156  -9.211  -9.646  1.00 42.78 ? 308 LYS A CE  1 
ATOM   103  N NZ  . LYS A 1 13  ? 13.593  -7.877  -10.025 1.00 45.09 ? 308 LYS A NZ  1 
ATOM   104  N N   . PRO A 1 14  ? 14.445  -5.719  -4.963  1.00 20.34 ? 309 PRO A N   1 
ATOM   105  C CA  . PRO A 1 14  ? 13.873  -4.393  -4.925  1.00 22.25 ? 309 PRO A CA  1 
ATOM   106  C C   . PRO A 1 14  ? 12.880  -4.160  -6.059  1.00 23.07 ? 309 PRO A C   1 
ATOM   107  O O   . PRO A 1 14  ? 13.237  -4.233  -7.233  1.00 22.42 ? 309 PRO A O   1 
ATOM   108  C CB  . PRO A 1 14  ? 15.095  -3.479  -5.077  1.00 21.63 ? 309 PRO A CB  1 
ATOM   109  C CG  . PRO A 1 14  ? 16.161  -4.327  -5.715  1.00 20.71 ? 309 PRO A CG  1 
ATOM   110  C CD  . PRO A 1 14  ? 15.919  -5.685  -5.154  1.00 20.34 ? 309 PRO A CD  1 
ATOM   111  N N   . ALA A 1 15  ? 11.624  -3.892  -5.725  1.00 21.17 ? 310 ALA A N   1 
ATOM   112  C CA  . ALA A 1 15  ? 10.592  -3.672  -6.743  1.00 20.90 ? 310 ALA A CA  1 
ATOM   113  C C   . ALA A 1 15  ? 10.680  -2.198  -7.146  1.00 19.54 ? 310 ALA A C   1 
ATOM   114  O O   . ALA A 1 15  ? 10.920  -1.358  -6.342  1.00 19.14 ? 310 ALA A O   1 
ATOM   115  C CB  . ALA A 1 15  ? 9.244   -3.978  -6.185  1.00 19.83 ? 310 ALA A CB  1 
ATOM   116  N N   . ASP A 1 16  ? 10.573  -1.921  -8.424  1.00 21.97 ? 311 ASP A N   1 
ATOM   117  C CA  . ASP A 1 16  ? 10.566  -0.563  -8.887  1.00 22.37 ? 311 ASP A CA  1 
ATOM   118  C C   . ASP A 1 16  ? 9.079   -0.313  -9.167  1.00 19.83 ? 311 ASP A C   1 
ATOM   119  O O   . ASP A 1 16  ? 8.578   -0.643  -10.195 1.00 20.84 ? 311 ASP A O   1 
ATOM   120  C CB  . ASP A 1 16  ? 11.427  -0.414  -10.132 1.00 26.77 ? 311 ASP A CB  1 
ATOM   121  C CG  . ASP A 1 16  ? 11.636  1.029   -10.537 1.00 31.98 ? 311 ASP A CG  1 
ATOM   122  O OD1 . ASP A 1 16  ? 11.657  1.942   -9.674  1.00 34.47 ? 311 ASP A OD1 1 
ATOM   123  O OD2 . ASP A 1 16  ? 11.802  1.235   -11.749 1.00 42.99 ? 311 ASP A OD2 1 
ATOM   124  N N   . VAL A 1 17  ? 8.386   0.223   -8.173  1.00 17.03 ? 312 VAL A N   1 
ATOM   125  C CA  . VAL A 1 17  ? 6.965   0.434   -8.241  1.00 16.38 ? 312 VAL A CA  1 
ATOM   126  C C   . VAL A 1 17  ? 6.647   1.789   -8.800  1.00 16.50 ? 312 VAL A C   1 
ATOM   127  O O   . VAL A 1 17  ? 7.013   2.801   -8.256  1.00 18.98 ? 312 VAL A O   1 
ATOM   128  C CB  . VAL A 1 17  ? 6.351   0.343   -6.840  1.00 16.74 ? 312 VAL A CB  1 
ATOM   129  C CG1 . VAL A 1 17  ? 4.852   0.432   -6.914  1.00 16.84 ? 312 VAL A CG1 1 
ATOM   130  C CG2 . VAL A 1 17  ? 6.794   -0.969  -6.187  1.00 16.07 ? 312 VAL A CG2 1 
ATOM   131  N N   . ILE A 1 18  ? 5.929   1.768   -9.901  1.00 18.68 ? 313 ILE A N   1 
ATOM   132  C CA  . ILE A 1 18  ? 5.268   2.943   -10.463 1.00 19.81 ? 313 ILE A CA  1 
ATOM   133  C C   . ILE A 1 18  ? 3.720   2.746   -10.418 1.00 17.34 ? 313 ILE A C   1 
ATOM   134  O O   . ILE A 1 18  ? 3.168   1.691   -10.627 1.00 16.11 ? 313 ILE A O   1 
ATOM   135  C CB  . ILE A 1 18  ? 5.805   3.313   -11.848 1.00 20.65 ? 313 ILE A CB  1 
ATOM   136  C CG1 . ILE A 1 18  ? 5.727   2.103   -12.746 1.00 24.58 ? 313 ILE A CG1 1 
ATOM   137  C CG2 . ILE A 1 18  ? 7.260   3.816   -11.739 1.00 22.85 ? 313 ILE A CG2 1 
ATOM   138  C CD1 . ILE A 1 18  ? 5.672   2.465   -14.221 1.00 26.04 ? 313 ILE A CD1 1 
ATOM   139  N N   . LEU A 1 19  ? 3.064   3.819   -10.062 1.00 15.87 ? 314 LEU A N   1 
ATOM   140  C CA  . LEU A 1 19  ? 1.634   3.881   -9.955  1.00 16.51 ? 314 LEU A CA  1 
ATOM   141  C C   . LEU A 1 19  ? 1.000   3.923   -11.331 1.00 16.20 ? 314 LEU A C   1 
ATOM   142  O O   . LEU A 1 19  ? 1.494   4.561   -12.223 1.00 16.54 ? 314 LEU A O   1 
ATOM   143  C CB  . LEU A 1 19  ? 1.217   5.173   -9.185  1.00 18.17 ? 314 LEU A CB  1 
ATOM   144  C CG  . LEU A 1 19  ? 1.783   5.334   -7.788  1.00 18.56 ? 314 LEU A CG  1 
ATOM   145  C CD1 . LEU A 1 19  ? 1.406   6.705   -7.191  1.00 19.32 ? 314 LEU A CD1 1 
ATOM   146  C CD2 . LEU A 1 19  ? 1.340   4.132   -6.974  1.00 17.39 ? 314 LEU A CD2 1 
ATOM   147  N N   . ASP A 1 20  ? -0.103  3.206   -11.473 1.00 16.22 ? 315 ASP A N   1 
ATOM   148  C CA  . ASP A 1 20  ? -0.782  2.985   -12.728 1.00 19.10 ? 315 ASP A CA  1 
ATOM   149  C C   . ASP A 1 20  ? -1.934  3.926   -12.751 1.00 16.23 ? 315 ASP A C   1 
ATOM   150  O O   . ASP A 1 20  ? -2.896  3.738   -12.042 1.00 17.80 ? 315 ASP A O   1 
ATOM   151  C CB  . ASP A 1 20  ? -1.259  1.541   -12.784 1.00 18.87 ? 315 ASP A CB  1 
ATOM   152  C CG  . ASP A 1 20  ? -1.851  1.178   -14.094 1.00 19.15 ? 315 ASP A CG  1 
ATOM   153  O OD1 . ASP A 1 20  ? -2.136  2.098   -14.877 1.00 19.85 ? 315 ASP A OD1 1 
ATOM   154  O OD2 . ASP A 1 20  ? -2.096  -0.041  -14.269 1.00 17.25 ? 315 ASP A OD2 1 
ATOM   155  N N   . PRO A 1 21  ? -1.853  4.994   -13.546 1.00 18.46 ? 316 PRO A N   1 
ATOM   156  C CA  . PRO A 1 21  ? -2.945  5.982   -13.508 1.00 19.13 ? 316 PRO A CA  1 
ATOM   157  C C   . PRO A 1 21  ? -4.305  5.477   -13.930 1.00 19.02 ? 316 PRO A C   1 
ATOM   158  O O   . PRO A 1 21  ? -5.275  6.054   -13.516 1.00 15.90 ? 316 PRO A O   1 
ATOM   159  C CB  . PRO A 1 21  ? -2.468  7.087   -14.459 1.00 21.52 ? 316 PRO A CB  1 
ATOM   160  C CG  . PRO A 1 21  ? -1.009  6.859   -14.567 1.00 22.79 ? 316 PRO A CG  1 
ATOM   161  C CD  . PRO A 1 21  ? -0.873  5.347   -14.572 1.00 21.25 ? 316 PRO A CD  1 
ATOM   162  N N   . LYS A 1 22  ? -4.358  4.387   -14.710 1.00 17.65 ? 317 LYS A N   1 
ATOM   163  C CA  . LYS A 1 22  ? -5.618  3.723   -15.106 1.00 18.72 ? 317 LYS A CA  1 
ATOM   164  C C   . LYS A 1 22  ? -6.391  3.104   -13.969 1.00 17.16 ? 317 LYS A C   1 
ATOM   165  O O   . LYS A 1 22  ? -7.630  2.908   -14.089 1.00 15.78 ? 317 LYS A O   1 
ATOM   166  C CB  . LYS A 1 22  ? -5.325  2.577   -16.094 1.00 22.70 ? 317 LYS A CB  1 
ATOM   167  C CG  . LYS A 1 22  ? -4.665  3.049   -17.370 1.00 29.62 ? 317 LYS A CG  1 
ATOM   168  C CD  . LYS A 1 22  ? -4.905  2.050   -18.532 1.00 36.04 ? 317 LYS A CD  1 
ATOM   169  C CE  . LYS A 1 22  ? -3.608  1.602   -19.214 1.00 39.72 ? 317 LYS A CE  1 
ATOM   170  N NZ  . LYS A 1 22  ? -2.830  0.545   -18.471 1.00 42.09 ? 317 LYS A NZ  1 
ATOM   171  N N   . THR A 1 23  ? -5.671  2.750   -12.883 1.00 15.07 ? 318 THR A N   1 
ATOM   172  C CA  . THR A 1 23  ? -6.320  2.149   -11.721 1.00 13.70 ? 318 THR A CA  1 
ATOM   173  C C   . THR A 1 23  ? -6.862  3.147   -10.724 1.00 14.53 ? 318 THR A C   1 
ATOM   174  O O   . THR A 1 23  ? -7.677  2.805   -9.893  1.00 15.67 ? 318 THR A O   1 
ATOM   175  C CB  . THR A 1 23  ? -5.374  1.181   -11.000 1.00 13.46 ? 318 THR A CB  1 
ATOM   176  O OG1 . THR A 1 23  ? -4.246  1.919   -10.446 1.00 11.19 ? 318 THR A OG1 1 
ATOM   177  C CG2 . THR A 1 23  ? -4.921  0.134   -12.063 1.00 13.02 ? 318 THR A CG2 1 
ATOM   178  N N   . ALA A 1 24  ? -6.351  4.357   -10.794 1.00 13.76 ? 319 ALA A N   1 
ATOM   179  C CA  . ALA A 1 24  ? -6.576  5.349   -9.786  1.00 13.32 ? 319 ALA A CA  1 
ATOM   180  C C   . ALA A 1 24  ? -7.973  5.938   -9.795  1.00 12.88 ? 319 ALA A C   1 
ATOM   181  O O   . ALA A 1 24  ? -8.433  6.451   -10.769 1.00 14.27 ? 319 ALA A O   1 
ATOM   182  C CB  . ALA A 1 24  ? -5.557  6.426   -9.931  1.00 13.54 ? 319 ALA A CB  1 
ATOM   183  N N   . ASN A 1 25  ? -8.613  5.890   -8.633  1.00 14.61 ? 320 ASN A N   1 
ATOM   184  C CA  . ASN A 1 25  ? -9.890  6.559   -8.318  1.00 14.15 ? 320 ASN A CA  1 
ATOM   185  C C   . ASN A 1 25  ? -9.765  7.901   -8.857  1.00 14.59 ? 320 ASN A C   1 
ATOM   186  O O   . ASN A 1 25  ? -8.700  8.516   -8.668  1.00 13.14 ? 320 ASN A O   1 
ATOM   187  C CB  . ASN A 1 25  ? -10.148 6.605   -6.822  1.00 14.63 ? 320 ASN A CB  1 
ATOM   188  C CG  . ASN A 1 25  ? -11.560 7.120   -6.489  1.00 16.25 ? 320 ASN A CG  1 
ATOM   189  O OD1 . ASN A 1 25  ? -11.749 8.337   -6.632  1.00 14.44 ? 320 ASN A OD1 1 
ATOM   190  N N   . PRO A 1 26  ? -10.767 8.356   -9.621  1.00 17.84 ? 321 PRO A N   1 
ATOM   191  C CA  . PRO A 1 26  ? -10.694 9.704   -10.227 1.00 18.36 ? 321 PRO A CA  1 
ATOM   192  C C   . PRO A 1 26  ? -10.544 10.864  -9.261  1.00 18.13 ? 321 PRO A C   1 
ATOM   193  O O   . PRO A 1 26  ? -10.207 11.998  -9.712  1.00 19.19 ? 321 PRO A O   1 
ATOM   194  C CB  . PRO A 1 26  ? -12.031 9.839   -10.996 1.00 21.12 ? 321 PRO A CB  1 
ATOM   195  C CG  . PRO A 1 26  ? -12.721 8.534   -10.936 1.00 20.02 ? 321 PRO A CG  1 
ATOM   196  C CD  . PRO A 1 26  ? -12.018 7.649   -9.960  1.00 19.85 ? 321 PRO A CD  1 
ATOM   197  N N   . ILE A 1 27  ? -10.772 10.647  -7.970  1.00 16.86 ? 322 ILE A N   1 
ATOM   198  C CA  . ILE A 1 27  ? -10.383 11.704  -6.989  1.00 16.43 ? 322 ILE A CA  1 
ATOM   199  C C   . ILE A 1 27  ? -8.853  11.818  -6.696  1.00 17.58 ? 322 ILE A C   1 
ATOM   200  O O   . ILE A 1 27  ? -8.426  12.712  -5.909  1.00 14.89 ? 322 ILE A O   1 
ATOM   201  C CB  . ILE A 1 27  ? -11.161 11.541  -5.685  1.00 16.27 ? 322 ILE A CB  1 
ATOM   202  C CG1 . ILE A 1 27  ? -11.369 12.939  -5.042  1.00 18.28 ? 322 ILE A CG1 1 
ATOM   203  C CG2 . ILE A 1 27  ? -10.470 10.589  -4.733  1.00 14.62 ? 322 ILE A CG2 1 
ATOM   204  C CD1 . ILE A 1 27  ? -12.562 13.032  -4.120  1.00 19.84 ? 322 ILE A CD1 1 
ATOM   205  N N   . LEU A 1 28  ? -8.061  10.875  -7.243  1.00 16.03 ? 323 LEU A N   1 
ATOM   206  C CA  . LEU A 1 28  ? -6.639  10.836  -7.026  1.00 15.57 ? 323 LEU A CA  1 
ATOM   207  C C   . LEU A 1 28  ? -5.917  11.430  -8.224  1.00 16.30 ? 323 LEU A C   1 
ATOM   208  O O   . LEU A 1 28  ? -6.415  11.265  -9.317  1.00 15.30 ? 323 LEU A O   1 
ATOM   209  C CB  . LEU A 1 28  ? -6.162  9.403   -6.779  1.00 15.26 ? 323 LEU A CB  1 
ATOM   210  C CG  . LEU A 1 28  ? -6.756  8.620   -5.605  1.00 16.20 ? 323 LEU A CG  1 
ATOM   211  C CD1 . LEU A 1 28  ? -6.157  7.199   -5.455  1.00 17.30 ? 323 LEU A CD1 1 
ATOM   212  C CD2 . LEU A 1 28  ? -6.627  9.395   -4.287  1.00 15.81 ? 323 LEU A CD2 1 
ATOM   213  N N   . LEU A 1 29  ? -4.768  12.094  -7.977  1.00 16.58 ? 324 LEU A N   1 
ATOM   214  C CA  . LEU A 1 29  ? -3.803  12.533  -8.976  1.00 17.70 ? 324 LEU A CA  1 
ATOM   215  C C   . LEU A 1 29  ? -2.504  11.775  -8.804  1.00 16.66 ? 324 LEU A C   1 
ATOM   216  O O   . LEU A 1 29  ? -1.995  11.669  -7.745  1.00 15.23 ? 324 LEU A O   1 
ATOM   217  C CB  . LEU A 1 29  ? -3.544  14.014  -8.816  1.00 21.06 ? 324 LEU A CB  1 
ATOM   218  C CG  . LEU A 1 29  ? -4.864  14.779  -8.968  1.00 25.71 ? 324 LEU A CG  1 
ATOM   219  C CD1 . LEU A 1 29  ? -5.080  15.667  -7.734  1.00 28.76 ? 324 LEU A CD1 1 
ATOM   220  C CD2 . LEU A 1 29  ? -4.971  15.495  -10.320 1.00 26.80 ? 324 LEU A CD2 1 
ATOM   221  N N   . VAL A 1 30  ? -1.994  11.199  -9.887  1.00 17.87 ? 325 VAL A N   1 
ATOM   222  C CA  . VAL A 1 30  ? -0.755  10.482  -9.880  1.00 17.20 ? 325 VAL A CA  1 
ATOM   223  C C   . VAL A 1 30  ? 0.223   11.466  -10.450 1.00 18.31 ? 325 VAL A C   1 
ATOM   224  O O   . VAL A 1 30  ? -0.071  12.111  -11.441 1.00 15.94 ? 325 VAL A O   1 
ATOM   225  C CB  . VAL A 1 30  ? -0.873  9.186   -10.746 1.00 20.10 ? 325 VAL A CB  1 
ATOM   226  C CG1 . VAL A 1 30  ? 0.490   8.500   -10.844 1.00 21.51 ? 325 VAL A CG1 1 
ATOM   227  C CG2 . VAL A 1 30  ? -1.851  8.184   -10.128 1.00 18.40 ? 325 VAL A CG2 1 
ATOM   228  N N   . SER A 1 31  ? 1.373   11.666  -9.802  1.00 17.40 ? 326 SER A N   1 
ATOM   229  C CA  . SER A 1 31  ? 2.415   12.595  -10.320 1.00 17.24 ? 326 SER A CA  1 
ATOM   230  C C   . SER A 1 31  ? 3.001   12.088  -11.670 1.00 18.41 ? 326 SER A C   1 
ATOM   231  O O   . SER A 1 31  ? 2.864   10.892  -11.987 1.00 19.25 ? 326 SER A O   1 
ATOM   232  C CB  . SER A 1 31  ? 3.548   12.680  -9.314  1.00 17.26 ? 326 SER A CB  1 
ATOM   233  O OG  . SER A 1 31  ? 4.168   11.417  -9.177  1.00 15.28 ? 326 SER A OG  1 
ATOM   234  N N   . GLU A 1 32  ? 3.662   12.979  -12.402 1.00 16.10 ? 327 GLU A N   1 
ATOM   235  C CA  . GLU A 1 32  ? 4.278   12.663  -13.696 1.00 19.03 ? 327 GLU A CA  1 
ATOM   236  C C   . GLU A 1 32  ? 5.306   11.572  -13.609 1.00 16.38 ? 327 GLU A C   1 
ATOM   237  O O   . GLU A 1 32  ? 5.302   10.658  -14.451 1.00 18.91 ? 327 GLU A O   1 
ATOM   238  C CB  . GLU A 1 32  ? 4.874   13.946  -14.302 1.00 21.74 ? 327 GLU A CB  1 
ATOM   239  C CG  . GLU A 1 32  ? 5.563   13.773  -15.640 1.00 22.45 ? 327 GLU A CG  1 
ATOM   240  C CD  . GLU A 1 32  ? 4.593   13.676  -16.767 1.00 23.29 ? 327 GLU A CD  1 
ATOM   241  O OE1 . GLU A 1 32  ? 3.393   14.024  -16.555 1.00 17.62 ? 327 GLU A OE1 1 
ATOM   242  O OE2 . GLU A 1 32  ? 5.059   13.305  -17.861 1.00 24.84 ? 327 GLU A OE2 1 
ATOM   243  N N   . ASP A 1 33  ? 6.149   11.612  -12.583 1.00 16.19 ? 328 ASP A N   1 
ATOM   244  C CA  . ASP A 1 33  ? 7.140   10.538  -12.340 1.00 18.01 ? 328 ASP A CA  1 
ATOM   245  C C   . ASP A 1 33  ? 6.501   9.202   -11.903 1.00 17.62 ? 328 ASP A C   1 
ATOM   246  O O   . ASP A 1 33  ? 7.209   8.221   -11.736 1.00 20.28 ? 328 ASP A O   1 
ATOM   247  C CB  . ASP A 1 33  ? 8.248   10.952  -11.362 1.00 17.50 ? 328 ASP A CB  1 
ATOM   248  C CG  . ASP A 1 33  ? 7.780   11.150  -9.939  1.00 17.99 ? 328 ASP A CG  1 
ATOM   249  O OD1 . ASP A 1 33  ? 6.574   11.045  -9.581  1.00 18.31 ? 328 ASP A OD1 1 
ATOM   250  O OD2 . ASP A 1 33  ? 8.676   11.413  -9.142  1.00 19.79 ? 328 ASP A OD2 1 
ATOM   251  N N   . GLN A 1 34  ? 5.170   9.207   -11.703 1.00 15.69 ? 329 GLN A N   1 
ATOM   252  C CA  . GLN A 1 34  ? 4.413   8.055   -11.339 1.00 15.52 ? 329 GLN A CA  1 
ATOM   253  C C   . GLN A 1 34  ? 4.857   7.394   -9.991  1.00 14.74 ? 329 GLN A C   1 
ATOM   254  O O   . GLN A 1 34  ? 4.586   6.245   -9.746  1.00 14.13 ? 329 GLN A O   1 
ATOM   255  C CB  . GLN A 1 34  ? 4.336   7.047   -12.485 1.00 16.32 ? 329 GLN A CB  1 
ATOM   256  C CG  . GLN A 1 34  ? 3.544   7.515   -13.669 1.00 17.92 ? 329 GLN A CG  1 
ATOM   257  C CD  . GLN A 1 34  ? 3.500   6.423   -14.707 1.00 19.37 ? 329 GLN A CD  1 
ATOM   258  O OE1 . GLN A 1 34  ? 4.314   6.376   -15.603 1.00 20.26 ? 329 GLN A OE1 1 
ATOM   259  N NE2 . GLN A 1 34  ? 2.672   5.476   -14.480 1.00 17.90 ? 329 GLN A NE2 1 
ATOM   260  N N   . ARG A 1 35  ? 5.441   8.199   -9.110  1.00 14.96 ? 330 ARG A N   1 
ATOM   261  C CA  . ARG A 1 35  ? 5.833   7.777   -7.810  1.00 15.81 ? 330 ARG A CA  1 
ATOM   262  C C   . ARG A 1 35  ? 4.994   8.392   -6.642  1.00 15.29 ? 330 ARG A C   1 
ATOM   263  O O   . ARG A 1 35  ? 5.163   7.931   -5.538  1.00 17.07 ? 330 ARG A O   1 
ATOM   264  C CB  . ARG A 1 35  ? 7.267   8.179   -7.528  1.00 17.85 ? 330 ARG A CB  1 
ATOM   265  C CG  . ARG A 1 35  ? 8.315   7.640   -8.441  1.00 20.41 ? 330 ARG A CG  1 
ATOM   266  C CD  . ARG A 1 35  ? 8.322   6.134   -8.510  1.00 22.53 ? 330 ARG A CD  1 
ATOM   267  N NE  . ARG A 1 35  ? 9.473   5.814   -9.343  1.00 26.27 ? 330 ARG A NE  1 
ATOM   268  C CZ  . ARG A 1 35  ? 10.158  4.674   -9.339  1.00 31.00 ? 330 ARG A CZ  1 
ATOM   269  N NH1 . ARG A 1 35  ? 9.840   3.628   -8.544  1.00 28.48 ? 330 ARG A NH1 1 
ATOM   270  N NH2 . ARG A 1 35  ? 11.191  4.595   -10.170 1.00 31.46 ? 330 ARG A NH2 1 
ATOM   271  N N   A SER A 1 36  ? 4.150   9.399   -6.872  0.50 14.50 ? 331 SER A N   1 
ATOM   272  N N   B SER A 1 36  ? 4.129   9.378   -6.875  0.50 14.38 ? 331 SER A N   1 
ATOM   273  C CA  A SER A 1 36  ? 3.450   10.051  -5.758  0.50 14.43 ? 331 SER A CA  1 
ATOM   274  C CA  B SER A 1 36  ? 3.427   10.019  -5.759  0.50 14.16 ? 331 SER A CA  1 
ATOM   275  C C   A SER A 1 36  ? 1.981   10.151  -6.069  0.50 14.93 ? 331 SER A C   1 
ATOM   276  C C   B SER A 1 36  ? 1.972   10.168  -6.070  0.50 14.77 ? 331 SER A C   1 
ATOM   277  O O   A SER A 1 36  ? 1.620   10.211  -7.231  0.50 14.62 ? 331 SER A O   1 
ATOM   278  O O   B SER A 1 36  ? 1.612   10.296  -7.225  0.50 14.46 ? 331 SER A O   1 
ATOM   279  C CB  A SER A 1 36  ? 4.028   11.446  -5.484  0.50 13.34 ? 331 SER A CB  1 
ATOM   280  C CB  B SER A 1 36  ? 4.042   11.384  -5.447  0.50 12.95 ? 331 SER A CB  1 
ATOM   281  O OG  A SER A 1 36  ? 5.398   11.555  -5.882  0.50 13.55 ? 331 SER A OG  1 
ATOM   282  O OG  B SER A 1 36  ? 3.369   12.039  -4.390  0.50 12.85 ? 331 SER A OG  1 
ATOM   283  N N   . VAL A 1 37  ? 1.132   10.141  -5.034  1.00 14.92 ? 332 VAL A N   1 
ATOM   284  C CA  . VAL A 1 37  ? -0.274  10.328  -5.232  1.00 15.74 ? 332 VAL A CA  1 
ATOM   285  C C   . VAL A 1 37  ? -0.763  11.382  -4.276  1.00 15.15 ? 332 VAL A C   1 
ATOM   286  O O   . VAL A 1 37  ? -0.303  11.461  -3.140  1.00 14.37 ? 332 VAL A O   1 
ATOM   287  C CB  . VAL A 1 37  ? -1.061  8.954   -5.178  1.00 17.14 ? 332 VAL A CB  1 
ATOM   288  C CG1 . VAL A 1 37  ? -0.832  8.228   -3.879  1.00 17.29 ? 332 VAL A CG1 1 
ATOM   289  C CG2 . VAL A 1 37  ? -2.561  9.097   -5.433  1.00 17.29 ? 332 VAL A CG2 1 
ATOM   290  N N   . GLN A 1 38  ? -1.703  12.183  -4.777  1.00 16.33 ? 333 GLN A N   1 
ATOM   291  C CA  . GLN A 1 38  ? -2.427  13.183  -3.997  1.00 16.46 ? 333 GLN A CA  1 
ATOM   292  C C   . GLN A 1 38  ? -3.916  13.043  -4.247  1.00 15.16 ? 333 GLN A C   1 
ATOM   293  O O   . GLN A 1 38  ? -4.342  12.278  -5.071  1.00 15.01 ? 333 GLN A O   1 
ATOM   294  C CB  . GLN A 1 38  ? -1.990  14.593  -4.353  1.00 16.02 ? 333 GLN A CB  1 
ATOM   295  C CG  . GLN A 1 38  ? -1.017  15.128  -3.326  1.00 17.06 ? 333 GLN A CG  1 
ATOM   296  C CD  . GLN A 1 38  ? -1.655  15.508  -1.999  1.00 15.59 ? 333 GLN A CD  1 
ATOM   297  O OE1 . GLN A 1 38  ? -0.925  16.070  -1.148  1.00 15.80 ? 333 GLN A OE1 1 
ATOM   298  N N   . ARG A 1 39  ? -4.701  13.827  -3.540  1.00 16.04 ? 334 ARG A N   1 
ATOM   299  C CA  . ARG A 1 39  ? -6.166  13.798  -3.674  1.00 17.08 ? 334 ARG A CA  1 
ATOM   300  C C   . ARG A 1 39  ? -6.616  15.189  -4.145  1.00 19.35 ? 334 ARG A C   1 
ATOM   301  O O   . ARG A 1 39  ? -6.062  16.266  -3.649  1.00 17.46 ? 334 ARG A O   1 
ATOM   302  C CB  . ARG A 1 39  ? -6.798  13.477  -2.351  1.00 16.58 ? 334 ARG A CB  1 
ATOM   303  C CG  . ARG A 1 39  ? -7.893  12.434  -2.411  1.00 18.27 ? 334 ARG A CG  1 
ATOM   304  C CD  . ARG A 1 39  ? -8.855  12.677  -1.263  1.00 19.36 ? 334 ARG A CD  1 
ATOM   305  N NE  . ARG A 1 39  ? -9.718  13.778  -1.626  1.00 17.53 ? 334 ARG A NE  1 
ATOM   306  C CZ  . ARG A 1 39  ? -10.694 14.274  -0.898  1.00 16.46 ? 334 ARG A CZ  1 
ATOM   307  N NH1 . ARG A 1 39  ? -10.967 13.832  0.308   1.00 16.06 ? 334 ARG A NH1 1 
ATOM   308  N NH2 . ARG A 1 39  ? -11.431 15.200  -1.440  1.00 17.74 ? 334 ARG A NH2 1 
ATOM   309  N N   . ALA A 1 40  ? -7.581  15.172  -5.076  1.00 16.51 ? 335 ALA A N   1 
ATOM   310  C CA  . ALA A 1 40  ? -8.309  16.387  -5.457  1.00 19.13 ? 335 ALA A CA  1 
ATOM   311  C C   . ALA A 1 40  ? -9.482  16.682  -4.537  1.00 20.96 ? 335 ALA A C   1 
ATOM   312  O O   . ALA A 1 40  ? -9.991  15.786  -3.837  1.00 20.49 ? 335 ALA A O   1 
ATOM   313  C CB  . ALA A 1 40  ? -8.786  16.302  -6.893  1.00 18.87 ? 335 ALA A CB  1 
ATOM   314  N N   . LYS A 1 41  ? -9.912  17.943  -4.523  1.00 22.85 ? 336 LYS A N   1 
ATOM   315  C CA  . LYS A 1 41  ? -11.166 18.314  -3.839  1.00 25.00 ? 336 LYS A CA  1 
ATOM   316  C C   . LYS A 1 41  ? -12.342 17.559  -4.439  1.00 23.24 ? 336 LYS A C   1 
ATOM   317  O O   . LYS A 1 41  ? -13.173 17.048  -3.720  1.00 26.85 ? 336 LYS A O   1 
ATOM   318  C CB  . LYS A 1 41  ? -11.418 19.809  -3.892  1.00 28.05 ? 336 LYS A CB  1 
ATOM   319  C CG  . LYS A 1 41  ? -10.382 20.594  -3.090  1.00 33.43 ? 336 LYS A CG  1 
ATOM   320  C CD  . LYS A 1 41  ? -10.865 21.995  -2.774  1.00 42.18 ? 336 LYS A CD  1 
ATOM   321  C CE  . LYS A 1 41  ? -12.007 21.978  -1.752  1.00 45.03 ? 336 LYS A CE  1 
ATOM   322  N NZ  . LYS A 1 41  ? -12.930 23.131  -2.015  1.00 47.94 ? 336 LYS A NZ  1 
ATOM   323  N N   . GLU A 1 42  ? -12.367 17.428  -5.748  1.00 22.23 ? 337 GLU A N   1 
ATOM   324  C CA  . GLU A 1 42  ? -13.491 16.843  -6.471  1.00 23.92 ? 337 GLU A CA  1 
ATOM   325  C C   . GLU A 1 42  ? -12.994 15.757  -7.429  1.00 20.92 ? 337 GLU A C   1 
ATOM   326  O O   . GLU A 1 42  ? -11.887 15.894  -7.961  1.00 20.50 ? 337 GLU A O   1 
ATOM   327  C CB  . GLU A 1 42  ? -14.210 17.959  -7.287  1.00 26.31 ? 337 GLU A CB  1 
ATOM   328  C CG  . GLU A 1 42  ? -15.130 18.779  -6.423  1.00 32.21 ? 337 GLU A CG  1 
ATOM   329  C CD  . GLU A 1 42  ? -15.088 20.283  -6.710  1.00 41.36 ? 337 GLU A CD  1 
ATOM   330  O OE1 . GLU A 1 42  ? -14.183 20.994  -6.181  1.00 48.54 ? 337 GLU A OE1 1 
ATOM   331  O OE2 . GLU A 1 42  ? -15.970 20.765  -7.440  1.00 42.33 ? 337 GLU A OE2 1 
ATOM   332  N N   . PRO A 1 43  ? -13.829 14.730  -7.707  1.00 21.85 ? 338 PRO A N   1 
ATOM   333  C CA  . PRO A 1 43  ? -13.475 13.699  -8.719  1.00 21.07 ? 338 PRO A CA  1 
ATOM   334  C C   . PRO A 1 43  ? -13.161 14.305  -10.122 1.00 24.12 ? 338 PRO A C   1 
ATOM   335  O O   . PRO A 1 43  ? -13.946 15.012  -10.672 1.00 23.95 ? 338 PRO A O   1 
ATOM   336  C CB  . PRO A 1 43  ? -14.732 12.861  -8.803  1.00 20.33 ? 338 PRO A CB  1 
ATOM   337  C CG  . PRO A 1 43  ? -15.408 13.059  -7.484  1.00 21.46 ? 338 PRO A CG  1 
ATOM   338  C CD  . PRO A 1 43  ? -15.180 14.489  -7.159  1.00 21.37 ? 338 PRO A CD  1 
ATOM   339  N N   . GLN A 1 44  ? -12.037 13.995  -10.710 1.00 25.91 ? 339 GLN A N   1 
ATOM   340  C CA  . GLN A 1 44  ? -11.682 14.520  -11.998 1.00 28.67 ? 339 GLN A CA  1 
ATOM   341  C C   . GLN A 1 44  ? -12.445 13.767  -13.050 1.00 29.27 ? 339 GLN A C   1 
ATOM   342  O O   . GLN A 1 44  ? -13.015 12.733  -12.758 1.00 23.19 ? 339 GLN A O   1 
ATOM   343  C CB  . GLN A 1 44  ? -10.167 14.413  -12.164 1.00 32.05 ? 339 GLN A CB  1 
ATOM   344  C CG  . GLN A 1 44  ? -9.456  15.294  -11.118 1.00 36.79 ? 339 GLN A CG  1 
ATOM   345  C CD  . GLN A 1 44  ? -9.873  16.775  -11.232 1.00 45.58 ? 339 GLN A CD  1 
ATOM   346  O OE1 . GLN A 1 44  ? -9.647  17.416  -12.278 1.00 49.66 ? 339 GLN A OE1 1 
ATOM   347  N NE2 . GLN A 1 44  ? -10.514 17.318  -10.173 1.00 47.78 ? 339 GLN A NE2 1 
ATOM   348  N N   . ASP A 1 45  ? -12.483 14.308  -14.266 1.00 31.09 ? 340 ASP A N   1 
ATOM   349  C CA  . ASP A 1 45  ? -13.257 13.722  -15.365 1.00 35.21 ? 340 ASP A CA  1 
ATOM   350  C C   . ASP A 1 45  ? -12.441 12.652  -16.062 1.00 33.45 ? 340 ASP A C   1 
ATOM   351  O O   . ASP A 1 45  ? -11.604 12.949  -16.901 1.00 30.37 ? 340 ASP A O   1 
ATOM   352  C CB  . ASP A 1 45  ? -13.687 14.833  -16.336 1.00 41.98 ? 340 ASP A CB  1 
ATOM   353  C CG  . ASP A 1 45  ? -14.784 15.726  -15.758 1.00 49.73 ? 340 ASP A CG  1 
ATOM   354  O OD1 . ASP A 1 45  ? -15.371 15.391  -14.696 1.00 60.32 ? 340 ASP A OD1 1 
ATOM   355  O OD2 . ASP A 1 45  ? -15.069 16.787  -16.358 1.00 60.21 ? 340 ASP A OD2 1 
ATOM   356  N N   . LEU A 1 46  ? -12.675 11.388  -15.697 1.00 33.25 ? 341 LEU A N   1 
ATOM   357  C CA  . LEU A 1 46  ? -11.946 10.254  -16.255 1.00 29.59 ? 341 LEU A CA  1 
ATOM   358  C C   . LEU A 1 46  ? -12.901 9.127   -16.654 1.00 28.59 ? 341 LEU A C   1 
ATOM   359  O O   . LEU A 1 46  ? -13.981 9.030   -16.097 1.00 26.23 ? 341 LEU A O   1 
ATOM   360  C CB  . LEU A 1 46  ? -10.961 9.747   -15.198 1.00 29.22 ? 341 LEU A CB  1 
ATOM   361  C CG  . LEU A 1 46  ? -9.760  10.685  -14.999 1.00 33.08 ? 341 LEU A CG  1 
ATOM   362  C CD1 . LEU A 1 46  ? -9.090  10.570  -13.631 1.00 31.26 ? 341 LEU A CD1 1 
ATOM   363  C CD2 . LEU A 1 46  ? -8.747  10.469  -16.130 1.00 32.19 ? 341 LEU A CD2 1 
ATOM   364  N N   . PRO A 1 47  ? -12.483 8.241   -17.596 1.00 29.74 ? 342 PRO A N   1 
ATOM   365  C CA  . PRO A 1 47  ? -13.324 7.043   -17.888 1.00 30.70 ? 342 PRO A CA  1 
ATOM   366  C C   . PRO A 1 47  ? -13.534 6.096   -16.692 1.00 33.61 ? 342 PRO A C   1 
ATOM   367  O O   . PRO A 1 47  ? -12.668 6.012   -15.798 1.00 25.59 ? 342 PRO A O   1 
ATOM   368  C CB  . PRO A 1 47  ? -12.548 6.285   -18.966 1.00 31.15 ? 342 PRO A CB  1 
ATOM   369  C CG  . PRO A 1 47  ? -11.235 6.950   -19.126 1.00 28.66 ? 342 PRO A CG  1 
ATOM   370  C CD  . PRO A 1 47  ? -11.205 8.227   -18.321 1.00 29.52 ? 342 PRO A CD  1 
ATOM   371  N N   . ASP A 1 48  ? -14.631 5.331   -16.743 1.00 33.47 ? 343 ASP A N   1 
ATOM   372  C CA  . ASP A 1 48  ? -14.845 4.256   -15.811 1.00 35.64 ? 343 ASP A CA  1 
ATOM   373  C C   . ASP A 1 48  ? -14.420 2.939   -16.485 1.00 37.04 ? 343 ASP A C   1 
ATOM   374  O O   . ASP A 1 48  ? -15.193 1.999   -16.558 1.00 38.86 ? 343 ASP A O   1 
ATOM   375  C CB  . ASP A 1 48  ? -16.304 4.279   -15.263 1.00 35.10 ? 343 ASP A CB  1 
ATOM   376  C CG  . ASP A 1 48  ? -16.460 3.511   -13.948 1.00 36.55 ? 343 ASP A CG  1 
ATOM   377  O OD1 . ASP A 1 48  ? -15.481 3.252   -13.223 1.00 37.48 ? 343 ASP A OD1 1 
ATOM   378  O OD2 . ASP A 1 48  ? -17.589 3.131   -13.628 1.00 40.88 ? 343 ASP A OD2 1 
ATOM   379  N N   . ASN A 1 49  ? -13.163 2.902   -16.961 1.00 32.17 ? 344 ASN A N   1 
ATOM   380  C CA  . ASN A 1 49  ? -12.519 1.710   -17.541 1.00 27.59 ? 344 ASN A CA  1 
ATOM   381  C C   . ASN A 1 49  ? -12.417 0.606   -16.477 1.00 27.82 ? 344 ASN A C   1 
ATOM   382  O O   . ASN A 1 49  ? -12.412 0.920   -15.282 1.00 20.88 ? 344 ASN A O   1 
ATOM   383  C CB  . ASN A 1 49  ? -11.142 2.072   -18.143 1.00 26.26 ? 344 ASN A CB  1 
ATOM   384  C CG  . ASN A 1 49  ? -10.204 2.811   -17.134 1.00 26.50 ? 344 ASN A CG  1 
ATOM   385  O OD1 . ASN A 1 49  ? -10.469 3.945   -16.715 1.00 23.99 ? 344 ASN A OD1 1 
ATOM   386  N ND2 . ASN A 1 49  ? -9.163  2.151   -16.718 1.00 23.83 ? 344 ASN A ND2 1 
ATOM   387  N N   . PRO A 1 50  ? -12.398 -0.698  -16.897 1.00 27.46 ? 345 PRO A N   1 
ATOM   388  C CA  . PRO A 1 50  ? -12.456 -1.813  -15.929 1.00 27.66 ? 345 PRO A CA  1 
ATOM   389  C C   . PRO A 1 50  ? -11.396 -1.826  -14.795 1.00 24.40 ? 345 PRO A C   1 
ATOM   390  O O   . PRO A 1 50  ? -11.699 -2.225  -13.682 1.00 24.40 ? 345 PRO A O   1 
ATOM   391  C CB  . PRO A 1 50  ? -12.312 -3.067  -16.811 1.00 28.79 ? 345 PRO A CB  1 
ATOM   392  C CG  . PRO A 1 50  ? -12.599 -2.626  -18.193 1.00 29.49 ? 345 PRO A CG  1 
ATOM   393  C CD  . PRO A 1 50  ? -12.146 -1.201  -18.266 1.00 29.83 ? 345 PRO A CD  1 
ATOM   394  N N   . GLU A 1 51  ? -10.212 -1.304  -15.062 1.00 22.57 ? 346 GLU A N   1 
ATOM   395  C CA  . GLU A 1 51  ? -9.097  -1.359  -14.107 1.00 21.95 ? 346 GLU A CA  1 
ATOM   396  C C   . GLU A 1 51  ? -9.207  -0.347  -12.990 1.00 20.32 ? 346 GLU A C   1 
ATOM   397  O O   . GLU A 1 51  ? -8.482  -0.477  -11.983 1.00 20.18 ? 346 GLU A O   1 
ATOM   398  C CB  . GLU A 1 51  ? -7.748  -1.089  -14.827 1.00 24.90 ? 346 GLU A CB  1 
ATOM   399  C CG  . GLU A 1 51  ? -7.398  -2.005  -16.008 1.00 27.55 ? 346 GLU A CG  1 
ATOM   400  C CD  . GLU A 1 51  ? -8.150  -1.692  -17.324 1.00 29.58 ? 346 GLU A CD  1 
ATOM   401  O OE1 . GLU A 1 51  ? -8.846  -0.676  -17.483 1.00 30.11 ? 346 GLU A OE1 1 
ATOM   402  O OE2 . GLU A 1 51  ? -8.098  -2.519  -18.233 1.00 36.26 ? 346 GLU A OE2 1 
ATOM   403  N N   . ARG A 1 52  ? -10.090 0.638   -13.136 1.00 18.64 ? 347 ARG A N   1 
ATOM   404  C CA  . ARG A 1 52  ? -10.187 1.761   -12.175 1.00 19.75 ? 347 ARG A CA  1 
ATOM   405  C C   . ARG A 1 52  ? -11.024 1.426   -10.988 1.00 19.32 ? 347 ARG A C   1 
ATOM   406  O O   . ARG A 1 52  ? -12.119 0.899   -11.109 1.00 20.39 ? 347 ARG A O   1 
ATOM   407  C CB  . ARG A 1 52  ? -10.717 3.033   -12.845 1.00 18.28 ? 347 ARG A CB  1 
ATOM   408  C CG  . ARG A 1 52  ? -10.350 4.294   -12.107 1.00 18.32 ? 347 ARG A CG  1 
ATOM   409  C CD  . ARG A 1 52  ? -10.827 5.578   -12.772 1.00 19.24 ? 347 ARG A CD  1 
ATOM   410  N NE  . ARG A 1 52  ? -10.303 5.736   -14.143 1.00 18.46 ? 347 ARG A NE  1 
ATOM   411  C CZ  . ARG A 1 52  ? -9.081  6.121   -14.443 1.00 17.88 ? 347 ARG A CZ  1 
ATOM   412  N NH1 . ARG A 1 52  ? -8.201  6.406   -13.492 1.00 18.58 ? 347 ARG A NH1 1 
ATOM   413  N NH2 . ARG A 1 52  ? -8.715  6.175   -15.732 1.00 17.89 ? 347 ARG A NH2 1 
ATOM   414  N N   . PHE A 1 53  ? -10.491 1.752   -9.831  1.00 18.70 ? 348 PHE A N   1 
ATOM   415  C CA  . PHE A 1 53  ? -11.252 1.748   -8.594  1.00 18.69 ? 348 PHE A CA  1 
ATOM   416  C C   . PHE A 1 53  ? -12.232 2.894   -8.635  1.00 19.78 ? 348 PHE A C   1 
ATOM   417  O O   . PHE A 1 53  ? -11.812 4.057   -8.697  1.00 20.93 ? 348 PHE A O   1 
ATOM   418  C CB  . PHE A 1 53  ? -10.341 1.921   -7.401  1.00 18.75 ? 348 PHE A CB  1 
ATOM   419  C CG  . PHE A 1 53  ? -9.572  0.683   -7.045  1.00 18.64 ? 348 PHE A CG  1 
ATOM   420  C CD1 . PHE A 1 53  ? -8.304  0.442   -7.588  1.00 20.23 ? 348 PHE A CD1 1 
ATOM   421  C CD2 . PHE A 1 53  ? -10.090 -0.225  -6.121  1.00 18.15 ? 348 PHE A CD2 1 
ATOM   422  C CE1 . PHE A 1 53  ? -7.594  -0.695  -7.221  1.00 22.84 ? 348 PHE A CE1 1 
ATOM   423  C CE2 . PHE A 1 53  ? -9.374  -1.341  -5.720  1.00 18.62 ? 348 PHE A CE2 1 
ATOM   424  C CZ  . PHE A 1 53  ? -8.124  -1.592  -6.279  1.00 21.17 ? 348 PHE A CZ  1 
ATOM   425  N N   . ASN A 1 54  ? -13.542 2.594   -8.599  1.00 16.80 ? 349 ASN A N   1 
ATOM   426  C CA  . ASN A 1 54  ? -14.469 3.679   -8.779  1.00 17.05 ? 349 ASN A CA  1 
ATOM   427  C C   . ASN A 1 54  ? -15.091 4.157   -7.481  1.00 16.05 ? 349 ASN A C   1 
ATOM   428  O O   . ASN A 1 54  ? -15.742 5.120   -7.538  1.00 15.64 ? 349 ASN A O   1 
ATOM   429  C CB  . ASN A 1 54  ? -15.531 3.379   -9.822  1.00 17.25 ? 349 ASN A CB  1 
ATOM   430  C CG  . ASN A 1 54  ? -16.604 2.510   -9.290  1.00 18.50 ? 349 ASN A CG  1 
ATOM   431  O OD1 . ASN A 1 54  ? -16.520 2.034   -8.146  1.00 18.28 ? 349 ASN A OD1 1 
ATOM   432  N ND2 . ASN A 1 54  ? -17.680 2.348   -10.087 1.00 17.39 ? 349 ASN A ND2 1 
ATOM   433  N N   . TRP A 1 55  ? -14.832 3.469   -6.364  1.00 15.45 ? 350 TRP A N   1 
ATOM   434  C CA  . TRP A 1 55  ? -15.309 3.789   -5.051  1.00 16.14 ? 350 TRP A CA  1 
ATOM   435  C C   . TRP A 1 55  ? -14.190 4.008   -4.052  1.00 17.53 ? 350 TRP A C   1 
ATOM   436  O O   . TRP A 1 55  ? -14.134 5.048   -3.356  1.00 15.04 ? 350 TRP A O   1 
ATOM   437  C CB  . TRP A 1 55  ? -16.283 2.683   -4.538  1.00 16.30 ? 350 TRP A CB  1 
ATOM   438  C CG  . TRP A 1 55  ? -16.788 3.011   -3.178  1.00 17.36 ? 350 TRP A CG  1 
ATOM   439  C CD1 . TRP A 1 55  ? -16.283 2.559   -1.999  1.00 21.29 ? 350 TRP A CD1 1 
ATOM   440  C CD2 . TRP A 1 55  ? -17.830 3.914   -2.835  1.00 19.68 ? 350 TRP A CD2 1 
ATOM   441  N NE1 . TRP A 1 55  ? -16.930 3.131   -0.941  1.00 20.95 ? 350 TRP A NE1 1 
ATOM   442  C CE2 . TRP A 1 55  ? -17.924 3.928   -1.423  1.00 20.61 ? 350 TRP A CE2 1 
ATOM   443  C CE3 . TRP A 1 55  ? -18.732 4.681   -3.576  1.00 17.89 ? 350 TRP A CE3 1 
ATOM   444  C CZ2 . TRP A 1 55  ? -18.860 4.740   -0.729  1.00 24.67 ? 350 TRP A CZ2 1 
ATOM   445  C CZ3 . TRP A 1 55  ? -19.685 5.504   -2.874  1.00 20.00 ? 350 TRP A CZ3 1 
ATOM   446  C CH2 . TRP A 1 55  ? -19.726 5.530   -1.501  1.00 19.75 ? 350 TRP A CH2 1 
ATOM   447  N N   . HIS A 1 56  ? -13.361 2.971   -3.848  1.00 17.26 ? 351 HIS A N   1 
ATOM   448  C CA  . HIS A 1 56  ? -12.243 3.160   -2.928  1.00 18.11 ? 351 HIS A CA  1 
ATOM   449  C C   . HIS A 1 56  ? -11.215 4.081   -3.482  1.00 16.55 ? 351 HIS A C   1 
ATOM   450  O O   . HIS A 1 56  ? -10.953 4.036   -4.652  1.00 16.41 ? 351 HIS A O   1 
ATOM   451  C CB  . HIS A 1 56  ? -11.588 1.848   -2.516  1.00 18.07 ? 351 HIS A CB  1 
ATOM   452  C CG  . HIS A 1 56  ? -12.226 1.211   -1.336  1.00 17.42 ? 351 HIS A CG  1 
ATOM   453  N ND1 . HIS A 1 56  ? -12.239 1.797   -0.091  1.00 21.26 ? 351 HIS A ND1 1 
ATOM   454  C CD2 . HIS A 1 56  ? -12.877 0.039   -1.205  1.00 20.53 ? 351 HIS A CD2 1 
ATOM   455  C CE1 . HIS A 1 56  ? -12.819 0.988   0.774   1.00 21.82 ? 351 HIS A CE1 1 
ATOM   456  N NE2 . HIS A 1 56  ? -13.194 -0.100  0.125   1.00 19.61 ? 351 HIS A NE2 1 
ATOM   457  N N   . TYR A 1 57  ? -10.637 4.907   -2.614  1.00 15.94 ? 352 TYR A N   1 
ATOM   458  C CA  . TYR A 1 57  ? -9.666  5.903   -3.053  1.00 17.05 ? 352 TYR A CA  1 
ATOM   459  C C   . TYR A 1 57  ? -8.278  5.258   -3.179  1.00 17.70 ? 352 TYR A C   1 
ATOM   460  O O   . TYR A 1 57  ? -7.282  5.680   -2.509  1.00 17.07 ? 352 TYR A O   1 
ATOM   461  C CB  . TYR A 1 57  ? -9.634  7.090   -2.085  1.00 16.46 ? 352 TYR A CB  1 
ATOM   462  C CG  . TYR A 1 57  ? -10.839 8.018   -2.040  1.00 15.36 ? 352 TYR A CG  1 
ATOM   463  C CD1 . TYR A 1 57  ? -12.037 7.719   -2.685  1.00 15.14 ? 352 TYR A CD1 1 
ATOM   464  C CD2 . TYR A 1 57  ? -10.780 9.202   -1.255  1.00 15.72 ? 352 TYR A CD2 1 
ATOM   465  C CE1 . TYR A 1 57  ? -13.163 8.600   -2.585  1.00 16.48 ? 352 TYR A CE1 1 
ATOM   466  C CE2 . TYR A 1 57  ? -11.861 10.077  -1.161  1.00 15.00 ? 352 TYR A CE2 1 
ATOM   467  C CZ  . TYR A 1 57  ? -13.051 9.761   -1.782  1.00 15.24 ? 352 TYR A CZ  1 
ATOM   468  O OH  . TYR A 1 57  ? -14.096 10.632  -1.710  1.00 16.04 ? 352 TYR A OH  1 
ATOM   469  N N   . CYS A 1 58  ? -8.216  4.286   -4.090  1.00 16.62 ? 353 CYS A N   1 
ATOM   470  C CA  . CYS A 1 58  ? -7.055  3.438   -4.302  1.00 16.80 ? 353 CYS A CA  1 
ATOM   471  C C   . CYS A 1 58  ? -6.432  3.596   -5.690  1.00 16.41 ? 353 CYS A C   1 
ATOM   472  O O   . CYS A 1 58  ? -7.052  3.980   -6.683  1.00 16.72 ? 353 CYS A O   1 
ATOM   473  C CB  . CYS A 1 58  ? -7.474  1.964   -4.151  1.00 16.78 ? 353 CYS A CB  1 
ATOM   474  S SG  . CYS A 1 58  ? -7.808  1.536   -2.413  1.00 19.26 ? 353 CYS A SG  1 
ATOM   475  N N   . VAL A 1 59  ? -5.188  3.187   -5.728  1.00 15.71 ? 354 VAL A N   1 
ATOM   476  C CA  . VAL A 1 59  ? -4.342  3.118   -6.878  1.00 16.06 ? 354 VAL A CA  1 
ATOM   477  C C   . VAL A 1 59  ? -3.365  1.957   -6.688  1.00 15.06 ? 354 VAL A C   1 
ATOM   478  O O   . VAL A 1 59  ? -2.873  1.739   -5.551  1.00 14.69 ? 354 VAL A O   1 
ATOM   479  C CB  . VAL A 1 59  ? -3.567  4.445   -7.114  1.00 16.02 ? 354 VAL A CB  1 
ATOM   480  C CG1 . VAL A 1 59  ? -2.689  4.888   -5.939  1.00 16.24 ? 354 VAL A CG1 1 
ATOM   481  C CG2 . VAL A 1 59  ? -2.737  4.370   -8.390  1.00 15.89 ? 354 VAL A CG2 1 
ATOM   482  N N   . LEU A 1 60  ? -3.093  1.257   -7.793  1.00 14.47 ? 355 LEU A N   1 
ATOM   483  C CA  . LEU A 1 60  ? -2.166  0.094   -7.827  1.00 15.32 ? 355 LEU A CA  1 
ATOM   484  C C   . LEU A 1 60  ? -0.877  0.401   -8.483  1.00 14.17 ? 355 LEU A C   1 
ATOM   485  O O   . LEU A 1 60  ? -0.768  1.328   -9.264  1.00 14.86 ? 355 LEU A O   1 
ATOM   486  C CB  . LEU A 1 60  ? -2.717  -1.107  -8.619  1.00 15.14 ? 355 LEU A CB  1 
ATOM   487  C CG  . LEU A 1 60  ? -4.104  -1.583  -8.220  1.00 15.53 ? 355 LEU A CG  1 
ATOM   488  C CD1 . LEU A 1 60  ? -4.366  -2.917  -8.958  1.00 14.74 ? 355 LEU A CD1 1 
ATOM   489  C CD2 . LEU A 1 60  ? -4.225  -1.808  -6.731  1.00 17.31 ? 355 LEU A CD2 1 
ATOM   490  N N   . GLY A 1 61  ? 0.123   -0.386  -8.141  1.00 15.09 ? 356 GLY A N   1 
ATOM   491  C CA  . GLY A 1 61  ? 1.286   -0.516  -8.982  1.00 15.01 ? 356 GLY A CA  1 
ATOM   492  C C   . GLY A 1 61  ? 0.980   -1.001  -10.399 1.00 15.54 ? 356 GLY A C   1 
ATOM   493  O O   . GLY A 1 61  ? -0.068  -1.606  -10.637 1.00 15.12 ? 356 GLY A O   1 
ATOM   494  N N   . CYS A 1 62  ? 1.869   -0.653  -11.335 1.00 16.47 ? 357 CYS A N   1 
ATOM   495  C CA  . CYS A 1 62  ? 1.770   -1.115  -12.732 1.00 20.08 ? 357 CYS A CA  1 
ATOM   496  C C   . CYS A 1 62  ? 2.027   -2.594  -12.877 1.00 19.96 ? 357 CYS A C   1 
ATOM   497  O O   . CYS A 1 62  ? 1.556   -3.180  -13.834 1.00 21.73 ? 357 CYS A O   1 
ATOM   498  C CB  . CYS A 1 62  ? 2.775   -0.422  -13.628 1.00 19.66 ? 357 CYS A CB  1 
ATOM   499  S SG  . CYS A 1 62  ? 2.210   1.166   -14.145 1.00 25.87 ? 357 CYS A SG  1 
ATOM   500  N N   . GLU A 1 63  ? 2.812   -3.183  -11.968 1.00 20.57 ? 358 GLU A N   1 
ATOM   501  C CA  . GLU A 1 63  ? 3.191   -4.580  -12.060 1.00 22.75 ? 358 GLU A CA  1 
ATOM   502  C C   . GLU A 1 63  ? 2.729   -5.402  -10.869 1.00 20.34 ? 358 GLU A C   1 
ATOM   503  O O   . GLU A 1 63  ? 2.732   -4.939  -9.759  1.00 18.40 ? 358 GLU A O   1 
ATOM   504  C CB  . GLU A 1 63  ? 4.729   -4.737  -12.211 1.00 25.19 ? 358 GLU A CB  1 
ATOM   505  C CG  . GLU A 1 63  ? 5.368   -3.959  -13.371 1.00 31.37 ? 358 GLU A CG  1 
ATOM   506  C CD  . GLU A 1 63  ? 5.030   -4.415  -14.805 1.00 42.64 ? 358 GLU A CD  1 
ATOM   507  O OE1 . GLU A 1 63  ? 4.471   -5.529  -15.041 1.00 50.04 ? 358 GLU A OE1 1 
ATOM   508  O OE2 . GLU A 1 63  ? 5.348   -3.627  -15.738 1.00 47.02 ? 358 GLU A OE2 1 
ATOM   509  N N   . SER A 1 64  ? 2.395   -6.664  -11.118 1.00 17.31 ? 359 SER A N   1 
ATOM   510  C CA  . SER A 1 64  ? 2.041   -7.602  -10.072 1.00 17.81 ? 359 SER A CA  1 
ATOM   511  C C   . SER A 1 64  ? 3.055   -8.700  -9.889  1.00 17.47 ? 359 SER A C   1 
ATOM   512  O O   . SER A 1 64  ? 3.999   -8.837  -10.702 1.00 13.18 ? 359 SER A O   1 
ATOM   513  C CB  . SER A 1 64  ? 0.697   -8.242  -10.343 1.00 18.76 ? 359 SER A CB  1 
ATOM   514  O OG  . SER A 1 64  ? 0.659   -8.819  -11.609 1.00 17.01 ? 359 SER A OG  1 
ATOM   515  N N   . PHE A 1 65  ? 2.907   -9.417  -8.784  1.00 16.21 ? 360 PHE A N   1 
ATOM   516  C CA  . PHE A 1 65  ? 3.831   -10.524 -8.431  1.00 17.20 ? 360 PHE A CA  1 
ATOM   517  C C   . PHE A 1 65  ? 3.116   -11.898 -8.276  1.00 17.33 ? 360 PHE A C   1 
ATOM   518  O O   . PHE A 1 65  ? 2.101   -11.927 -7.595  1.00 15.35 ? 360 PHE A O   1 
ATOM   519  C CB  . PHE A 1 65  ? 4.608   -10.234 -7.161  1.00 15.71 ? 360 PHE A CB  1 
ATOM   520  C CG  . PHE A 1 65  ? 5.218   -8.884  -7.150  1.00 17.45 ? 360 PHE A CG  1 
ATOM   521  C CD1 . PHE A 1 65  ? 6.391   -8.646  -7.861  1.00 17.09 ? 360 PHE A CD1 1 
ATOM   522  C CD2 . PHE A 1 65  ? 4.616   -7.843  -6.444  1.00 16.16 ? 360 PHE A CD2 1 
ATOM   523  C CE1 . PHE A 1 65  ? 6.936   -7.380  -7.916  1.00 18.97 ? 360 PHE A CE1 1 
ATOM   524  C CE2 . PHE A 1 65  ? 5.184   -6.561  -6.440  1.00 17.54 ? 360 PHE A CE2 1 
ATOM   525  C CZ  . PHE A 1 65  ? 6.347   -6.328  -7.180  1.00 19.75 ? 360 PHE A CZ  1 
ATOM   526  N N   . ILE A 1 66  ? 3.673   -12.998 -8.877  1.00 16.46 ? 361 ILE A N   1 
ATOM   527  C CA  . ILE A 1 66  ? 3.080   -14.361 -8.719  1.00 18.56 ? 361 ILE A CA  1 
ATOM   528  C C   . ILE A 1 66  ? 4.020   -15.341 -8.020  1.00 19.02 ? 361 ILE A C   1 
ATOM   529  O O   . ILE A 1 66  ? 3.678   -16.498 -7.856  1.00 18.08 ? 361 ILE A O   1 
ATOM   530  C CB  . ILE A 1 66  ? 2.491   -14.981 -10.043 1.00 19.41 ? 361 ILE A CB  1 
ATOM   531  C CG1 . ILE A 1 66  ? 3.466   -14.901 -11.218 1.00 21.35 ? 361 ILE A CG1 1 
ATOM   532  C CG2 . ILE A 1 66  ? 1.271   -14.223 -10.459 1.00 17.86 ? 361 ILE A CG2 1 
ATOM   533  C CD1 . ILE A 1 66  ? 4.775   -15.570 -10.983 1.00 23.87 ? 361 ILE A CD1 1 
ATOM   534  N N   . SER A 1 67  ? 5.203   -14.851 -7.654  1.00 19.77 ? 362 SER A N   1 
ATOM   535  C CA  . SER A 1 67  ? 6.178   -15.616 -6.919  1.00 20.05 ? 362 SER A CA  1 
ATOM   536  C C   . SER A 1 67  ? 7.249   -14.729 -6.358  1.00 19.78 ? 362 SER A C   1 
ATOM   537  O O   . SER A 1 67  ? 7.406   -13.587 -6.769  1.00 23.45 ? 362 SER A O   1 
ATOM   538  C CB  . SER A 1 67  ? 6.863   -16.614 -7.865  1.00 19.78 ? 362 SER A CB  1 
ATOM   539  O OG  . SER A 1 67  ? 7.602   -15.981 -8.893  1.00 19.25 ? 362 SER A OG  1 
ATOM   540  N N   . GLY A 1 68  ? 8.072   -15.313 -5.515  1.00 20.15 ? 363 GLY A N   1 
ATOM   541  C CA  . GLY A 1 68  ? 9.306   -14.730 -5.092  1.00 20.97 ? 363 GLY A CA  1 
ATOM   542  C C   . GLY A 1 68  ? 9.183   -13.728 -3.977  1.00 21.59 ? 363 GLY A C   1 
ATOM   543  O O   . GLY A 1 68  ? 8.128   -13.505 -3.457  1.00 19.83 ? 363 GLY A O   1 
ATOM   544  N N   . ARG A 1 69  ? 10.313  -13.098 -3.686  1.00 20.52 ? 364 ARG A N   1 
ATOM   545  C CA  . ARG A 1 69  ? 10.463  -12.145 -2.634  1.00 19.62 ? 364 ARG A CA  1 
ATOM   546  C C   . ARG A 1 69  ? 10.759  -10.768 -3.158  1.00 17.47 ? 364 ARG A C   1 
ATOM   547  O O   . ARG A 1 69  ? 11.670  -10.604 -3.904  1.00 16.53 ? 364 ARG A O   1 
ATOM   548  C CB  . ARG A 1 69  ? 11.576  -12.591 -1.708  1.00 22.93 ? 364 ARG A CB  1 
ATOM   549  C CG  . ARG A 1 69  ? 11.222  -13.819 -0.883  1.00 27.12 ? 364 ARG A CG  1 
ATOM   550  C CD  . ARG A 1 69  ? 12.078  -13.895 0.388   1.00 31.19 ? 364 ARG A CD  1 
ATOM   551  N NE  . ARG A 1 69  ? 13.463  -14.073 0.017   1.00 33.51 ? 364 ARG A NE  1 
ATOM   552  C CZ  . ARG A 1 69  ? 13.953  -15.201 -0.457  1.00 37.31 ? 364 ARG A CZ  1 
ATOM   553  N NH1 . ARG A 1 69  ? 13.164  -16.260 -0.588  1.00 38.96 ? 364 ARG A NH1 1 
ATOM   554  N NH2 . ARG A 1 69  ? 15.235  -15.264 -0.806  1.00 36.92 ? 364 ARG A NH2 1 
ATOM   555  N N   . HIS A 1 70  ? 9.988   -9.774  -2.720  1.00 16.20 ? 365 HIS A N   1 
ATOM   556  C CA  . HIS A 1 70  ? 9.940   -8.448  -3.301  1.00 15.24 ? 365 HIS A CA  1 
ATOM   557  C C   . HIS A 1 70  ? 9.778   -7.408  -2.186  1.00 16.50 ? 365 HIS A C   1 
ATOM   558  O O   . HIS A 1 70  ? 9.183   -7.692  -1.179  1.00 18.36 ? 365 HIS A O   1 
ATOM   559  C CB  . HIS A 1 70  ? 8.766   -8.397  -4.287  1.00 15.70 ? 365 HIS A CB  1 
ATOM   560  C CG  . HIS A 1 70  ? 8.870   -9.456  -5.367  1.00 16.26 ? 365 HIS A CG  1 
ATOM   561  N ND1 . HIS A 1 70  ? 9.634   -9.282  -6.502  1.00 17.47 ? 365 HIS A ND1 1 
ATOM   562  C CD2 . HIS A 1 70  ? 8.378   -10.719 -5.431  1.00 17.02 ? 365 HIS A CD2 1 
ATOM   563  C CE1 . HIS A 1 70  ? 9.618   -10.400 -7.224  1.00 18.62 ? 365 HIS A CE1 1 
ATOM   564  N NE2 . HIS A 1 70  ? 8.855   -11.284 -6.597  1.00 18.85 ? 365 HIS A NE2 1 
ATOM   565  N N   . TYR A 1 71  ? 10.286  -6.198  -2.361  1.00 16.95 ? 366 TYR A N   1 
ATOM   566  C CA  . TYR A 1 71  ? 10.025  -5.096  -1.383  1.00 15.47 ? 366 TYR A CA  1 
ATOM   567  C C   . TYR A 1 71  ? 10.025  -3.741  -2.055  1.00 15.29 ? 366 TYR A C   1 
ATOM   568  O O   . TYR A 1 71  ? 10.588  -3.553  -3.143  1.00 15.02 ? 366 TYR A O   1 
ATOM   569  C CB  . TYR A 1 71  ? 11.030  -5.092  -0.163  1.00 14.62 ? 366 TYR A CB  1 
ATOM   570  C CG  . TYR A 1 71  ? 12.276  -4.314  -0.468  1.00 13.70 ? 366 TYR A CG  1 
ATOM   571  C CD1 . TYR A 1 71  ? 13.332  -4.931  -1.129  1.00 14.34 ? 366 TYR A CD1 1 
ATOM   572  C CD2 . TYR A 1 71  ? 12.425  -3.009  -0.105  1.00 13.98 ? 366 TYR A CD2 1 
ATOM   573  C CE1 . TYR A 1 71  ? 14.480  -4.259  -1.451  1.00 14.18 ? 366 TYR A CE1 1 
ATOM   574  C CE2 . TYR A 1 71  ? 13.572  -2.262  -0.488  1.00 14.72 ? 366 TYR A CE2 1 
ATOM   575  C CZ  . TYR A 1 71  ? 14.613  -2.918  -1.118  1.00 15.18 ? 366 TYR A CZ  1 
ATOM   576  O OH  . TYR A 1 71  ? 15.756  -2.266  -1.516  1.00 15.40 ? 366 TYR A OH  1 
ATOM   577  N N   . TRP A 1 72  ? 9.365   -2.776  -1.399  1.00 14.72 ? 367 TRP A N   1 
ATOM   578  C CA  . TRP A 1 72  ? 9.445   -1.389  -1.820  1.00 14.39 ? 367 TRP A CA  1 
ATOM   579  C C   . TRP A 1 72  ? 9.232   -0.525  -0.597  1.00 13.81 ? 367 TRP A C   1 
ATOM   580  O O   . TRP A 1 72  ? 8.813   -0.996  0.440   1.00 12.74 ? 367 TRP A O   1 
ATOM   581  C CB  . TRP A 1 72  ? 8.372   -1.032  -2.849  1.00 14.71 ? 367 TRP A CB  1 
ATOM   582  C CG  . TRP A 1 72  ? 6.938   -1.492  -2.489  1.00 14.16 ? 367 TRP A CG  1 
ATOM   583  C CD1 . TRP A 1 72  ? 5.915   -0.729  -1.890  1.00 13.97 ? 367 TRP A CD1 1 
ATOM   584  C CD2 . TRP A 1 72  ? 6.378   -2.792  -2.708  1.00 13.95 ? 367 TRP A CD2 1 
ATOM   585  N NE1 . TRP A 1 72  ? 4.775   -1.496  -1.784  1.00 14.59 ? 367 TRP A NE1 1 
ATOM   586  C CE2 . TRP A 1 72  ? 5.037   -2.761  -2.246  1.00 14.25 ? 367 TRP A CE2 1 
ATOM   587  C CE3 . TRP A 1 72  ? 6.892   -3.994  -3.222  1.00 15.11 ? 367 TRP A CE3 1 
ATOM   588  C CZ2 . TRP A 1 72  ? 4.182   -3.900  -2.310  1.00 16.30 ? 367 TRP A CZ2 1 
ATOM   589  C CZ3 . TRP A 1 72  ? 6.081   -5.126  -3.251  1.00 15.51 ? 367 TRP A CZ3 1 
ATOM   590  C CH2 . TRP A 1 72  ? 4.717   -5.066  -2.831  1.00 16.42 ? 367 TRP A CH2 1 
ATOM   591  N N   . GLU A 1 73  ? 9.531   0.738   -0.715  1.00 13.31 ? 368 GLU A N   1 
ATOM   592  C CA  . GLU A 1 73  ? 9.501   1.637   0.468   1.00 13.61 ? 368 GLU A CA  1 
ATOM   593  C C   . GLU A 1 73  ? 8.644   2.832   0.077   1.00 15.27 ? 368 GLU A C   1 
ATOM   594  O O   . GLU A 1 73  ? 8.673   3.262   -1.100  1.00 14.30 ? 368 GLU A O   1 
ATOM   595  C CB  . GLU A 1 73  ? 10.928  2.082   0.823   1.00 15.90 ? 368 GLU A CB  1 
ATOM   596  C CG  . GLU A 1 73  ? 11.719  0.915   1.434   1.00 17.35 ? 368 GLU A CG  1 
ATOM   597  C CD  . GLU A 1 73  ? 13.154  1.207   1.780   1.00 18.69 ? 368 GLU A CD  1 
ATOM   598  O OE1 . GLU A 1 73  ? 13.702  2.141   1.211   1.00 20.11 ? 368 GLU A OE1 1 
ATOM   599  O OE2 . GLU A 1 73  ? 13.740  0.492   2.657   1.00 18.07 ? 368 GLU A OE2 1 
ATOM   600  N N   . VAL A 1 74  ? 7.925   3.361   1.051   1.00 14.26 ? 369 VAL A N   1 
ATOM   601  C CA  . VAL A 1 74  ? 6.966   4.374   0.845   1.00 14.42 ? 369 VAL A CA  1 
ATOM   602  C C   . VAL A 1 74  ? 7.216   5.462   1.883   1.00 14.68 ? 369 VAL A C   1 
ATOM   603  O O   . VAL A 1 74  ? 7.151   5.182   3.073   1.00 15.19 ? 369 VAL A O   1 
ATOM   604  C CB  . VAL A 1 74  ? 5.546   3.852   1.079   1.00 14.48 ? 369 VAL A CB  1 
ATOM   605  C CG1 . VAL A 1 74  ? 4.536   4.960   0.837   1.00 15.10 ? 369 VAL A CG1 1 
ATOM   606  C CG2 . VAL A 1 74  ? 5.264   2.691   0.096   1.00 17.07 ? 369 VAL A CG2 1 
ATOM   607  N N   . GLU A 1 75  ? 7.488   6.683   1.427   1.00 14.69 ? 370 GLU A N   1 
ATOM   608  C CA  . GLU A 1 75  ? 7.561   7.830   2.341   1.00 16.24 ? 370 GLU A CA  1 
ATOM   609  C C   . GLU A 1 75  ? 6.146   8.317   2.738   1.00 16.04 ? 370 GLU A C   1 
ATOM   610  O O   . GLU A 1 75  ? 5.441   8.962   1.954   1.00 17.10 ? 370 GLU A O   1 
ATOM   611  C CB  . GLU A 1 75  ? 8.382   8.974   1.728   1.00 18.40 ? 370 GLU A CB  1 
ATOM   612  C CG  . GLU A 1 75  ? 8.818   9.943   2.852   1.00 21.88 ? 370 GLU A CG  1 
ATOM   613  C CD  . GLU A 1 75  ? 9.402   11.226  2.347   1.00 25.32 ? 370 GLU A CD  1 
ATOM   614  O OE1 . GLU A 1 75  ? 9.948   11.184  1.253   1.00 26.27 ? 370 GLU A OE1 1 
ATOM   615  O OE2 . GLU A 1 75  ? 9.272   12.298  3.032   1.00 28.15 ? 370 GLU A OE2 1 
ATOM   616  N N   . VAL A 1 76  ? 5.727   8.018   3.942   1.00 17.36 ? 371 VAL A N   1 
ATOM   617  C CA  . VAL A 1 76  ? 4.475   8.509   4.440   1.00 16.65 ? 371 VAL A CA  1 
ATOM   618  C C   . VAL A 1 76  ? 4.577   9.921   5.087   1.00 17.10 ? 371 VAL A C   1 
ATOM   619  O O   . VAL A 1 76  ? 3.610   10.677  5.140   1.00 16.24 ? 371 VAL A O   1 
ATOM   620  C CB  . VAL A 1 76  ? 3.832   7.472   5.365   1.00 17.18 ? 371 VAL A CB  1 
ATOM   621  C CG1 . VAL A 1 76  ? 3.774   6.113   4.640   1.00 16.41 ? 371 VAL A CG1 1 
ATOM   622  C CG2 . VAL A 1 76  ? 4.484   7.391   6.746   1.00 16.92 ? 371 VAL A CG2 1 
ATOM   623  N N   . GLY A 1 77  ? 5.759   10.251  5.584   1.00 17.08 ? 372 GLY A N   1 
ATOM   624  C CA  . GLY A 1 77  ? 6.009   11.563  6.103   1.00 16.42 ? 372 GLY A CA  1 
ATOM   625  C C   . GLY A 1 77  ? 5.086   11.933  7.229   1.00 16.83 ? 372 GLY A C   1 
ATOM   626  O O   . GLY A 1 77  ? 4.783   11.102  8.106   1.00 16.07 ? 372 GLY A O   1 
ATOM   627  N N   . ASP A 1 78  ? 4.635   13.175  7.217   1.00 18.28 ? 373 ASP A N   1 
ATOM   628  C CA  . ASP A 1 78  ? 3.732   13.679  8.273   1.00 20.37 ? 373 ASP A CA  1 
ATOM   629  C C   . ASP A 1 78  ? 2.259   13.575  7.864   1.00 19.37 ? 373 ASP A C   1 
ATOM   630  O O   . ASP A 1 78  ? 1.376   14.186  8.500   1.00 18.36 ? 373 ASP A O   1 
ATOM   631  C CB  . ASP A 1 78  ? 4.068   15.128  8.697   1.00 24.02 ? 373 ASP A CB  1 
ATOM   632  C CG  . ASP A 1 78  ? 3.823   16.143  7.565   1.00 27.65 ? 373 ASP A CG  1 
ATOM   633  O OD1 . ASP A 1 78  ? 3.448   15.703  6.447   1.00 30.94 ? 373 ASP A OD1 1 
ATOM   634  O OD2 . ASP A 1 78  ? 4.062   17.358  7.777   1.00 34.23 ? 373 ASP A OD2 1 
ATOM   635  N N   . ARG A 1 79  ? 1.960   12.751  6.857   1.00 16.14 ? 374 ARG A N   1 
ATOM   636  C CA  . ARG A 1 79  ? 0.583   12.540  6.552   1.00 16.66 ? 374 ARG A CA  1 
ATOM   637  C C   . ARG A 1 79  ? -0.124  12.017  7.788   1.00 16.43 ? 374 ARG A C   1 
ATOM   638  O O   . ARG A 1 79  ? 0.407   11.240  8.610   1.00 16.12 ? 374 ARG A O   1 
ATOM   639  C CB  . ARG A 1 79  ? 0.340   11.545  5.414   1.00 17.46 ? 374 ARG A CB  1 
ATOM   640  C CG  . ARG A 1 79  ? 0.605   12.032  3.988   1.00 16.08 ? 374 ARG A CG  1 
ATOM   641  C CD  . ARG A 1 79  ? 0.054   11.069  2.934   1.00 16.74 ? 374 ARG A CD  1 
ATOM   642  N NE  . ARG A 1 79  ? -1.399  10.929  3.026   1.00 17.32 ? 374 ARG A NE  1 
ATOM   643  C CZ  . ARG A 1 79  ? -2.295  11.743  2.506   1.00 17.67 ? 374 ARG A CZ  1 
ATOM   644  N NH1 . ARG A 1 79  ? -1.907  12.806  1.807   1.00 18.55 ? 374 ARG A NH1 1 
ATOM   645  N NH2 . ARG A 1 79  ? -3.594  11.533  2.747   1.00 17.84 ? 374 ARG A NH2 1 
ATOM   646  N N   . LYS A 1 80  ? -1.382  12.409  7.848   1.00 16.51 ? 375 LYS A N   1 
ATOM   647  C CA  . LYS A 1 80  ? -2.265  12.016  8.911   1.00 17.91 ? 375 LYS A CA  1 
ATOM   648  C C   . LYS A 1 80  ? -3.093  10.786  8.581   1.00 14.41 ? 375 LYS A C   1 
ATOM   649  O O   . LYS A 1 80  ? -3.712  10.238  9.481   1.00 16.30 ? 375 LYS A O   1 
ATOM   650  C CB  . LYS A 1 80  ? -3.202  13.175  9.237   1.00 21.74 ? 375 LYS A CB  1 
ATOM   651  C CG  . LYS A 1 80  ? -2.537  14.539  9.467   1.00 24.90 ? 375 LYS A CG  1 
ATOM   652  C CD  . LYS A 1 80  ? -1.545  14.521  10.607  1.00 27.68 ? 375 LYS A CD  1 
ATOM   653  C CE  . LYS A 1 80  ? -0.867  15.893  10.846  1.00 31.39 ? 375 LYS A CE  1 
ATOM   654  N NZ  . LYS A 1 80  ? 0.258   16.169  9.875   1.00 30.27 ? 375 LYS A NZ  1 
ATOM   655  N N   . GLU A 1 81  ? -3.195  10.414  7.314   1.00 13.68 ? 376 GLU A N   1 
ATOM   656  C CA  . GLU A 1 81  ? -4.019  9.285   6.920   1.00 13.67 ? 376 GLU A CA  1 
ATOM   657  C C   . GLU A 1 81  ? -3.383  8.645   5.724   1.00 12.42 ? 376 GLU A C   1 
ATOM   658  O O   . GLU A 1 81  ? -3.019  9.346   4.801   1.00 12.95 ? 376 GLU A O   1 
ATOM   659  C CB  . GLU A 1 81  ? -5.471  9.720   6.634   1.00 14.65 ? 376 GLU A CB  1 
ATOM   660  C CG  . GLU A 1 81  ? -6.545  8.659   6.657   1.00 15.53 ? 376 GLU A CG  1 
ATOM   661  C CD  . GLU A 1 81  ? -6.605  7.788   5.398   1.00 19.29 ? 376 GLU A CD  1 
ATOM   662  O OE1 . GLU A 1 81  ? -6.058  8.219   4.353   1.00 22.34 ? 376 GLU A OE1 1 
ATOM   663  O OE2 . GLU A 1 81  ? -7.261  6.684   5.424   1.00 21.51 ? 376 GLU A OE2 1 
ATOM   664  N N   . TRP A 1 82  ? -3.245  7.326   5.758   1.00 11.45 ? 377 TRP A N   1 
ATOM   665  C CA  . TRP A 1 82  ? -2.823  6.536   4.598   1.00 11.59 ? 377 TRP A CA  1 
ATOM   666  C C   . TRP A 1 82  ? -2.931  5.081   4.927   1.00 12.04 ? 377 TRP A C   1 
ATOM   667  O O   . TRP A 1 82  ? -2.812  4.688   6.105   1.00 14.85 ? 377 TRP A O   1 
ATOM   668  C CB  . TRP A 1 82  ? -1.386  6.848   4.211   1.00 11.25 ? 377 TRP A CB  1 
ATOM   669  C CG  . TRP A 1 82  ? -0.433  6.770   5.384   1.00 11.24 ? 377 TRP A CG  1 
ATOM   670  C CD1 . TRP A 1 82  ? -0.067  7.840   6.180   1.00 12.66 ? 377 TRP A CD1 1 
ATOM   671  C CD2 . TRP A 1 82  ? 0.290   5.641   5.874   1.00 11.30 ? 377 TRP A CD2 1 
ATOM   672  N NE1 . TRP A 1 82  ? 0.804   7.425   7.153   1.00 13.62 ? 377 TRP A NE1 1 
ATOM   673  C CE2 . TRP A 1 82  ? 1.037   6.078   6.988   1.00 12.44 ? 377 TRP A CE2 1 
ATOM   674  C CE3 . TRP A 1 82  ? 0.352   4.290   5.511   1.00 11.67 ? 377 TRP A CE3 1 
ATOM   675  C CZ2 . TRP A 1 82  ? 1.840   5.235   7.719   1.00 12.91 ? 377 TRP A CZ2 1 
ATOM   676  C CZ3 . TRP A 1 82  ? 1.147   3.426   6.257   1.00 12.44 ? 377 TRP A CZ3 1 
ATOM   677  C CH2 . TRP A 1 82  ? 1.856   3.882   7.368   1.00 12.03 ? 377 TRP A CH2 1 
ATOM   678  N N   . HIS A 1 83  ? -3.039  4.264   3.889   1.00 13.43 ? 378 HIS A N   1 
ATOM   679  C CA  . HIS A 1 83  ? -2.984  2.759   3.997   1.00 12.96 ? 378 HIS A CA  1 
ATOM   680  C C   . HIS A 1 83  ? -2.282  2.223   2.744   1.00 13.03 ? 378 HIS A C   1 
ATOM   681  O O   . HIS A 1 83  ? -2.411  2.766   1.695   1.00 11.19 ? 378 HIS A O   1 
ATOM   682  C CB  . HIS A 1 83  ? -4.383  2.106   4.210   1.00 13.62 ? 378 HIS A CB  1 
ATOM   683  C CG  . HIS A 1 83  ? -5.043  2.614   5.438   1.00 14.10 ? 378 HIS A CG  1 
ATOM   684  N ND1 . HIS A 1 83  ? -5.712  3.824   5.479   1.00 16.56 ? 378 HIS A ND1 1 
ATOM   685  C CD2 . HIS A 1 83  ? -5.098  2.101   6.691   1.00 15.18 ? 378 HIS A CD2 1 
ATOM   686  C CE1 . HIS A 1 83  ? -6.100  4.054   6.716   1.00 17.49 ? 378 HIS A CE1 1 
ATOM   687  N NE2 . HIS A 1 83  ? -5.738  3.020   7.470   1.00 17.13 ? 378 HIS A NE2 1 
ATOM   688  N N   . ILE A 1 84  ? -1.481  1.198   2.956   1.00 14.04 ? 379 ILE A N   1 
ATOM   689  C CA  . ILE A 1 84  ? -0.626  0.653   1.958   1.00 13.66 ? 379 ILE A CA  1 
ATOM   690  C C   . ILE A 1 84  ? -0.547  -0.807  2.249   1.00 14.41 ? 379 ILE A C   1 
ATOM   691  O O   . ILE A 1 84  ? -0.741  -1.229  3.411   1.00 14.54 ? 379 ILE A O   1 
ATOM   692  C CB  . ILE A 1 84  ? 0.794   1.287   1.959   1.00 14.72 ? 379 ILE A CB  1 
ATOM   693  C CG1 . ILE A 1 84  ? 1.518   1.039   3.277   1.00 13.97 ? 379 ILE A CG1 1 
ATOM   694  C CG2 . ILE A 1 84  ? 0.770   2.800   1.667   1.00 14.42 ? 379 ILE A CG2 1 
ATOM   695  C CD1 . ILE A 1 84  ? 2.864   1.722   3.381   1.00 15.24 ? 379 ILE A CD1 1 
ATOM   696  N N   . GLY A 1 85  ? -0.207  -1.577  1.207   1.00 13.35 ? 380 GLY A N   1 
ATOM   697  C CA  . GLY A 1 85  ? -0.026  -3.017  1.356   1.00 12.60 ? 380 GLY A CA  1 
ATOM   698  C C   . GLY A 1 85  ? -0.036  -3.694  -0.015  1.00 12.93 ? 380 GLY A C   1 
ATOM   699  O O   . GLY A 1 85  ? 0.500   -3.170  -1.023  1.00 12.37 ? 380 GLY A O   1 
ATOM   700  N N   . VAL A 1 86  ? -0.635  -4.854  -0.058  1.00 12.70 ? 381 VAL A N   1 
ATOM   701  C CA  . VAL A 1 86  ? -0.844  -5.568  -1.341  1.00 15.28 ? 381 VAL A CA  1 
ATOM   702  C C   . VAL A 1 86  ? -2.282  -5.994  -1.483  1.00 15.02 ? 381 VAL A C   1 
ATOM   703  O O   . VAL A 1 86  ? -3.039  -6.093  -0.483  1.00 16.63 ? 381 VAL A O   1 
ATOM   704  C CB  . VAL A 1 86  ? 0.091   -6.791  -1.506  1.00 15.71 ? 381 VAL A CB  1 
ATOM   705  C CG1 . VAL A 1 86  ? 1.540   -6.364  -1.454  1.00 18.33 ? 381 VAL A CG1 1 
ATOM   706  C CG2 . VAL A 1 86  ? -0.195  -7.802  -0.412  1.00 18.15 ? 381 VAL A CG2 1 
ATOM   707  N N   . CYS A 1 87  ? -2.709  -6.153  -2.733  1.00 14.73 ? 382 CYS A N   1 
ATOM   708  C CA  . CYS A 1 87  ? -4.008  -6.759  -3.008  1.00 12.99 ? 382 CYS A CA  1 
ATOM   709  C C   . CYS A 1 87  ? -3.959  -7.697  -4.188  1.00 13.16 ? 382 CYS A C   1 
ATOM   710  O O   . CYS A 1 87  ? -3.180  -7.510  -5.056  1.00 13.89 ? 382 CYS A O   1 
ATOM   711  C CB  . CYS A 1 87  ? -5.060  -5.748  -3.278  1.00 12.45 ? 382 CYS A CB  1 
ATOM   712  S SG  . CYS A 1 87  ? -4.954  -4.721  -4.707  1.00 15.00 ? 382 CYS A SG  1 
ATOM   713  N N   . SER A 1 88  ? -4.943  -8.581  -4.235  1.00 14.25 ? 383 SER A N   1 
ATOM   714  C CA  . SER A 1 88  ? -5.157  -9.447  -5.339  1.00 15.19 ? 383 SER A CA  1 
ATOM   715  C C   . SER A 1 88  ? -5.530  -8.709  -6.582  1.00 16.07 ? 383 SER A C   1 
ATOM   716  O O   . SER A 1 88  ? -6.294  -7.746  -6.556  1.00 16.63 ? 383 SER A O   1 
ATOM   717  C CB  . SER A 1 88  ? -6.225  -10.455 -5.021  1.00 14.80 ? 383 SER A CB  1 
ATOM   718  O OG  . SER A 1 88  ? -5.727  -11.283 -4.013  1.00 16.77 ? 383 SER A OG  1 
ATOM   719  N N   . LYS A 1 89  ? -5.038  -9.232  -7.677  1.00 16.79 ? 384 LYS A N   1 
ATOM   720  C CA  . LYS A 1 89  ? -5.435  -8.785  -8.993  1.00 19.86 ? 384 LYS A CA  1 
ATOM   721  C C   . LYS A 1 89  ? -6.946  -8.688  -9.177  1.00 18.56 ? 384 LYS A C   1 
ATOM   722  O O   . LYS A 1 89  ? -7.420  -7.804  -9.854  1.00 17.66 ? 384 LYS A O   1 
ATOM   723  C CB  . LYS A 1 89  ? -4.910  -9.750  -10.074 1.00 25.06 ? 384 LYS A CB  1 
ATOM   724  C CG  . LYS A 1 89  ? -5.424  -9.431  -11.493 1.00 29.30 ? 384 LYS A CG  1 
ATOM   725  C CD  . LYS A 1 89  ? -4.459  -9.910  -12.591 1.00 34.74 ? 384 LYS A CD  1 
ATOM   726  C CE  . LYS A 1 89  ? -5.008  -9.730  -14.012 1.00 37.77 ? 384 LYS A CE  1 
ATOM   727  N NZ  . LYS A 1 89  ? -4.755  -8.366  -14.557 1.00 42.46 ? 384 LYS A NZ  1 
ATOM   728  N N   . ASN A 1 90  ? -7.655  -9.630  -8.597  1.00 18.45 ? 385 ASN A N   1 
ATOM   729  C CA  A ASN A 1 90  ? -9.052  -9.844  -8.861  0.50 18.37 ? 385 ASN A CA  1 
ATOM   730  C CA  B ASN A 1 90  ? -9.060  -9.833  -8.872  0.50 18.36 ? 385 ASN A CA  1 
ATOM   731  C C   . ASN A 1 90  ? -9.973  -9.200  -7.832  1.00 18.60 ? 385 ASN A C   1 
ATOM   732  O O   . ASN A 1 90  ? -11.131 -9.497  -7.821  1.00 16.48 ? 385 ASN A O   1 
ATOM   733  C CB  A ASN A 1 90  ? -9.302  -11.346 -8.982  0.50 18.14 ? 385 ASN A CB  1 
ATOM   734  C CB  B ASN A 1 90  ? -9.376  -11.325 -9.007  0.50 18.03 ? 385 ASN A CB  1 
ATOM   735  C CG  A ASN A 1 90  ? -8.406  -11.983 -10.034 0.50 18.35 ? 385 ASN A CG  1 
ATOM   736  C CG  B ASN A 1 90  ? -9.216  -12.072 -7.708  0.50 18.29 ? 385 ASN A CG  1 
ATOM   737  O OD1 A ASN A 1 90  ? -7.361  -12.578 -9.718  0.50 20.16 ? 385 ASN A OD1 1 
ATOM   738  O OD1 B ASN A 1 90  ? -8.544  -11.603 -6.797  0.50 19.29 ? 385 ASN A OD1 1 
ATOM   739  N ND2 A ASN A 1 90  ? -8.755  -11.785 -11.296 0.50 17.68 ? 385 ASN A ND2 1 
ATOM   740  N ND2 B ASN A 1 90  ? -9.832  -13.243 -7.615  0.50 17.79 ? 385 ASN A ND2 1 
ATOM   741  N N   . VAL A 1 91  ? -9.447  -8.317  -6.960  1.00 18.40 ? 386 VAL A N   1 
ATOM   742  C CA  . VAL A 1 91  ? -10.313 -7.600  -5.999  1.00 17.50 ? 386 VAL A CA  1 
ATOM   743  C C   . VAL A 1 91  ? -11.485 -6.926  -6.732  1.00 18.47 ? 386 VAL A C   1 
ATOM   744  O O   . VAL A 1 91  ? -11.371 -6.557  -7.880  1.00 17.73 ? 386 VAL A O   1 
ATOM   745  C CB  . VAL A 1 91  ? -9.547  -6.503  -5.160  1.00 17.07 ? 386 VAL A CB  1 
ATOM   746  C CG1 . VAL A 1 91  ? -8.599  -7.161  -4.175  1.00 17.82 ? 386 VAL A CG1 1 
ATOM   747  C CG2 . VAL A 1 91  ? -8.812  -5.481  -6.047  1.00 18.07 ? 386 VAL A CG2 1 
ATOM   748  N N   . GLN A 1 92  ? -12.567 -6.672  -6.002  1.00 20.24 ? 387 GLN A N   1 
ATOM   749  C CA  . GLN A 1 92  ? -13.643 -5.836  -6.486  1.00 19.71 ? 387 GLN A CA  1 
ATOM   750  C C   . GLN A 1 92  ? -13.246 -4.360  -6.601  1.00 19.85 ? 387 GLN A C   1 
ATOM   751  O O   . GLN A 1 92  ? -13.084 -3.687  -5.603  1.00 18.41 ? 387 GLN A O   1 
ATOM   752  C CB  . GLN A 1 92  ? -14.850 -5.896  -5.531  1.00 19.93 ? 387 GLN A CB  1 
ATOM   753  C CG  . GLN A 1 92  ? -16.125 -5.395  -6.198  1.00 23.75 ? 387 GLN A CG  1 
ATOM   754  C CD  . GLN A 1 92  ? -17.334 -5.665  -5.330  1.00 29.07 ? 387 GLN A CD  1 
ATOM   755  O OE1 . GLN A 1 92  ? -17.400 -6.701  -4.670  1.00 32.95 ? 387 GLN A OE1 1 
ATOM   756  N NE2 . GLN A 1 92  ? -18.252 -4.711  -5.256  1.00 31.91 ? 387 GLN A NE2 1 
ATOM   757  N N   . ARG A 1 93  ? -13.174 -3.861  -7.812  1.00 17.61 ? 388 ARG A N   1 
ATOM   758  C CA  . ARG A 1 93  ? -12.854 -2.460  -8.045  1.00 17.99 ? 388 ARG A CA  1 
ATOM   759  C C   . ARG A 1 93  ? -14.050 -1.485  -8.249  1.00 17.69 ? 388 ARG A C   1 
ATOM   760  O O   . ARG A 1 93  ? -13.838 -0.302  -8.288  1.00 15.99 ? 388 ARG A O   1 
ATOM   761  C CB  . ARG A 1 93  ? -11.937 -2.377  -9.270  1.00 17.77 ? 388 ARG A CB  1 
ATOM   762  C CG  . ARG A 1 93  ? -10.653 -3.130  -9.086  1.00 19.43 ? 388 ARG A CG  1 
ATOM   763  C CD  . ARG A 1 93  ? -9.677  -2.928  -10.238 1.00 19.63 ? 388 ARG A CD  1 
ATOM   764  N NE  . ARG A 1 93  ? -8.690  -4.012  -10.258 1.00 20.77 ? 388 ARG A NE  1 
ATOM   765  C CZ  . ARG A 1 93  ? -7.509  -4.012  -10.908 1.00 20.91 ? 388 ARG A CZ  1 
ATOM   766  N NH1 . ARG A 1 93  ? -7.079  -2.968  -11.596 1.00 19.52 ? 388 ARG A NH1 1 
ATOM   767  N NH2 . ARG A 1 93  ? -6.715  -5.076  -10.804 1.00 22.35 ? 388 ARG A NH2 1 
ATOM   768  N N   . LYS A 1 94  ? -15.262 -1.990  -8.493  1.00 19.33 ? 389 LYS A N   1 
ATOM   769  C CA  . LYS A 1 94  ? -16.425 -1.196  -8.801  1.00 19.68 ? 389 LYS A CA  1 
ATOM   770  C C   . LYS A 1 94  ? -17.417 -1.352  -7.633  1.00 22.12 ? 389 LYS A C   1 
ATOM   771  O O   . LYS A 1 94  ? -17.768 -2.481  -7.213  1.00 20.92 ? 389 LYS A O   1 
ATOM   772  C CB  . LYS A 1 94  ? -17.052 -1.629  -10.116 1.00 22.59 ? 389 LYS A CB  1 
ATOM   773  C CG  . LYS A 1 94  ? -16.167 -1.663  -11.338 1.00 20.31 ? 389 LYS A CG  1 
ATOM   774  C CD  . LYS A 1 94  ? -15.588 -0.325  -11.675 1.00 20.12 ? 389 LYS A CD  1 
ATOM   775  C CE  . LYS A 1 94  ? -14.567 -0.481  -12.781 1.00 20.68 ? 389 LYS A CE  1 
ATOM   776  N NZ  . LYS A 1 94  ? -13.894 0.780   -13.279 1.00 20.15 ? 389 LYS A NZ  1 
ATOM   777  N N   . GLY A 1 95  ? -17.823 -0.244  -7.031  1.00 21.20 ? 390 GLY A N   1 
ATOM   778  C CA  . GLY A 1 95  ? -18.603 -0.356  -5.793  1.00 22.03 ? 390 GLY A CA  1 
ATOM   779  C C   . GLY A 1 95  ? -17.747 -0.695  -4.591  1.00 23.51 ? 390 GLY A C   1 
ATOM   780  O O   . GLY A 1 95  ? -16.541 -0.809  -4.725  1.00 21.68 ? 390 GLY A O   1 
ATOM   781  N N   . TRP A 1 96  ? -18.377 -0.791  -3.408  1.00 25.91 ? 391 TRP A N   1 
ATOM   782  C CA  . TRP A 1 96  ? -17.702 -1.023  -2.163  1.00 28.34 ? 391 TRP A CA  1 
ATOM   783  C C   . TRP A 1 96  ? -17.537 -2.486  -1.841  1.00 26.41 ? 391 TRP A C   1 
ATOM   784  O O   . TRP A 1 96  ? -18.399 -3.327  -2.162  1.00 26.78 ? 391 TRP A O   1 
ATOM   785  C CB  . TRP A 1 96  ? -18.420 -0.345  -0.995  1.00 27.87 ? 391 TRP A CB  1 
ATOM   786  C CG  . TRP A 1 96  ? -17.730 -0.429  0.379   1.00 28.61 ? 391 TRP A CG  1 
ATOM   787  C CD1 . TRP A 1 96  ? -16.709 0.366   0.884   1.00 29.88 ? 391 TRP A CD1 1 
ATOM   788  C CD2 . TRP A 1 96  ? -18.051 -1.329  1.396   1.00 26.27 ? 391 TRP A CD2 1 
ATOM   789  N NE1 . TRP A 1 96  ? -16.375 -0.021  2.177   1.00 28.84 ? 391 TRP A NE1 1 
ATOM   790  C CE2 . TRP A 1 96  ? -17.218 -1.051  2.510   1.00 29.03 ? 391 TRP A CE2 1 
ATOM   791  C CE3 . TRP A 1 96  ? -19.003 -2.336  1.508   1.00 30.28 ? 391 TRP A CE3 1 
ATOM   792  C CZ2 . TRP A 1 96  ? -17.327 -1.757  3.698   1.00 30.06 ? 391 TRP A CZ2 1 
ATOM   793  C CZ3 . TRP A 1 96  ? -19.095 -3.025  2.685   1.00 27.29 ? 391 TRP A CZ3 1 
ATOM   794  C CH2 . TRP A 1 96  ? -18.287 -2.744  3.756   1.00 28.41 ? 391 TRP A CH2 1 
ATOM   795  N N   . VAL A 1 97  ? -16.377 -2.760  -1.240  1.00 27.32 ? 392 VAL A N   1 
ATOM   796  C CA  . VAL A 1 97  ? -16.127 -3.950  -0.464  1.00 26.95 ? 392 VAL A CA  1 
ATOM   797  C C   . VAL A 1 97  ? -15.266 -3.533  0.678   1.00 26.38 ? 392 VAL A C   1 
ATOM   798  O O   . VAL A 1 97  ? -14.493 -2.580  0.541   1.00 28.09 ? 392 VAL A O   1 
ATOM   799  C CB  . VAL A 1 97  ? -15.428 -5.071  -1.258  1.00 29.97 ? 392 VAL A CB  1 
ATOM   800  C CG1 . VAL A 1 97  ? -16.392 -5.610  -2.247  1.00 31.10 ? 392 VAL A CG1 1 
ATOM   801  C CG2 . VAL A 1 97  ? -14.134 -4.591  -1.945  1.00 29.02 ? 392 VAL A CG2 1 
ATOM   802  N N   . LYS A 1 98  ? -15.396 -4.213  1.818   1.00 25.95 ? 393 LYS A N   1 
ATOM   803  C CA  . LYS A 1 98  ? -14.597 -3.829  2.982   1.00 24.80 ? 393 LYS A CA  1 
ATOM   804  C C   . LYS A 1 98  ? -13.187 -4.283  2.669   1.00 21.36 ? 393 LYS A C   1 
ATOM   805  O O   . LYS A 1 98  ? -13.003 -5.398  2.205   1.00 22.46 ? 393 LYS A O   1 
ATOM   806  C CB  . LYS A 1 98  ? -15.076 -4.493  4.257   1.00 26.57 ? 393 LYS A CB  1 
ATOM   807  C CG  . LYS A 1 98  ? -14.538 -3.766  5.486   1.00 29.85 ? 393 LYS A CG  1 
ATOM   808  C CD  . LYS A 1 98  ? -15.048 -4.319  6.822   1.00 36.57 ? 393 LYS A CD  1 
ATOM   809  C CE  . LYS A 1 98  ? -16.586 -4.292  7.027   1.00 40.92 ? 393 LYS A CE  1 
ATOM   810  N NZ  . LYS A 1 98  ? -17.402 -5.430  6.448   1.00 46.62 ? 393 LYS A NZ  1 
ATOM   811  N N   . MET A 1 99  ? -12.207 -3.401  2.838   1.00 21.60 ? 394 MET A N   1 
ATOM   812  C CA  . MET A 1 99  ? -10.819 -3.761  2.535   1.00 20.12 ? 394 MET A CA  1 
ATOM   813  C C   . MET A 1 99  ? -10.223 -4.725  3.598   1.00 19.91 ? 394 MET A C   1 
ATOM   814  O O   . MET A 1 99  ? -9.826  -4.267  4.673   1.00 18.50 ? 394 MET A O   1 
ATOM   815  C CB  . MET A 1 99  ? -9.925  -2.513  2.364   1.00 19.90 ? 394 MET A CB  1 
ATOM   816  C CG  . MET A 1 99  ? -10.017 -1.960  0.972   1.00 21.55 ? 394 MET A CG  1 
ATOM   817  S SD  . MET A 1 99  ? -9.179  -0.350  0.712   1.00 22.36 ? 394 MET A SD  1 
ATOM   818  C CE  . MET A 1 99  ? -7.544  -0.978  0.951   1.00 19.93 ? 394 MET A CE  1 
ATOM   819  N N   . THR A 1 100 ? -10.220 -6.036  3.307   1.00 19.74 ? 395 THR A N   1 
ATOM   820  C CA  . THR A 1 100 ? -9.830  -7.083  4.270   1.00 19.46 ? 395 THR A CA  1 
ATOM   821  C C   . THR A 1 100 ? -9.153  -8.234  3.562   1.00 19.46 ? 395 THR A C   1 
ATOM   822  O O   . THR A 1 100 ? -9.309  -8.379  2.397   1.00 20.08 ? 395 THR A O   1 
ATOM   823  C CB  . THR A 1 100 ? -11.054 -7.724  4.995   1.00 22.24 ? 395 THR A CB  1 
ATOM   824  O OG1 . THR A 1 100 ? -11.805 -8.464  4.045   1.00 23.52 ? 395 THR A OG1 1 
ATOM   825  C CG2 . THR A 1 100 ? -11.996 -6.650  5.514   1.00 23.72 ? 395 THR A CG2 1 
ATOM   826  N N   . PRO A 1 101 ? -8.408  -9.091  4.289   1.00 21.01 ? 396 PRO A N   1 
ATOM   827  C CA  . PRO A 1 101 ? -7.726  -10.176 3.589   1.00 22.49 ? 396 PRO A CA  1 
ATOM   828  C C   . PRO A 1 101 ? -8.679  -11.064 2.824   1.00 22.17 ? 396 PRO A C   1 
ATOM   829  O O   . PRO A 1 101 ? -8.364  -11.462 1.722   1.00 21.56 ? 396 PRO A O   1 
ATOM   830  C CB  . PRO A 1 101 ? -7.020  -10.916 4.718   1.00 21.31 ? 396 PRO A CB  1 
ATOM   831  C CG  . PRO A 1 101 ? -6.641  -9.799  5.585   1.00 21.50 ? 396 PRO A CG  1 
ATOM   832  C CD  . PRO A 1 101 ? -7.881  -8.953  5.645   1.00 23.00 ? 396 PRO A CD  1 
ATOM   833  N N   . GLU A 1 102 ? -9.870  -11.274 3.385   1.00 24.35 ? 397 GLU A N   1 
ATOM   834  C CA  . GLU A 1 102 ? -10.875 -12.132 2.796   1.00 28.40 ? 397 GLU A CA  1 
ATOM   835  C C   . GLU A 1 102 ? -11.419 -11.516 1.505   1.00 26.65 ? 397 GLU A C   1 
ATOM   836  O O   . GLU A 1 102 ? -11.982 -12.186 0.686   1.00 28.10 ? 397 GLU A O   1 
ATOM   837  C CB  . GLU A 1 102 ? -12.016 -12.354 3.829   1.00 31.02 ? 397 GLU A CB  1 
ATOM   838  C CG  . GLU A 1 102 ? -11.622 -13.129 5.094   1.00 34.19 ? 397 GLU A CG  1 
ATOM   839  C CD  . GLU A 1 102 ? -10.701 -12.394 6.092   1.00 41.92 ? 397 GLU A CD  1 
ATOM   840  O OE1 . GLU A 1 102 ? -9.942  -13.128 6.797   1.00 48.69 ? 397 GLU A OE1 1 
ATOM   841  O OE2 . GLU A 1 102 ? -10.702 -11.121 6.179   1.00 35.35 ? 397 GLU A OE2 1 
ATOM   842  N N   . ASN A 1 103 ? -11.256 -10.216 1.327   1.00 22.83 ? 398 ASN A N   1 
ATOM   843  C CA  . ASN A 1 103 ? -11.612 -9.560  0.062   1.00 21.69 ? 398 ASN A CA  1 
ATOM   844  C C   . ASN A 1 103 ? -10.346 -9.302  -0.776  1.00 19.79 ? 398 ASN A C   1 
ATOM   845  O O   . ASN A 1 103 ? -10.404 -8.544  -1.720  1.00 20.98 ? 398 ASN A O   1 
ATOM   846  C CB  . ASN A 1 103 ? -12.398 -8.263  0.343   1.00 19.90 ? 398 ASN A CB  1 
ATOM   847  C CG  . ASN A 1 103 ? -13.824 -8.524  0.937   1.00 24.20 ? 398 ASN A CG  1 
ATOM   848  O OD1 . ASN A 1 103 ? -14.500 -9.512  0.569   1.00 22.13 ? 398 ASN A OD1 1 
ATOM   849  N ND2 . ASN A 1 103 ? -14.285 -7.625  1.813   1.00 21.28 ? 398 ASN A ND2 1 
ATOM   850  N N   . GLY A 1 104 ? -9.222  -9.908  -0.403  1.00 17.54 ? 399 GLY A N   1 
ATOM   851  C CA  . GLY A 1 104 ? -7.996  -9.818  -1.169  1.00 18.17 ? 399 GLY A CA  1 
ATOM   852  C C   . GLY A 1 104 ? -7.105  -8.626  -0.940  1.00 17.27 ? 399 GLY A C   1 
ATOM   853  O O   . GLY A 1 104 ? -6.303  -8.271  -1.793  1.00 18.84 ? 399 GLY A O   1 
ATOM   854  N N   . PHE A 1 105 ? -7.223  -8.028  0.224   1.00 18.37 ? 400 PHE A N   1 
ATOM   855  C CA  . PHE A 1 105 ? -6.398  -6.884  0.588   1.00 16.31 ? 400 PHE A CA  1 
ATOM   856  C C   . PHE A 1 105 ? -5.632  -7.105  1.874   1.00 16.78 ? 400 PHE A C   1 
ATOM   857  O O   . PHE A 1 105 ? -6.239  -7.330  2.941   1.00 17.18 ? 400 PHE A O   1 
ATOM   858  C CB  . PHE A 1 105 ? -7.287  -5.634  0.857   1.00 15.61 ? 400 PHE A CB  1 
ATOM   859  C CG  . PHE A 1 105 ? -8.093  -5.175  -0.293  1.00 14.14 ? 400 PHE A CG  1 
ATOM   860  C CD1 . PHE A 1 105 ? -9.348  -5.674  -0.495  1.00 14.30 ? 400 PHE A CD1 1 
ATOM   861  C CD2 . PHE A 1 105 ? -7.644  -4.118  -1.118  1.00 14.17 ? 400 PHE A CD2 1 
ATOM   862  C CE1 . PHE A 1 105 ? -10.123 -5.231  -1.544  1.00 14.46 ? 400 PHE A CE1 1 
ATOM   863  C CE2 . PHE A 1 105 ? -8.383  -3.695  -2.195  1.00 13.14 ? 400 PHE A CE2 1 
ATOM   864  C CZ  . PHE A 1 105 ? -9.663  -4.216  -2.387  1.00 14.61 ? 400 PHE A CZ  1 
ATOM   865  N N   . TRP A 1 106 ? -4.332  -6.878  1.826   1.00 16.18 ? 401 TRP A N   1 
ATOM   866  C CA  . TRP A 1 106 ? -3.450  -6.990  2.978   1.00 15.86 ? 401 TRP A CA  1 
ATOM   867  C C   . TRP A 1 106 ? -2.757  -5.672  3.160   1.00 16.31 ? 401 TRP A C   1 
ATOM   868  O O   . TRP A 1 106 ? -1.706  -5.414  2.567   1.00 14.94 ? 401 TRP A O   1 
ATOM   869  C CB  . TRP A 1 106 ? -2.441  -8.109  2.803   1.00 17.99 ? 401 TRP A CB  1 
ATOM   870  C CG  . TRP A 1 106 ? -3.096  -9.491  2.676   1.00 18.73 ? 401 TRP A CG  1 
ATOM   871  C CD1 . TRP A 1 106 ? -3.382  -10.366 3.689   1.00 21.02 ? 401 TRP A CD1 1 
ATOM   872  C CD2 . TRP A 1 106 ? -3.607  -10.067 1.497   1.00 19.33 ? 401 TRP A CD2 1 
ATOM   873  N NE1 . TRP A 1 106 ? -3.988  -11.480 3.199   1.00 18.83 ? 401 TRP A NE1 1 
ATOM   874  C CE2 . TRP A 1 106 ? -4.177  -11.314 1.855   1.00 20.27 ? 401 TRP A CE2 1 
ATOM   875  C CE3 . TRP A 1 106 ? -3.662  -9.651  0.145   1.00 21.60 ? 401 TRP A CE3 1 
ATOM   876  C CZ2 . TRP A 1 106 ? -4.764  -12.171 0.916   1.00 21.15 ? 401 TRP A CZ2 1 
ATOM   877  C CZ3 . TRP A 1 106 ? -4.222  -10.547 -0.806  1.00 20.11 ? 401 TRP A CZ3 1 
ATOM   878  C CH2 . TRP A 1 106 ? -4.789  -11.752 -0.390  1.00 21.75 ? 401 TRP A CH2 1 
ATOM   879  N N   . THR A 1 107 ? -3.347  -4.837  4.008   1.00 16.29 ? 402 THR A N   1 
ATOM   880  C CA  . THR A 1 107 ? -2.923  -3.473  4.174   1.00 16.45 ? 402 THR A CA  1 
ATOM   881  C C   . THR A 1 107 ? -2.858  -3.066  5.628   1.00 15.66 ? 402 THR A C   1 
ATOM   882  O O   . THR A 1 107 ? -3.461  -3.642  6.526   1.00 13.02 ? 402 THR A O   1 
ATOM   883  C CB  . THR A 1 107 ? -3.857  -2.469  3.386   1.00 18.01 ? 402 THR A CB  1 
ATOM   884  O OG1 . THR A 1 107 ? -5.178  -2.439  3.946   1.00 19.21 ? 402 THR A OG1 1 
ATOM   885  C CG2 . THR A 1 107 ? -3.921  -2.853  1.884   1.00 18.33 ? 402 THR A CG2 1 
ATOM   886  N N   . MET A 1 108 ? -2.083  -2.032  5.841   1.00 15.02 ? 403 MET A N   1 
ATOM   887  C CA  . MET A 1 108 ? -2.175  -1.356  7.108   1.00 15.14 ? 403 MET A CA  1 
ATOM   888  C C   . MET A 1 108 ? -1.962  0.103   6.877   1.00 14.24 ? 403 MET A C   1 
ATOM   889  O O   . MET A 1 108 ? -1.553  0.539   5.796   1.00 13.02 ? 403 MET A O   1 
ATOM   890  C CB  . MET A 1 108 ? -1.146  -1.905  8.088   1.00 16.83 ? 403 MET A CB  1 
ATOM   891  C CG  . MET A 1 108 ? 0.307   -1.786  7.634   1.00 17.53 ? 403 MET A CG  1 
ATOM   892  S SD  . MET A 1 108 ? 1.221   -0.250  7.940   1.00 21.19 ? 403 MET A SD  1 
ATOM   893  C CE  . MET A 1 108 ? 0.819   0.336   9.573   1.00 18.93 ? 403 MET A CE  1 
ATOM   894  N N   . GLY A 1 109 ? -2.238  0.867   7.917   1.00 13.51 ? 404 GLY A N   1 
ATOM   895  C CA  . GLY A 1 109 ? -1.884  2.258   7.819   1.00 14.32 ? 404 GLY A CA  1 
ATOM   896  C C   . GLY A 1 109 ? -2.313  3.033   9.007   1.00 14.38 ? 404 GLY A C   1 
ATOM   897  O O   . GLY A 1 109 ? -2.400  2.492   10.131  1.00 15.12 ? 404 GLY A O   1 
ATOM   898  N N   . LEU A 1 110 ? -2.533  4.309   8.739   1.00 14.77 ? 405 LEU A N   1 
ATOM   899  C CA  . LEU A 1 110 ? -2.751  5.342   9.751   1.00 15.54 ? 405 LEU A CA  1 
ATOM   900  C C   . LEU A 1 110 ? -4.062  6.079   9.481   1.00 16.59 ? 405 LEU A C   1 
ATOM   901  O O   . LEU A 1 110 ? -4.444  6.289   8.341   1.00 13.27 ? 405 LEU A O   1 
ATOM   902  C CB  . LEU A 1 110 ? -1.609  6.395   9.684   1.00 15.43 ? 405 LEU A CB  1 
ATOM   903  C CG  . LEU A 1 110 ? -1.694  7.590   10.615  1.00 17.45 ? 405 LEU A CG  1 
ATOM   904  C CD1 . LEU A 1 110 ? -1.653  7.119   12.100  1.00 16.96 ? 405 LEU A CD1 1 
ATOM   905  C CD2 . LEU A 1 110 ? -0.555  8.583   10.324  1.00 18.02 ? 405 LEU A CD2 1 
ATOM   906  N N   . THR A 1 111 ? -4.757  6.477   10.548  1.00 18.52 ? 406 THR A N   1 
ATOM   907  C CA  A THR A 1 111 ? -5.938  7.308   10.420  0.50 18.83 ? 406 THR A CA  1 
ATOM   908  C CA  B THR A 1 111 ? -5.915  7.370   10.413  0.50 19.82 ? 406 THR A CA  1 
ATOM   909  C C   . THR A 1 111 ? -5.961  8.281   11.571  1.00 19.84 ? 406 THR A C   1 
ATOM   910  O O   . THR A 1 111 ? -5.352  8.020   12.603  1.00 17.86 ? 406 THR A O   1 
ATOM   911  C CB  A THR A 1 111 ? -7.240  6.476   10.365  0.50 19.35 ? 406 THR A CB  1 
ATOM   912  C CB  B THR A 1 111 ? -7.298  6.681   10.319  0.50 21.61 ? 406 THR A CB  1 
ATOM   913  O OG1 A THR A 1 111 ? -8.347  7.351   10.088  0.50 18.29 ? 406 THR A OG1 1 
ATOM   914  O OG1 B THR A 1 111 ? -7.743  6.211   11.607  0.50 23.73 ? 406 THR A OG1 1 
ATOM   915  C CG2 A THR A 1 111 ? -7.493  5.682   11.707  0.50 19.52 ? 406 THR A CG2 1 
ATOM   916  C CG2 B THR A 1 111 ? -7.244  5.587   9.373   0.50 21.36 ? 406 THR A CG2 1 
ATOM   917  N N   . ASP A 1 112 ? -6.655  9.403   11.370  1.00 22.61 ? 407 ASP A N   1 
ATOM   918  C CA  . ASP A 1 112 ? -6.756  10.424  12.432  1.00 23.43 ? 407 ASP A CA  1 
ATOM   919  C C   . ASP A 1 112 ? -5.404  10.827  13.053  1.00 22.14 ? 407 ASP A C   1 
ATOM   920  O O   . ASP A 1 112 ? -5.329  11.122  14.227  1.00 25.66 ? 407 ASP A O   1 
ATOM   921  C CB  . ASP A 1 112 ? -7.687  9.889   13.516  1.00 26.16 ? 407 ASP A CB  1 
ATOM   922  C CG  . ASP A 1 112 ? -9.125  9.868   13.101  1.00 28.66 ? 407 ASP A CG  1 
ATOM   923  O OD1 . ASP A 1 112 ? -9.554  10.443  12.055  1.00 28.92 ? 407 ASP A OD1 1 
ATOM   924  O OD2 . ASP A 1 112 ? -9.855  9.271   13.885  1.00 34.34 ? 407 ASP A OD2 1 
ATOM   925  N N   . GLY A 1 113 ? -4.324  10.762  12.289  1.00 20.71 ? 408 GLY A N   1 
ATOM   926  C CA  . GLY A 1 113 ? -3.033  11.232  12.720  1.00 18.35 ? 408 GLY A CA  1 
ATOM   927  C C   . GLY A 1 113 ? -2.184  10.353  13.572  1.00 17.22 ? 408 GLY A C   1 
ATOM   928  O O   . GLY A 1 113 ? -0.944  10.417  13.502  1.00 16.76 ? 408 GLY A O   1 
ATOM   929  N N   . ASN A 1 114 ? -2.822  9.543   14.415  1.00 20.25 ? 409 ASN A N   1 
ATOM   930  C CA  . ASN A 1 114 ? -2.083  8.704   15.383  1.00 20.33 ? 409 ASN A CA  1 
ATOM   931  C C   . ASN A 1 114 ? -2.668  7.322   15.698  1.00 20.72 ? 409 ASN A C   1 
ATOM   932  O O   . ASN A 1 114 ? -2.274  6.721   16.681  1.00 20.24 ? 409 ASN A O   1 
ATOM   933  C CB  . ASN A 1 114 ? -1.929  9.497   16.681  1.00 22.15 ? 409 ASN A CB  1 
ATOM   934  C CG  . ASN A 1 114 ? -3.248  10.013  17.215  1.00 23.18 ? 409 ASN A CG  1 
ATOM   935  O OD1 . ASN A 1 114 ? -4.306  9.407   16.999  1.00 22.72 ? 409 ASN A OD1 1 
ATOM   936  N ND2 . ASN A 1 114 ? -3.197  11.187  17.905  1.00 23.76 ? 409 ASN A ND2 1 
ATOM   937  N N   . LYS A 1 115 ? -3.624  6.854   14.917  1.00 19.44 ? 410 LYS A N   1 
ATOM   938  C CA  . LYS A 1 115 ? -4.163  5.528   15.091  1.00 21.10 ? 410 LYS A CA  1 
ATOM   939  C C   . LYS A 1 115 ? -3.675  4.642   13.934  1.00 19.00 ? 410 LYS A C   1 
ATOM   940  O O   . LYS A 1 115 ? -4.220  4.670   12.826  1.00 16.59 ? 410 LYS A O   1 
ATOM   941  C CB  . LYS A 1 115 ? -5.675  5.524   15.058  1.00 24.89 ? 410 LYS A CB  1 
ATOM   942  C CG  . LYS A 1 115 ? -6.340  6.258   16.197  1.00 30.57 ? 410 LYS A CG  1 
ATOM   943  C CD  . LYS A 1 115 ? -7.826  6.465   15.825  1.00 37.06 ? 410 LYS A CD  1 
ATOM   944  C CE  . LYS A 1 115 ? -8.645  7.293   16.820  1.00 41.07 ? 410 LYS A CE  1 
ATOM   945  N NZ  . LYS A 1 115 ? -7.939  8.528   17.283  1.00 46.34 ? 410 LYS A NZ  1 
ATOM   946  N N   . TYR A 1 116 ? -2.699  3.824   14.273  1.00 19.01 ? 411 TYR A N   1 
ATOM   947  C CA  . TYR A 1 116 ? -2.210  2.798   13.415  1.00 18.10 ? 411 TYR A CA  1 
ATOM   948  C C   . TYR A 1 116 ? -3.088  1.539   13.560  1.00 17.81 ? 411 TYR A C   1 
ATOM   949  O O   . TYR A 1 116 ? -3.427  1.091   14.671  1.00 16.99 ? 411 TYR A O   1 
ATOM   950  C CB  . TYR A 1 116 ? -0.764  2.538   13.721  1.00 17.59 ? 411 TYR A CB  1 
ATOM   951  C CG  . TYR A 1 116 ? 0.073   3.735   13.432  1.00 18.21 ? 411 TYR A CG  1 
ATOM   952  C CD1 . TYR A 1 116 ? 0.571   3.983   12.157  1.00 16.60 ? 411 TYR A CD1 1 
ATOM   953  C CD2 . TYR A 1 116 ? 0.330   4.671   14.447  1.00 18.13 ? 411 TYR A CD2 1 
ATOM   954  C CE1 . TYR A 1 116 ? 1.372   5.123   11.911  1.00 16.90 ? 411 TYR A CE1 1 
ATOM   955  C CE2 . TYR A 1 116 ? 1.117   5.792   14.219  1.00 18.26 ? 411 TYR A CE2 1 
ATOM   956  C CZ  . TYR A 1 116 ? 1.622   6.019   12.944  1.00 17.46 ? 411 TYR A CZ  1 
ATOM   957  O OH  . TYR A 1 116 ? 2.366   7.136   12.765  1.00 19.04 ? 411 TYR A OH  1 
ATOM   958  N N   . ARG A 1 117 ? -3.460  0.988   12.428  1.00 17.50 ? 412 ARG A N   1 
ATOM   959  C CA  . ARG A 1 117 ? -4.312  -0.210  12.382  1.00 19.19 ? 412 ARG A CA  1 
ATOM   960  C C   . ARG A 1 117 ? -3.863  -1.137  11.268  1.00 20.32 ? 412 ARG A C   1 
ATOM   961  O O   . ARG A 1 117 ? -3.263  -0.684  10.290  1.00 16.92 ? 412 ARG A O   1 
ATOM   962  C CB  . ARG A 1 117 ? -5.770  0.144   12.098  1.00 21.50 ? 412 ARG A CB  1 
ATOM   963  C CG  . ARG A 1 117 ? -6.393  1.203   13.013  1.00 25.80 ? 412 ARG A CG  1 
ATOM   964  C CD  . ARG A 1 117 ? -7.737  1.697   12.476  1.00 29.34 ? 412 ARG A CD  1 
ATOM   965  N NE  . ARG A 1 117 ? -7.681  2.167   11.078  1.00 27.48 ? 412 ARG A NE  1 
ATOM   966  C CZ  . ARG A 1 117 ? -8.659  2.072   10.182  1.00 28.65 ? 412 ARG A CZ  1 
ATOM   967  N NH1 . ARG A 1 117 ? -9.869  1.587   10.487  1.00 30.83 ? 412 ARG A NH1 1 
ATOM   968  N NH2 . ARG A 1 117 ? -8.449  2.505   8.949   1.00 27.03 ? 412 ARG A NH2 1 
ATOM   969  N N   . THR A 1 118 ? -4.158  -2.415  11.463  1.00 19.21 ? 413 THR A N   1 
ATOM   970  C CA  . THR A 1 118 ? -4.209  -3.385  10.395  1.00 21.94 ? 413 THR A CA  1 
ATOM   971  C C   . THR A 1 118 ? -5.642  -3.474  9.875   1.00 21.74 ? 413 THR A C   1 
ATOM   972  O O   . THR A 1 118 ? -6.614  -3.534  10.659  1.00 19.27 ? 413 THR A O   1 
ATOM   973  C CB  . THR A 1 118 ? -3.969  -4.786  10.935  1.00 22.06 ? 413 THR A CB  1 
ATOM   974  O OG1 . THR A 1 118 ? -4.992  -5.024  11.910  1.00 24.56 ? 413 THR A OG1 1 
ATOM   975  C CG2 . THR A 1 118 ? -2.599  -4.960  11.510  1.00 21.74 ? 413 THR A CG2 1 
ATOM   976  N N   . LEU A 1 119 ? -5.789  -3.560  8.558   1.00 20.69 ? 414 LEU A N   1 
ATOM   977  C CA  . LEU A 1 119 ? -7.086  -3.658  7.997   1.00 19.41 ? 414 LEU A CA  1 
ATOM   978  C C   . LEU A 1 119 ? -7.486  -5.158  7.899   1.00 20.91 ? 414 LEU A C   1 
ATOM   979  O O   . LEU A 1 119 ? -7.654  -5.698  6.844   1.00 19.00 ? 414 LEU A O   1 
ATOM   980  C CB  . LEU A 1 119 ? -7.198  -2.890  6.679   1.00 19.38 ? 414 LEU A CB  1 
ATOM   981  C CG  . LEU A 1 119 ? -6.712  -1.453  6.599   1.00 20.64 ? 414 LEU A CG  1 
ATOM   982  C CD1 . LEU A 1 119 ? -7.213  -0.719  5.347   1.00 21.41 ? 414 LEU A CD1 1 
ATOM   983  C CD2 . LEU A 1 119 ? -7.096  -0.699  7.871   1.00 20.63 ? 414 LEU A CD2 1 
ATOM   984  N N   . THR A 1 120 ? -7.654  -5.773  9.053   1.00 26.83 ? 415 THR A N   1 
ATOM   985  C CA  . THR A 1 120 ? -8.232  -7.121  9.234   1.00 25.83 ? 415 THR A CA  1 
ATOM   986  C C   . THR A 1 120 ? -9.742  -6.982  9.569   1.00 28.31 ? 415 THR A C   1 
ATOM   987  O O   . THR A 1 120 ? -10.267 -5.853  9.643   1.00 21.89 ? 415 THR A O   1 
ATOM   988  C CB  . THR A 1 120 ? -7.508  -7.793  10.406  1.00 26.50 ? 415 THR A CB  1 
ATOM   989  O OG1 . THR A 1 120 ? -7.409  -6.837  11.482  1.00 29.25 ? 415 THR A OG1 1 
ATOM   990  C CG2 . THR A 1 120 ? -6.099  -8.194  9.989   1.00 27.80 ? 415 THR A CG2 1 
ATOM   991  N N   . GLU A 1 121 ? -10.438 -8.121  9.718   1.00 30.00 ? 416 GLU A N   1 
ATOM   992  C CA  . GLU A 1 121 ? -11.843 -8.155  10.163  1.00 34.54 ? 416 GLU A CA  1 
ATOM   993  C C   . GLU A 1 121 ? -11.839 -8.833  11.544  1.00 34.46 ? 416 GLU A C   1 
ATOM   994  O O   . GLU A 1 121 ? -11.543 -10.043 11.622  1.00 35.60 ? 416 GLU A O   1 
ATOM   995  C CB  . GLU A 1 121 ? -12.718 -9.003  9.206   1.00 38.63 ? 416 GLU A CB  1 
ATOM   996  C CG  . GLU A 1 121 ? -14.013 -8.356  8.665   1.00 38.97 ? 416 GLU A CG  1 
ATOM   997  C CD  . GLU A 1 121 ? -14.696 -7.390  9.601   1.00 42.44 ? 416 GLU A CD  1 
ATOM   998  O OE1 . GLU A 1 121 ? -14.810 -7.729  10.806  1.00 38.80 ? 416 GLU A OE1 1 
ATOM   999  O OE2 . GLU A 1 121 ? -15.119 -6.294  9.130   1.00 43.44 ? 416 GLU A OE2 1 
ATOM   1000 N N   . PRO A 1 122 ? -12.078 -8.101  12.638  1.00 32.29 ? 417 PRO A N   1 
ATOM   1001 C CA  . PRO A 1 122 ? -12.171 -6.656  12.683  1.00 32.06 ? 417 PRO A CA  1 
ATOM   1002 C C   . PRO A 1 122 ? -10.797 -5.973  12.635  1.00 28.29 ? 417 PRO A C   1 
ATOM   1003 O O   . PRO A 1 122 ? -9.763  -6.597  12.819  1.00 27.28 ? 417 PRO A O   1 
ATOM   1004 C CB  . PRO A 1 122 ? -12.790 -6.439  14.070  1.00 34.90 ? 417 PRO A CB  1 
ATOM   1005 C CG  . PRO A 1 122 ? -12.065 -7.439  14.924  1.00 34.40 ? 417 PRO A CG  1 
ATOM   1006 C CD  . PRO A 1 122 ? -12.001 -8.663  14.016  1.00 34.85 ? 417 PRO A CD  1 
ATOM   1007 N N   . ARG A 1 123 ? -10.806 -4.669  12.460  1.00 32.37 ? 418 ARG A N   1 
ATOM   1008 C CA  . ARG A 1 123 ? -9.571  -3.888  12.458  1.00 31.12 ? 418 ARG A CA  1 
ATOM   1009 C C   . ARG A 1 123 ? -8.858  -4.197  13.748  1.00 31.93 ? 418 ARG A C   1 
ATOM   1010 O O   . ARG A 1 123 ? -9.517  -4.489  14.727  1.00 31.10 ? 418 ARG A O   1 
ATOM   1011 C CB  . ARG A 1 123 ? -9.878  -2.370  12.330  1.00 30.49 ? 418 ARG A CB  1 
ATOM   1012 C CG  . ARG A 1 123 ? -9.931  -1.863  10.875  1.00 29.26 ? 418 ARG A CG  1 
ATOM   1013 C CD  . ARG A 1 123 ? -10.889 -2.647  9.968   1.00 28.36 ? 418 ARG A CD  1 
ATOM   1014 N NE  . ARG A 1 123 ? -10.999 -2.117  8.585   1.00 30.03 ? 418 ARG A NE  1 
ATOM   1015 C CZ  . ARG A 1 123 ? -10.711 -2.774  7.446   1.00 27.59 ? 418 ARG A CZ  1 
ATOM   1016 N NH1 . ARG A 1 123 ? -10.326 -4.021  7.454   1.00 27.85 ? 418 ARG A NH1 1 
ATOM   1017 N NH2 . ARG A 1 123 ? -10.836 -2.162  6.268   1.00 27.83 ? 418 ARG A NH2 1 
ATOM   1018 N N   . THR A 1 124 ? -7.539  -4.230  13.756  1.00 28.35 ? 419 THR A N   1 
ATOM   1019 C CA  . THR A 1 124 ? -6.857  -4.224  15.028  1.00 30.62 ? 419 THR A CA  1 
ATOM   1020 C C   . THR A 1 124 ? -5.824  -3.102  15.097  1.00 30.64 ? 419 THR A C   1 
ATOM   1021 O O   . THR A 1 124 ? -5.148  -2.786  14.088  1.00 26.39 ? 419 THR A O   1 
ATOM   1022 C CB  . THR A 1 124 ? -6.163  -5.544  15.300  1.00 32.68 ? 419 THR A CB  1 
ATOM   1023 O OG1 . THR A 1 124 ? -5.105  -5.695  14.375  1.00 36.41 ? 419 THR A OG1 1 
ATOM   1024 C CG2 . THR A 1 124 ? -7.119  -6.681  15.168  1.00 35.81 ? 419 THR A CG2 1 
ATOM   1025 N N   . ASN A 1 125 ? -5.688  -2.546  16.299  1.00 29.75 ? 420 ASN A N   1 
ATOM   1026 C CA  . ASN A 1 125 ? -4.840  -1.394  16.550  1.00 29.46 ? 420 ASN A CA  1 
ATOM   1027 C C   . ASN A 1 125 ? -3.391  -1.794  16.695  1.00 28.43 ? 420 ASN A C   1 
ATOM   1028 O O   . ASN A 1 125 ? -3.103  -2.855  17.196  1.00 30.14 ? 420 ASN A O   1 
ATOM   1029 C CB  . ASN A 1 125 ? -5.388  -0.618  17.738  1.00 31.93 ? 420 ASN A CB  1 
ATOM   1030 C CG  . ASN A 1 125 ? -6.810  -0.148  17.477  1.00 37.10 ? 420 ASN A CG  1 
ATOM   1031 O OD1 . ASN A 1 125 ? -7.194  0.134   16.337  1.00 37.06 ? 420 ASN A OD1 1 
ATOM   1032 N ND2 . ASN A 1 125 ? -7.610  -0.104  18.513  1.00 43.41 ? 420 ASN A ND2 1 
ATOM   1033 N N   . LEU A 1 126 ? -2.470  -0.966  16.205  1.00 26.40 ? 421 LEU A N   1 
ATOM   1034 C CA  . LEU A 1 126 ? -1.067  -1.251  16.329  1.00 26.34 ? 421 LEU A CA  1 
ATOM   1035 C C   . LEU A 1 126 ? -0.575  -0.255  17.299  1.00 28.24 ? 421 LEU A C   1 
ATOM   1036 O O   . LEU A 1 126 ? -1.157  0.840   17.430  1.00 26.35 ? 421 LEU A O   1 
ATOM   1037 C CB  . LEU A 1 126 ? -0.320  -1.076  14.999  1.00 25.66 ? 421 LEU A CB  1 
ATOM   1038 C CG  . LEU A 1 126 ? -0.729  -2.047  13.868  1.00 23.36 ? 421 LEU A CG  1 
ATOM   1039 C CD1 . LEU A 1 126 ? -0.051  -1.733  12.543  1.00 21.37 ? 421 LEU A CD1 1 
ATOM   1040 C CD2 . LEU A 1 126 ? -0.481  -3.478  14.241  1.00 23.83 ? 421 LEU A CD2 1 
ATOM   1041 N N   . LYS A 1 127 ? 0.494   -0.623  17.976  1.00 29.61 ? 422 LYS A N   1 
ATOM   1042 C CA  . LYS A 1 127 ? 1.121   0.237   18.936  1.00 31.90 ? 422 LYS A CA  1 
ATOM   1043 C C   . LYS A 1 127 ? 2.521   0.400   18.482  1.00 31.61 ? 422 LYS A C   1 
ATOM   1044 O O   . LYS A 1 127 ? 3.302   -0.561  18.540  1.00 31.41 ? 422 LYS A O   1 
ATOM   1045 C CB  . LYS A 1 127 ? 1.096   -0.409  20.318  1.00 37.92 ? 422 LYS A CB  1 
ATOM   1046 C CG  . LYS A 1 127 ? -0.313  -0.605  20.844  1.00 41.89 ? 422 LYS A CG  1 
ATOM   1047 C CD  . LYS A 1 127 ? -0.351  -0.612  22.378  1.00 48.01 ? 422 LYS A CD  1 
ATOM   1048 C CE  . LYS A 1 127 ? 0.631   -1.602  23.006  1.00 47.05 ? 422 LYS A CE  1 
ATOM   1049 N NZ  . LYS A 1 127 ? 0.276   -1.785  24.444  1.00 48.07 ? 422 LYS A NZ  1 
ATOM   1050 N N   . LEU A 1 128 ? 2.829   1.602   17.998  1.00 31.30 ? 423 LEU A N   1 
ATOM   1051 C CA  . LEU A 1 128 ? 4.137   1.920   17.422  1.00 34.73 ? 423 LEU A CA  1 
ATOM   1052 C C   . LEU A 1 128 ? 4.879   2.925   18.311  1.00 38.45 ? 423 LEU A C   1 
ATOM   1053 O O   . LEU A 1 128 ? 4.361   4.025   18.558  1.00 37.50 ? 423 LEU A O   1 
ATOM   1054 C CB  . LEU A 1 128 ? 3.985   2.499   16.013  1.00 32.58 ? 423 LEU A CB  1 
ATOM   1055 C CG  . LEU A 1 128 ? 3.291   1.647   14.928  1.00 29.90 ? 423 LEU A CG  1 
ATOM   1056 C CD1 . LEU A 1 128 ? 3.517   2.313   13.596  1.00 28.12 ? 423 LEU A CD1 1 
ATOM   1057 C CD2 . LEU A 1 128 ? 3.816   0.229   14.856  1.00 30.36 ? 423 LEU A CD2 1 
ATOM   1058 N N   . PRO A 1 129 ? 6.104   2.553   18.768  1.00 43.33 ? 424 PRO A N   1 
ATOM   1059 C CA  . PRO A 1 129 ? 6.815   3.426   19.716  1.00 43.56 ? 424 PRO A CA  1 
ATOM   1060 C C   . PRO A 1 129 ? 6.915   4.836   19.146  1.00 39.48 ? 424 PRO A C   1 
ATOM   1061 O O   . PRO A 1 129 ? 6.424   5.764   19.753  1.00 40.98 ? 424 PRO A O   1 
ATOM   1062 C CB  . PRO A 1 129 ? 8.190   2.752   19.876  1.00 44.95 ? 424 PRO A CB  1 
ATOM   1063 C CG  . PRO A 1 129 ? 8.329   1.748   18.765  1.00 44.64 ? 424 PRO A CG  1 
ATOM   1064 C CD  . PRO A 1 129 ? 6.962   1.478   18.198  1.00 43.79 ? 424 PRO A CD  1 
ATOM   1065 N N   . LYS A 1 130 ? 7.488   4.953   17.960  1.00 37.18 ? 425 LYS A N   1 
ATOM   1066 C CA  . LYS A 1 130 ? 7.632   6.214   17.232  1.00 37.29 ? 425 LYS A CA  1 
ATOM   1067 C C   . LYS A 1 130 ? 6.832   6.210   15.910  1.00 32.05 ? 425 LYS A C   1 
ATOM   1068 O O   . LYS A 1 130 ? 6.791   5.194   15.193  1.00 27.99 ? 425 LYS A O   1 
ATOM   1069 C CB  . LYS A 1 130 ? 9.086   6.420   16.860  1.00 39.74 ? 425 LYS A CB  1 
ATOM   1070 C CG  . LYS A 1 130 ? 10.060  6.083   17.960  1.00 46.39 ? 425 LYS A CG  1 
ATOM   1071 C CD  . LYS A 1 130 ? 9.780   6.902   19.207  1.00 50.85 ? 425 LYS A CD  1 
ATOM   1072 C CE  . LYS A 1 130 ? 10.956  6.780   20.164  1.00 53.93 ? 425 LYS A CE  1 
ATOM   1073 N NZ  . LYS A 1 130 ? 11.207  5.365   20.565  1.00 53.68 ? 425 LYS A NZ  1 
ATOM   1074 N N   . PRO A 1 131 ? 6.224   7.328   15.556  1.00 26.95 ? 426 PRO A N   1 
ATOM   1075 C CA  . PRO A 1 131 ? 5.564   7.342   14.225  1.00 25.79 ? 426 PRO A CA  1 
ATOM   1076 C C   . PRO A 1 131 ? 6.560   7.088   13.064  1.00 22.70 ? 426 PRO A C   1 
ATOM   1077 O O   . PRO A 1 131 ? 7.601   7.681   13.051  1.00 21.43 ? 426 PRO A O   1 
ATOM   1078 C CB  . PRO A 1 131 ? 5.005   8.773   14.124  1.00 27.88 ? 426 PRO A CB  1 
ATOM   1079 C CG  . PRO A 1 131 ? 5.079   9.349   15.504  1.00 28.83 ? 426 PRO A CG  1 
ATOM   1080 C CD  . PRO A 1 131 ? 6.216   8.644   16.200  1.00 30.15 ? 426 PRO A CD  1 
ATOM   1081 N N   . PRO A 1 132 ? 6.266   6.204   12.097  1.00 18.76 ? 427 PRO A N   1 
ATOM   1082 C CA  . PRO A 1 132 ? 7.266   6.100   11.039  1.00 19.19 ? 427 PRO A CA  1 
ATOM   1083 C C   . PRO A 1 132 ? 7.133   7.210   10.020  1.00 17.43 ? 427 PRO A C   1 
ATOM   1084 O O   . PRO A 1 132 ? 6.051   7.702   9.814   1.00 15.70 ? 427 PRO A O   1 
ATOM   1085 C CB  . PRO A 1 132 ? 6.909   4.764   10.395  1.00 19.70 ? 427 PRO A CB  1 
ATOM   1086 C CG  . PRO A 1 132 ? 5.456   4.650   10.643  1.00 18.99 ? 427 PRO A CG  1 
ATOM   1087 C CD  . PRO A 1 132 ? 5.269   5.142   12.016  1.00 17.85 ? 427 PRO A CD  1 
ATOM   1088 N N   . LYS A 1 133 ? 8.227   7.558   9.381   1.00 17.14 ? 428 LYS A N   1 
ATOM   1089 C CA  . LYS A 1 133 ? 8.253   8.474   8.212   1.00 18.31 ? 428 LYS A CA  1 
ATOM   1090 C C   . LYS A 1 133 ? 8.284   7.739   6.876   1.00 17.73 ? 428 LYS A C   1 
ATOM   1091 O O   . LYS A 1 133 ? 7.790   8.243   5.853   1.00 14.14 ? 428 LYS A O   1 
ATOM   1092 C CB  . LYS A 1 133 ? 9.534   9.346   8.255   1.00 21.18 ? 428 LYS A CB  1 
ATOM   1093 C CG  . LYS A 1 133 ? 9.486   10.663  9.029   1.00 24.56 ? 428 LYS A CG  1 
ATOM   1094 C CD  . LYS A 1 133 ? 8.374   10.688  10.021  1.00 27.54 ? 428 LYS A CD  1 
ATOM   1095 C CE  . LYS A 1 133 ? 8.619   11.692  11.132  1.00 33.03 ? 428 LYS A CE  1 
ATOM   1096 N NZ  . LYS A 1 133 ? 7.487   11.466  12.081  1.00 31.28 ? 428 LYS A NZ  1 
ATOM   1097 N N   . LYS A 1 134 ? 8.925   6.591   6.877   1.00 18.13 ? 429 LYS A N   1 
ATOM   1098 C CA  . LYS A 1 134 ? 9.139   5.778   5.663   1.00 19.67 ? 429 LYS A CA  1 
ATOM   1099 C C   . LYS A 1 134 ? 8.915   4.336   6.035   1.00 17.53 ? 429 LYS A C   1 
ATOM   1100 O O   . LYS A 1 134 ? 9.457   3.838   7.008   1.00 16.54 ? 429 LYS A O   1 
ATOM   1101 C CB  . LYS A 1 134 ? 10.554  6.000   5.235   1.00 22.89 ? 429 LYS A CB  1 
ATOM   1102 C CG  . LYS A 1 134 ? 10.944  5.520   3.874   1.00 27.04 ? 429 LYS A CG  1 
ATOM   1103 C CD  . LYS A 1 134 ? 12.320  6.151   3.532   1.00 33.80 ? 429 LYS A CD  1 
ATOM   1104 C CE  . LYS A 1 134 ? 12.160  7.603   3.065   1.00 33.70 ? 429 LYS A CE  1 
ATOM   1105 N NZ  . LYS A 1 134 ? 13.225  8.575   3.455   1.00 38.50 ? 429 LYS A NZ  1 
ATOM   1106 N N   . VAL A 1 135 ? 8.050   3.669   5.295   1.00 17.81 ? 430 VAL A N   1 
ATOM   1107 C CA  . VAL A 1 135 ? 7.617   2.318   5.619   1.00 18.64 ? 430 VAL A CA  1 
ATOM   1108 C C   . VAL A 1 135 ? 8.056   1.360   4.475   1.00 18.67 ? 430 VAL A C   1 
ATOM   1109 O O   . VAL A 1 135 ? 7.804   1.656   3.323   1.00 18.77 ? 430 VAL A O   1 
ATOM   1110 C CB  . VAL A 1 135 ? 6.075   2.305   5.793   1.00 18.98 ? 430 VAL A CB  1 
ATOM   1111 C CG1 . VAL A 1 135 ? 5.543   0.889   5.824   1.00 19.25 ? 430 VAL A CG1 1 
ATOM   1112 C CG2 . VAL A 1 135 ? 5.664   3.136   7.039   1.00 19.12 ? 430 VAL A CG2 1 
ATOM   1113 N N   . GLY A 1 136 ? 8.684   0.233   4.836   1.00 16.83 ? 431 GLY A N   1 
ATOM   1114 C CA  . GLY A 1 136 ? 9.025   -0.838  3.908   1.00 17.29 ? 431 GLY A CA  1 
ATOM   1115 C C   . GLY A 1 136 ? 7.992   -1.939  3.932   1.00 16.52 ? 431 GLY A C   1 
ATOM   1116 O O   . GLY A 1 136 ? 7.575   -2.401  5.002   1.00 15.31 ? 431 GLY A O   1 
ATOM   1117 N N   . VAL A 1 137 ? 7.574   -2.329  2.716   1.00 16.45 ? 432 VAL A N   1 
ATOM   1118 C CA  . VAL A 1 137 ? 6.587   -3.344  2.456   1.00 16.85 ? 432 VAL A CA  1 
ATOM   1119 C C   . VAL A 1 137 ? 7.348   -4.485  1.734   1.00 15.48 ? 432 VAL A C   1 
ATOM   1120 O O   . VAL A 1 137 ? 7.928   -4.251  0.713   1.00 15.73 ? 432 VAL A O   1 
ATOM   1121 C CB  . VAL A 1 137 ? 5.449   -2.806  1.513   1.00 17.58 ? 432 VAL A CB  1 
ATOM   1122 C CG1 . VAL A 1 137 ? 4.319   -3.798  1.334   1.00 18.51 ? 432 VAL A CG1 1 
ATOM   1123 C CG2 . VAL A 1 137 ? 4.959   -1.459  2.015   1.00 18.89 ? 432 VAL A CG2 1 
ATOM   1124 N N   . PHE A 1 138 ? 7.218   -5.693  2.291   1.00 15.43 ? 433 PHE A N   1 
ATOM   1125 C CA  . PHE A 1 138 ? 7.952   -6.842  1.969   1.00 15.56 ? 433 PHE A CA  1 
ATOM   1126 C C   . PHE A 1 138 ? 6.969   -7.964  1.753   1.00 15.84 ? 433 PHE A C   1 
ATOM   1127 O O   . PHE A 1 138 ? 6.068   -8.197  2.564   1.00 17.16 ? 433 PHE A O   1 
ATOM   1128 C CB  . PHE A 1 138 ? 8.899   -7.170  3.169   1.00 17.16 ? 433 PHE A CB  1 
ATOM   1129 C CG  . PHE A 1 138 ? 10.041  -6.213  3.298   1.00 16.45 ? 433 PHE A CG  1 
ATOM   1130 C CD1 . PHE A 1 138 ? 9.859   -4.984  3.881   1.00 16.86 ? 433 PHE A CD1 1 
ATOM   1131 C CD2 . PHE A 1 138 ? 11.310  -6.540  2.855   1.00 17.64 ? 433 PHE A CD2 1 
ATOM   1132 C CE1 . PHE A 1 138 ? 10.898  -4.066  3.966   1.00 17.37 ? 433 PHE A CE1 1 
ATOM   1133 C CE2 . PHE A 1 138 ? 12.339  -5.615  2.924   1.00 16.70 ? 433 PHE A CE2 1 
ATOM   1134 C CZ  . PHE A 1 138 ? 12.143  -4.384  3.465   1.00 15.56 ? 433 PHE A CZ  1 
ATOM   1135 N N   . LEU A 1 139 ? 7.118   -8.639  0.628   1.00 16.02 ? 434 LEU A N   1 
ATOM   1136 C CA  . LEU A 1 139 ? 6.324   -9.786  0.265   1.00 18.17 ? 434 LEU A CA  1 
ATOM   1137 C C   . LEU A 1 139 ? 7.230   -10.951 0.065   1.00 16.82 ? 434 LEU A C   1 
ATOM   1138 O O   . LEU A 1 139 ? 8.185   -10.842 -0.686  1.00 16.36 ? 434 LEU A O   1 
ATOM   1139 C CB  . LEU A 1 139 ? 5.575   -9.501  -1.031  1.00 18.10 ? 434 LEU A CB  1 
ATOM   1140 C CG  . LEU A 1 139 ? 4.844   -10.625 -1.714  1.00 19.48 ? 434 LEU A CG  1 
ATOM   1141 C CD1 . LEU A 1 139 ? 3.671   -11.167 -0.854  1.00 18.86 ? 434 LEU A CD1 1 
ATOM   1142 C CD2 . LEU A 1 139 ? 4.393   -10.100 -3.078  1.00 20.95 ? 434 LEU A CD2 1 
ATOM   1143 N N   . ASP A 1 140 ? 6.874   -12.066 0.685   1.00 18.61 ? 435 ASP A N   1 
ATOM   1144 C CA  . ASP A 1 140 ? 7.428   -13.379 0.281   1.00 20.36 ? 435 ASP A CA  1 
ATOM   1145 C C   . ASP A 1 140 ? 6.249   -14.230 -0.147  1.00 19.77 ? 435 ASP A C   1 
ATOM   1146 O O   . ASP A 1 140 ? 5.456   -14.649 0.707   1.00 20.05 ? 435 ASP A O   1 
ATOM   1147 C CB  . ASP A 1 140 ? 8.210   -14.001 1.437   1.00 21.07 ? 435 ASP A CB  1 
ATOM   1148 C CG  . ASP A 1 140 ? 8.809   -15.368 1.099   1.00 23.05 ? 435 ASP A CG  1 
ATOM   1149 O OD1 . ASP A 1 140 ? 8.299   -16.165 0.257   1.00 25.82 ? 435 ASP A OD1 1 
ATOM   1150 O OD2 . ASP A 1 140 ? 9.837   -15.646 1.723   1.00 28.81 ? 435 ASP A OD2 1 
ATOM   1151 N N   . TYR A 1 141 ? 6.102   -14.456 -1.461  1.00 19.86 ? 436 TYR A N   1 
ATOM   1152 C CA  . TYR A 1 141 ? 4.904   -15.112 -1.997  1.00 20.46 ? 436 TYR A CA  1 
ATOM   1153 C C   . TYR A 1 141 ? 4.829   -16.550 -1.503  1.00 23.41 ? 436 TYR A C   1 
ATOM   1154 O O   . TYR A 1 141 ? 3.782   -17.004 -1.065  1.00 21.10 ? 436 TYR A O   1 
ATOM   1155 C CB  . TYR A 1 141 ? 4.903   -15.076 -3.553  1.00 21.07 ? 436 TYR A CB  1 
ATOM   1156 C CG  . TYR A 1 141 ? 3.589   -15.329 -4.178  1.00 18.28 ? 436 TYR A CG  1 
ATOM   1157 C CD1 . TYR A 1 141 ? 3.085   -16.624 -4.300  1.00 17.26 ? 436 TYR A CD1 1 
ATOM   1158 C CD2 . TYR A 1 141 ? 2.801   -14.253 -4.618  1.00 19.72 ? 436 TYR A CD2 1 
ATOM   1159 C CE1 . TYR A 1 141 ? 1.834   -16.855 -4.846  1.00 18.43 ? 436 TYR A CE1 1 
ATOM   1160 C CE2 . TYR A 1 141 ? 1.559   -14.464 -5.191  1.00 21.38 ? 436 TYR A CE2 1 
ATOM   1161 C CZ  . TYR A 1 141 ? 1.068   -15.771 -5.314  1.00 20.72 ? 436 TYR A CZ  1 
ATOM   1162 O OH  . TYR A 1 141 ? -0.159  -15.916 -5.889  1.00 19.19 ? 436 TYR A OH  1 
ATOM   1163 N N   . GLU A 1 142 ? 5.931   -17.267 -1.563  1.00 27.38 ? 437 GLU A N   1 
ATOM   1164 C CA  . GLU A 1 142 ? 5.841   -18.703 -1.233  1.00 31.35 ? 437 GLU A CA  1 
ATOM   1165 C C   . GLU A 1 142 ? 5.538   -18.956 0.249   1.00 30.25 ? 437 GLU A C   1 
ATOM   1166 O O   . GLU A 1 142 ? 4.709   -19.794 0.537   1.00 28.38 ? 437 GLU A O   1 
ATOM   1167 C CB  . GLU A 1 142 ? 7.054   -19.486 -1.699  1.00 37.13 ? 437 GLU A CB  1 
ATOM   1168 C CG  . GLU A 1 142 ? 7.079   -19.732 -3.222  1.00 39.57 ? 437 GLU A CG  1 
ATOM   1169 C CD  . GLU A 1 142 ? 7.461   -18.503 -4.018  1.00 37.93 ? 437 GLU A CD  1 
ATOM   1170 O OE1 . GLU A 1 142 ? 8.111   -17.587 -3.456  1.00 44.77 ? 437 GLU A OE1 1 
ATOM   1171 O OE2 . GLU A 1 142 ? 7.087   -18.412 -5.194  1.00 36.27 ? 437 GLU A OE2 1 
ATOM   1172 N N   . THR A 1 143 ? 6.150   -18.211 1.177   1.00 30.20 ? 438 THR A N   1 
ATOM   1173 C CA  . THR A 1 143 ? 5.816   -18.392 2.612   1.00 29.56 ? 438 THR A CA  1 
ATOM   1174 C C   . THR A 1 143 ? 4.517   -17.743 2.994   1.00 27.35 ? 438 THR A C   1 
ATOM   1175 O O   . THR A 1 143 ? 3.944   -18.072 4.016   1.00 27.98 ? 438 THR A O   1 
ATOM   1176 C CB  . THR A 1 143 ? 6.877   -17.833 3.578   1.00 30.13 ? 438 THR A CB  1 
ATOM   1177 O OG1 . THR A 1 143 ? 7.023   -16.405 3.375   1.00 30.80 ? 438 THR A OG1 1 
ATOM   1178 C CG2 . THR A 1 143 ? 8.229   -18.557 3.394   1.00 29.63 ? 438 THR A CG2 1 
ATOM   1179 N N   . GLY A 1 144 ? 4.063   -16.766 2.226   1.00 26.89 ? 439 GLY A N   1 
ATOM   1180 C CA  . GLY A 1 144 ? 2.783   -16.135 2.517   1.00 23.08 ? 439 GLY A CA  1 
ATOM   1181 C C   . GLY A 1 144 ? 2.858   -14.926 3.418   1.00 21.54 ? 439 GLY A C   1 
ATOM   1182 O O   . GLY A 1 144 ? 1.836   -14.479 3.938   1.00 21.56 ? 439 GLY A O   1 
ATOM   1183 N N   . ASP A 1 145 ? 4.046   -14.374 3.592   1.00 21.55 ? 440 ASP A N   1 
ATOM   1184 C CA  . ASP A 1 145 ? 4.230   -13.304 4.562   1.00 23.42 ? 440 ASP A CA  1 
ATOM   1185 C C   . ASP A 1 145 ? 4.325   -11.942 3.846   1.00 22.24 ? 440 ASP A C   1 
ATOM   1186 O O   . ASP A 1 145 ? 4.971   -11.797 2.790   1.00 19.88 ? 440 ASP A O   1 
ATOM   1187 C CB  . ASP A 1 145 ? 5.457   -13.492 5.481   1.00 22.65 ? 440 ASP A CB  1 
ATOM   1188 C CG  . ASP A 1 145 ? 5.443   -14.831 6.315   1.00 24.62 ? 440 ASP A CG  1 
ATOM   1189 O OD1 . ASP A 1 145 ? 4.417   -15.568 6.435   1.00 23.86 ? 440 ASP A OD1 1 
ATOM   1190 O OD2 . ASP A 1 145 ? 6.511   -15.107 6.892   1.00 24.93 ? 440 ASP A OD2 1 
ATOM   1191 N N   . ILE A 1 146 ? 3.634   -10.972 4.452   1.00 19.79 ? 441 ILE A N   1 
ATOM   1192 C CA  . ILE A 1 146 ? 3.694   -9.575  4.056   1.00 19.03 ? 441 ILE A CA  1 
ATOM   1193 C C   . ILE A 1 146 ? 4.049   -8.862  5.346   1.00 17.54 ? 441 ILE A C   1 
ATOM   1194 O O   . ILE A 1 146 ? 3.360   -8.988  6.346   1.00 17.94 ? 441 ILE A O   1 
ATOM   1195 C CB  . ILE A 1 146 ? 2.352   -9.052  3.533   1.00 21.16 ? 441 ILE A CB  1 
ATOM   1196 C CG1 . ILE A 1 146 ? 1.833   -9.897  2.415   1.00 23.02 ? 441 ILE A CG1 1 
ATOM   1197 C CG2 . ILE A 1 146 ? 2.484   -7.624  3.093   1.00 19.67 ? 441 ILE A CG2 1 
ATOM   1198 C CD1 . ILE A 1 146 ? 0.344   -9.777  2.285   1.00 25.58 ? 441 ILE A CD1 1 
ATOM   1199 N N   . SER A 1 147 ? 5.148   -8.153  5.307   1.00 16.59 ? 442 SER A N   1 
ATOM   1200 C CA  A SER A 1 147 ? 5.626   -7.536  6.490   0.50 15.72 ? 442 SER A CA  1 
ATOM   1201 C CA  B SER A 1 147 ? 5.730   -7.540  6.465   0.50 16.16 ? 442 SER A CA  1 
ATOM   1202 C C   . SER A 1 147 ? 5.915   -6.073  6.222   1.00 15.71 ? 442 SER A C   1 
ATOM   1203 O O   . SER A 1 147 ? 6.187   -5.653  5.094   1.00 15.89 ? 442 SER A O   1 
ATOM   1204 C CB  A SER A 1 147 ? 6.823   -8.328  7.039   0.50 14.94 ? 442 SER A CB  1 
ATOM   1205 C CB  B SER A 1 147 ? 7.088   -8.165  6.723   0.50 15.71 ? 442 SER A CB  1 
ATOM   1206 O OG  A SER A 1 147 ? 7.871   -8.408  6.113   0.50 14.30 ? 442 SER A OG  1 
ATOM   1207 O OG  B SER A 1 147 ? 6.932   -9.528  6.918   0.50 16.12 ? 442 SER A OG  1 
ATOM   1208 N N   . PHE A 1 148 ? 5.753   -5.286  7.276   1.00 15.70 ? 443 PHE A N   1 
ATOM   1209 C CA  . PHE A 1 148 ? 5.882   -3.829  7.196   1.00 14.93 ? 443 PHE A CA  1 
ATOM   1210 C C   . PHE A 1 148 ? 6.902   -3.501  8.261   1.00 14.29 ? 443 PHE A C   1 
ATOM   1211 O O   . PHE A 1 148 ? 6.838   -4.063  9.355   1.00 15.43 ? 443 PHE A O   1 
ATOM   1212 C CB  . PHE A 1 148 ? 4.587   -3.137  7.474   1.00 15.06 ? 443 PHE A CB  1 
ATOM   1213 C CG  . PHE A 1 148 ? 3.509   -3.467  6.525   1.00 14.30 ? 443 PHE A CG  1 
ATOM   1214 C CD1 . PHE A 1 148 ? 2.806   -4.653  6.653   1.00 14.30 ? 443 PHE A CD1 1 
ATOM   1215 C CD2 . PHE A 1 148 ? 3.210   -2.608  5.492   1.00 15.02 ? 443 PHE A CD2 1 
ATOM   1216 C CE1 . PHE A 1 148 ? 1.824   -4.978  5.758   1.00 14.59 ? 443 PHE A CE1 1 
ATOM   1217 C CE2 . PHE A 1 148 ? 2.215   -2.939  4.545   1.00 15.51 ? 443 PHE A CE2 1 
ATOM   1218 C CZ  . PHE A 1 148 ? 1.503   -4.109  4.705   1.00 13.95 ? 443 PHE A CZ  1 
ATOM   1219 N N   . TYR A 1 149 ? 7.852   -2.661  7.891   1.00 15.96 ? 444 TYR A N   1 
ATOM   1220 C CA  . TYR A 1 149 ? 8.939   -2.175  8.741   1.00 15.73 ? 444 TYR A CA  1 
ATOM   1221 C C   . TYR A 1 149 ? 9.047   -0.674  8.671   1.00 15.78 ? 444 TYR A C   1 
ATOM   1222 O O   . TYR A 1 149 ? 8.798   -0.099  7.663   1.00 15.40 ? 444 TYR A O   1 
ATOM   1223 C CB  . TYR A 1 149 ? 10.331  -2.728  8.306   1.00 17.07 ? 444 TYR A CB  1 
ATOM   1224 C CG  . TYR A 1 149 ? 10.434  -4.197  8.547   1.00 20.32 ? 444 TYR A CG  1 
ATOM   1225 C CD1 . TYR A 1 149 ? 10.780  -4.698  9.800   1.00 21.57 ? 444 TYR A CD1 1 
ATOM   1226 C CD2 . TYR A 1 149 ? 10.125  -5.100  7.534   1.00 21.35 ? 444 TYR A CD2 1 
ATOM   1227 C CE1 . TYR A 1 149 ? 10.830  -6.067  10.038  1.00 22.57 ? 444 TYR A CE1 1 
ATOM   1228 C CE2 . TYR A 1 149 ? 10.126  -6.460  7.776   1.00 22.33 ? 444 TYR A CE2 1 
ATOM   1229 C CZ  . TYR A 1 149 ? 10.499  -6.946  9.017   1.00 21.87 ? 444 TYR A CZ  1 
ATOM   1230 O OH  . TYR A 1 149 ? 10.536  -8.296  9.211   1.00 23.63 ? 444 TYR A OH  1 
ATOM   1231 N N   . ASN A 1 150 ? 9.507   -0.060  9.739   1.00 14.19 ? 445 ASN A N   1 
ATOM   1232 C CA  . ASN A 1 150 ? 9.976   1.310   9.706   1.00 16.84 ? 445 ASN A CA  1 
ATOM   1233 C C   . ASN A 1 150 ? 11.305  1.328   8.980   1.00 17.55 ? 445 ASN A C   1 
ATOM   1234 O O   . ASN A 1 150 ? 12.288  0.852   9.509   1.00 18.32 ? 445 ASN A O   1 
ATOM   1235 C CB  . ASN A 1 150 ? 10.265  1.805   11.098  1.00 14.68 ? 445 ASN A CB  1 
ATOM   1236 C CG  . ASN A 1 150 ? 10.684  3.255   11.098  1.00 15.32 ? 445 ASN A CG  1 
ATOM   1237 O OD1 . ASN A 1 150 ? 11.629  3.664   10.404  1.00 14.69 ? 445 ASN A OD1 1 
ATOM   1238 N ND2 . ASN A 1 150 ? 9.997   4.063   11.938  1.00 13.94 ? 445 ASN A ND2 1 
ATOM   1239 N N   . ALA A 1 151 ? 11.324  1.935   7.807   1.00 17.80 ? 446 ALA A N   1 
ATOM   1240 C CA  . ALA A 1 151 ? 12.424  1.871   6.892   1.00 19.00 ? 446 ALA A CA  1 
ATOM   1241 C C   . ALA A 1 151 ? 13.624  2.603   7.360   1.00 21.18 ? 446 ALA A C   1 
ATOM   1242 O O   . ALA A 1 151 ? 14.674  2.424   6.786   1.00 21.22 ? 446 ALA A O   1 
ATOM   1243 C CB  . ALA A 1 151 ? 12.005  2.493   5.575   1.00 20.62 ? 446 ALA A CB  1 
ATOM   1244 N N   . VAL A 1 152 ? 13.476  3.472   8.339   1.00 22.20 ? 447 VAL A N   1 
ATOM   1245 C CA  . VAL A 1 152 ? 14.573  4.275   8.798   1.00 24.57 ? 447 VAL A CA  1 
ATOM   1246 C C   . VAL A 1 152 ? 15.298  3.594   9.930   1.00 26.93 ? 447 VAL A C   1 
ATOM   1247 O O   . VAL A 1 152 ? 16.486  3.852   10.115  1.00 32.61 ? 447 VAL A O   1 
ATOM   1248 C CB  . VAL A 1 152 ? 14.092  5.694   9.194   1.00 26.04 ? 447 VAL A CB  1 
ATOM   1249 C CG1 . VAL A 1 152 ? 15.143  6.462   9.996   1.00 26.73 ? 447 VAL A CG1 1 
ATOM   1250 C CG2 . VAL A 1 152 ? 13.736  6.447   7.916   1.00 28.10 ? 447 VAL A CG2 1 
ATOM   1251 N N   . ASP A 1 153 ? 14.630  2.766   10.718  1.00 25.05 ? 448 ASP A N   1 
ATOM   1252 C CA  . ASP A 1 153 ? 15.352  2.128   11.834  1.00 25.05 ? 448 ASP A CA  1 
ATOM   1253 C C   . ASP A 1 153 ? 15.229  0.653   11.918  1.00 24.77 ? 448 ASP A C   1 
ATOM   1254 O O   . ASP A 1 153 ? 15.697  0.077   12.899  1.00 26.60 ? 448 ASP A O   1 
ATOM   1255 C CB  . ASP A 1 153 ? 14.946  2.765   13.180  1.00 23.81 ? 448 ASP A CB  1 
ATOM   1256 C CG  . ASP A 1 153 ? 13.595  2.375   13.637  1.00 26.28 ? 448 ASP A CG  1 
ATOM   1257 O OD1 . ASP A 1 153 ? 12.836  1.655   12.953  1.00 24.75 ? 448 ASP A OD1 1 
ATOM   1258 O OD2 . ASP A 1 153 ? 13.239  2.844   14.686  1.00 25.80 ? 448 ASP A OD2 1 
ATOM   1259 N N   . GLY A 1 154 ? 14.513  0.048   10.965  1.00 20.84 ? 449 GLY A N   1 
ATOM   1260 C CA  . GLY A 1 154 ? 14.418  -1.360  10.911  1.00 19.36 ? 449 GLY A CA  1 
ATOM   1261 C C   . GLY A 1 154 ? 13.403  -1.981  11.789  1.00 17.88 ? 449 GLY A C   1 
ATOM   1262 O O   . GLY A 1 154 ? 13.217  -3.164  11.681  1.00 18.28 ? 449 GLY A O   1 
ATOM   1263 N N   . SER A 1 155 ? 12.711  -1.222  12.624  1.00 19.14 ? 450 SER A N   1 
ATOM   1264 C CA  . SER A 1 155 ? 11.811  -1.803  13.579  1.00 19.66 ? 450 SER A CA  1 
ATOM   1265 C C   . SER A 1 155 ? 10.611  -2.377  12.839  1.00 19.69 ? 450 SER A C   1 
ATOM   1266 O O   . SER A 1 155 ? 10.224  -1.869  11.794  1.00 19.65 ? 450 SER A O   1 
ATOM   1267 C CB  . SER A 1 155 ? 11.366  -0.795  14.609  1.00 22.39 ? 450 SER A CB  1 
ATOM   1268 O OG  . SER A 1 155 ? 10.642  0.255   14.008  1.00 25.12 ? 450 SER A OG  1 
ATOM   1269 N N   . HIS A 1 156 ? 10.061  -3.440  13.387  1.00 18.63 ? 451 HIS A N   1 
ATOM   1270 C CA  . HIS A 1 156 ? 8.950   -4.144  12.807  1.00 20.92 ? 451 HIS A CA  1 
ATOM   1271 C C   . HIS A 1 156 ? 7.671   -3.369  13.095  1.00 20.70 ? 451 HIS A C   1 
ATOM   1272 O O   . HIS A 1 156 ? 7.490   -2.795  14.178  1.00 19.81 ? 451 HIS A O   1 
ATOM   1273 C CB  . HIS A 1 156 ? 8.874   -5.540  13.431  1.00 22.89 ? 451 HIS A CB  1 
ATOM   1274 C CG  . HIS A 1 156 ? 7.795   -6.409  12.894  1.00 22.75 ? 451 HIS A CG  1 
ATOM   1275 N ND1 . HIS A 1 156 ? 6.709   -6.796  13.652  1.00 21.84 ? 451 HIS A ND1 1 
ATOM   1276 C CD2 . HIS A 1 156 ? 7.624   -6.965  11.665  1.00 23.65 ? 451 HIS A CD2 1 
ATOM   1277 C CE1 . HIS A 1 156 ? 5.926   -7.562  12.922  1.00 23.43 ? 451 HIS A CE1 1 
ATOM   1278 N NE2 . HIS A 1 156 ? 6.454   -7.677  11.711  1.00 23.05 ? 451 HIS A NE2 1 
ATOM   1279 N N   . ILE A 1 157 ? 6.769   -3.347  12.123  1.00 18.28 ? 452 ILE A N   1 
ATOM   1280 C CA  . ILE A 1 157 ? 5.473   -2.708  12.319  1.00 18.64 ? 452 ILE A CA  1 
ATOM   1281 C C   . ILE A 1 157 ? 4.426   -3.763  12.364  1.00 17.31 ? 452 ILE A C   1 
ATOM   1282 O O   . ILE A 1 157 ? 3.626   -3.720  13.201  1.00 16.81 ? 452 ILE A O   1 
ATOM   1283 C CB  . ILE A 1 157 ? 5.205   -1.669  11.213  1.00 17.58 ? 452 ILE A CB  1 
ATOM   1284 C CG1 . ILE A 1 157 ? 6.038   -0.393  11.483  1.00 18.09 ? 452 ILE A CG1 1 
ATOM   1285 C CG2 . ILE A 1 157 ? 3.742   -1.346  11.122  1.00 19.22 ? 452 ILE A CG2 1 
ATOM   1286 C CD1 . ILE A 1 157 ? 5.898   0.648   10.409  1.00 16.87 ? 452 ILE A CD1 1 
ATOM   1287 N N   . HIS A 1 158 ? 4.381   -4.679  11.392  1.00 18.13 ? 453 HIS A N   1 
ATOM   1288 C CA  . HIS A 1 158 ? 3.329   -5.707  11.366  1.00 19.58 ? 453 HIS A CA  1 
ATOM   1289 C C   . HIS A 1 158 ? 3.627   -6.730  10.330  1.00 20.03 ? 453 HIS A C   1 
ATOM   1290 O O   . HIS A 1 158 ? 4.284   -6.399  9.353   1.00 16.05 ? 453 HIS A O   1 
ATOM   1291 C CB  . HIS A 1 158 ? 1.972   -5.079  11.017  1.00 21.28 ? 453 HIS A CB  1 
ATOM   1292 C CG  . HIS A 1 158 ? 0.863   -6.071  11.020  1.00 23.74 ? 453 HIS A CG  1 
ATOM   1293 N ND1 . HIS A 1 158 ? 0.292   -6.556  9.866   1.00 27.50 ? 453 HIS A ND1 1 
ATOM   1294 C CD2 . HIS A 1 158 ? 0.271   -6.732  12.036  1.00 22.90 ? 453 HIS A CD2 1 
ATOM   1295 C CE1 . HIS A 1 158 ? -0.637  -7.441  10.180  1.00 23.38 ? 453 HIS A CE1 1 
ATOM   1296 N NE2 . HIS A 1 158 ? -0.629  -7.604  11.481  1.00 24.66 ? 453 HIS A NE2 1 
ATOM   1297 N N   . THR A 1 159 ? 3.143   -7.959  10.546  1.00 20.22 ? 454 THR A N   1 
ATOM   1298 C CA  . THR A 1 159 ? 3.254   -9.032  9.578   1.00 21.21 ? 454 THR A CA  1 
ATOM   1299 C C   . THR A 1 159 ? 1.946   -9.807  9.417   1.00 21.22 ? 454 THR A C   1 
ATOM   1300 O O   . THR A 1 159 ? 1.425   -10.325 10.367  1.00 18.52 ? 454 THR A O   1 
ATOM   1301 C CB  . THR A 1 159 ? 4.395   -10.050 9.901   1.00 21.05 ? 454 THR A CB  1 
ATOM   1302 O OG1 . THR A 1 159 ? 5.660   -9.389  9.875   1.00 22.67 ? 454 THR A OG1 1 
ATOM   1303 C CG2 . THR A 1 159 ? 4.427   -11.133 8.884   1.00 23.06 ? 454 THR A CG2 1 
ATOM   1304 N N   . PHE A 1 160 ? 1.445   -9.902  8.194   1.00 21.60 ? 455 PHE A N   1 
ATOM   1305 C CA  . PHE A 1 160 ? 0.418   -10.884 7.874   1.00 21.31 ? 455 PHE A CA  1 
ATOM   1306 C C   . PHE A 1 160 ? 1.146   -12.197 7.617   1.00 21.49 ? 455 PHE A C   1 
ATOM   1307 O O   . PHE A 1 160 ? 1.947   -12.270 6.691   1.00 19.57 ? 455 PHE A O   1 
ATOM   1308 C CB  . PHE A 1 160 ? -0.365  -10.470 6.652   1.00 20.70 ? 455 PHE A CB  1 
ATOM   1309 C CG  . PHE A 1 160 ? -1.198  -9.233  6.830   1.00 22.77 ? 455 PHE A CG  1 
ATOM   1310 C CD1 . PHE A 1 160 ? -2.492  -9.301  7.347   1.00 23.20 ? 455 PHE A CD1 1 
ATOM   1311 C CD2 . PHE A 1 160 ? -0.746  -7.972  6.386   1.00 22.09 ? 455 PHE A CD2 1 
ATOM   1312 C CE1 . PHE A 1 160 ? -3.289  -8.137  7.487   1.00 21.87 ? 455 PHE A CE1 1 
ATOM   1313 C CE2 . PHE A 1 160 ? -1.547  -6.818  6.522   1.00 19.73 ? 455 PHE A CE2 1 
ATOM   1314 C CZ  . PHE A 1 160 ? -2.818  -6.903  7.046   1.00 19.97 ? 455 PHE A CZ  1 
ATOM   1315 N N   . LEU A 1 161 ? 0.858   -13.228 8.420   1.00 24.05 ? 456 LEU A N   1 
ATOM   1316 C CA  . LEU A 1 161 ? 1.575   -14.525 8.359   1.00 24.98 ? 456 LEU A CA  1 
ATOM   1317 C C   . LEU A 1 161 ? 0.894   -15.586 7.560   1.00 25.38 ? 456 LEU A C   1 
ATOM   1318 O O   . LEU A 1 161 ? -0.310  -15.831 7.719   1.00 25.93 ? 456 LEU A O   1 
ATOM   1319 C CB  . LEU A 1 161 ? 1.741   -15.123 9.768   1.00 30.46 ? 456 LEU A CB  1 
ATOM   1320 C CG  . LEU A 1 161 ? 2.862   -14.689 10.715  1.00 32.48 ? 456 LEU A CG  1 
ATOM   1321 C CD1 . LEU A 1 161 ? 4.226   -14.640 10.041  1.00 33.34 ? 456 LEU A CD1 1 
ATOM   1322 C CD2 . LEU A 1 161 ? 2.548   -13.395 11.449  1.00 36.95 ? 456 LEU A CD2 1 
ATOM   1323 N N   . ASP A 1 162 ? 1.667   -16.229 6.695   1.00 27.36 ? 457 ASP A N   1 
ATOM   1324 C CA  . ASP A 1 162 ? 1.277   -17.486 6.098   1.00 28.09 ? 457 ASP A CA  1 
ATOM   1325 C C   . ASP A 1 162 ? -0.055  -17.383 5.349   1.00 28.74 ? 457 ASP A C   1 
ATOM   1326 O O   . ASP A 1 162 ? -0.947  -18.212 5.471   1.00 29.21 ? 457 ASP A O   1 
ATOM   1327 C CB  . ASP A 1 162 ? 1.299   -18.597 7.194   1.00 31.55 ? 457 ASP A CB  1 
ATOM   1328 C CG  . ASP A 1 162 ? 1.015   -19.969 6.636   1.00 32.53 ? 457 ASP A CG  1 
ATOM   1329 O OD1 . ASP A 1 162 ? 1.706   -20.393 5.702   1.00 35.03 ? 457 ASP A OD1 1 
ATOM   1330 O OD2 . ASP A 1 162 ? 0.053   -20.597 7.109   1.00 38.62 ? 457 ASP A OD2 1 
ATOM   1331 N N   . VAL A 1 163 ? -0.207  -16.337 4.566   1.00 27.18 ? 458 VAL A N   1 
ATOM   1332 C CA  . VAL A 1 163 ? -1.399  -16.213 3.734   1.00 25.67 ? 458 VAL A CA  1 
ATOM   1333 C C   . VAL A 1 163 ? -1.215  -17.213 2.559   1.00 29.86 ? 458 VAL A C   1 
ATOM   1334 O O   . VAL A 1 163 ? -0.113  -17.251 1.965   1.00 30.84 ? 458 VAL A O   1 
ATOM   1335 C CB  . VAL A 1 163 ? -1.453  -14.806 3.154   1.00 24.18 ? 458 VAL A CB  1 
ATOM   1336 C CG1 . VAL A 1 163 ? -2.681  -14.650 2.258   1.00 24.89 ? 458 VAL A CG1 1 
ATOM   1337 C CG2 . VAL A 1 163 ? -1.417  -13.788 4.272   1.00 25.33 ? 458 VAL A CG2 1 
ATOM   1338 N N   . SER A 1 164 ? -2.230  -18.001 2.185   1.00 32.20 ? 459 SER A N   1 
ATOM   1339 C CA  . SER A 1 164 ? -2.076  -18.867 0.990   1.00 33.41 ? 459 SER A CA  1 
ATOM   1340 C C   . SER A 1 164 ? -2.592  -18.076 -0.226  1.00 31.17 ? 459 SER A C   1 
ATOM   1341 O O   . SER A 1 164 ? -3.784  -18.019 -0.492  1.00 35.58 ? 459 SER A O   1 
ATOM   1342 C CB  . SER A 1 164 ? -2.746  -20.237 1.175   1.00 36.09 ? 459 SER A CB  1 
ATOM   1343 O OG  . SER A 1 164 ? -4.149  -20.109 1.234   1.00 39.85 ? 459 SER A OG  1 
ATOM   1344 N N   . PHE A 1 165 ? -1.671  -17.417 -0.922  1.00 28.35 ? 460 PHE A N   1 
ATOM   1345 C CA  . PHE A 1 165 ? -2.007  -16.553 -2.075  1.00 24.13 ? 460 PHE A CA  1 
ATOM   1346 C C   . PHE A 1 165 ? -2.340  -17.451 -3.227  1.00 24.32 ? 460 PHE A C   1 
ATOM   1347 O O   . PHE A 1 165 ? -1.733  -18.474 -3.361  1.00 19.34 ? 460 PHE A O   1 
ATOM   1348 C CB  . PHE A 1 165 ? -0.846  -15.669 -2.495  1.00 23.15 ? 460 PHE A CB  1 
ATOM   1349 C CG  . PHE A 1 165 ? -0.390  -14.708 -1.436  1.00 22.39 ? 460 PHE A CG  1 
ATOM   1350 C CD1 . PHE A 1 165 ? -1.295  -13.826 -0.821  1.00 21.83 ? 460 PHE A CD1 1 
ATOM   1351 C CD2 . PHE A 1 165 ? 0.920   -14.725 -1.019  1.00 21.95 ? 460 PHE A CD2 1 
ATOM   1352 C CE1 . PHE A 1 165 ? -0.866  -12.957 0.169   1.00 23.63 ? 460 PHE A CE1 1 
ATOM   1353 C CE2 . PHE A 1 165 ? 1.368   -13.845 -0.059  1.00 22.93 ? 460 PHE A CE2 1 
ATOM   1354 C CZ  . PHE A 1 165 ? 0.471   -12.959 0.536   1.00 21.82 ? 460 PHE A CZ  1 
ATOM   1355 N N   . SER A 1 166 ? -3.379  -17.117 -3.965  1.00 24.32 ? 461 SER A N   1 
ATOM   1356 C CA  . SER A 1 166 ? -3.720  -17.815 -5.192  1.00 27.95 ? 461 SER A CA  1 
ATOM   1357 C C   . SER A 1 166 ? -3.674  -16.917 -6.429  1.00 29.47 ? 461 SER A C   1 
ATOM   1358 O O   . SER A 1 166 ? -3.585  -17.411 -7.559  1.00 33.06 ? 461 SER A O   1 
ATOM   1359 C CB  . SER A 1 166 ? -5.087  -18.440 -5.063  1.00 30.26 ? 461 SER A CB  1 
ATOM   1360 O OG  . SER A 1 166 ? -5.171  -19.549 -5.964  1.00 38.53 ? 461 SER A OG  1 
ATOM   1361 N N   . GLU A 1 167 ? -3.733  -15.612 -6.245  1.00 25.37 ? 462 GLU A N   1 
ATOM   1362 C CA  . GLU A 1 167 ? -3.754  -14.711 -7.381  1.00 28.13 ? 462 GLU A CA  1 
ATOM   1363 C C   . GLU A 1 167 ? -2.444  -13.943 -7.385  1.00 24.24 ? 462 GLU A C   1 
ATOM   1364 O O   . GLU A 1 167 ? -1.744  -13.930 -6.346  1.00 23.22 ? 462 GLU A O   1 
ATOM   1365 C CB  . GLU A 1 167 ? -4.964  -13.730 -7.279  1.00 32.35 ? 462 GLU A CB  1 
ATOM   1366 C CG  . GLU A 1 167 ? -6.291  -14.386 -6.914  1.00 39.54 ? 462 GLU A CG  1 
ATOM   1367 C CD  . GLU A 1 167 ? -6.708  -15.477 -7.904  1.00 44.90 ? 462 GLU A CD  1 
ATOM   1368 O OE1 . GLU A 1 167 ? -6.727  -16.682 -7.516  1.00 51.87 ? 462 GLU A OE1 1 
ATOM   1369 O OE2 . GLU A 1 167 ? -6.988  -15.118 -9.066  1.00 41.33 ? 462 GLU A OE2 1 
ATOM   1370 N N   . ALA A 1 168 ? -2.165  -13.270 -8.518  1.00 20.59 ? 463 ALA A N   1 
ATOM   1371 C CA  . ALA A 1 168 ? -1.158  -12.181 -8.569  1.00 18.95 ? 463 ALA A CA  1 
ATOM   1372 C C   . ALA A 1 168 ? -1.484  -11.047 -7.579  1.00 17.66 ? 463 ALA A C   1 
ATOM   1373 O O   . ALA A 1 168 ? -2.619  -10.808 -7.288  1.00 19.56 ? 463 ALA A O   1 
ATOM   1374 C CB  . ALA A 1 168 ? -1.034  -11.603 -9.943  1.00 18.66 ? 463 ALA A CB  1 
ATOM   1375 N N   . LEU A 1 169 ? -0.440  -10.425 -7.058  1.00 15.86 ? 464 LEU A N   1 
ATOM   1376 C CA  . LEU A 1 169 ? -0.540  -9.421  -6.027  1.00 15.57 ? 464 LEU A CA  1 
ATOM   1377 C C   . LEU A 1 169 ? 0.027   -8.119  -6.544  1.00 15.16 ? 464 LEU A C   1 
ATOM   1378 O O   . LEU A 1 169 ? 1.135   -8.112  -7.080  1.00 13.05 ? 464 LEU A O   1 
ATOM   1379 C CB  . LEU A 1 169 ? 0.262   -9.885  -4.835  1.00 16.42 ? 464 LEU A CB  1 
ATOM   1380 C CG  . LEU A 1 169 ? -0.300  -11.063 -4.088  1.00 17.12 ? 464 LEU A CG  1 
ATOM   1381 C CD1 . LEU A 1 169 ? 0.700   -11.463 -3.022  1.00 18.53 ? 464 LEU A CD1 1 
ATOM   1382 C CD2 . LEU A 1 169 ? -1.670  -10.737 -3.464  1.00 18.41 ? 464 LEU A CD2 1 
ATOM   1383 N N   . TYR A 1 170 ? -0.714  -6.999  -6.369  1.00 13.43 ? 465 TYR A N   1 
ATOM   1384 C CA  . TYR A 1 170 ? -0.201  -5.691  -6.738  1.00 13.57 ? 465 TYR A CA  1 
ATOM   1385 C C   . TYR A 1 170 ? 0.100   -4.924  -5.465  1.00 13.74 ? 465 TYR A C   1 
ATOM   1386 O O   . TYR A 1 170 ? -0.682  -4.976  -4.541  1.00 13.12 ? 465 TYR A O   1 
ATOM   1387 C CB  . TYR A 1 170 ? -1.295  -4.889  -7.520  1.00 14.88 ? 465 TYR A CB  1 
ATOM   1388 C CG  . TYR A 1 170 ? -1.489  -5.248  -8.961  1.00 14.85 ? 465 TYR A CG  1 
ATOM   1389 C CD1 . TYR A 1 170 ? -2.373  -6.251  -9.321  1.00 15.63 ? 465 TYR A CD1 1 
ATOM   1390 C CD2 . TYR A 1 170 ? -0.795  -4.601  -9.953  1.00 15.34 ? 465 TYR A CD2 1 
ATOM   1391 C CE1 . TYR A 1 170 ? -2.621  -6.560  -10.650 1.00 16.30 ? 465 TYR A CE1 1 
ATOM   1392 C CE2 . TYR A 1 170 ? -0.995  -4.916  -11.270 1.00 16.36 ? 465 TYR A CE2 1 
ATOM   1393 C CZ  . TYR A 1 170 ? -1.918  -5.914  -11.608 1.00 16.49 ? 465 TYR A CZ  1 
ATOM   1394 O OH  . TYR A 1 170 ? -2.151  -6.294  -12.894 1.00 17.84 ? 465 TYR A OH  1 
ATOM   1395 N N   . PRO A 1 171 ? 1.155   -4.103  -5.439  1.00 14.57 ? 466 PRO A N   1 
ATOM   1396 C CA  . PRO A 1 171 ? 1.128   -3.010  -4.458  1.00 13.29 ? 466 PRO A CA  1 
ATOM   1397 C C   . PRO A 1 171 ? -0.143  -2.103  -4.564  1.00 13.43 ? 466 PRO A C   1 
ATOM   1398 O O   . PRO A 1 171 ? -0.641  -1.876  -5.687  1.00 16.01 ? 466 PRO A O   1 
ATOM   1399 C CB  . PRO A 1 171 ? 2.423   -2.176  -4.788  1.00 14.17 ? 466 PRO A CB  1 
ATOM   1400 C CG  . PRO A 1 171 ? 3.233   -3.061  -5.712  1.00 13.68 ? 466 PRO A CG  1 
ATOM   1401 C CD  . PRO A 1 171 ? 2.233   -3.931  -6.427  1.00 14.50 ? 466 PRO A CD  1 
ATOM   1402 N N   . VAL A 1 172 ? -0.702  -1.699  -3.404  1.00 11.40 ? 467 VAL A N   1 
ATOM   1403 C CA  . VAL A 1 172 ? -1.881  -0.856  -3.356  1.00 11.00 ? 467 VAL A CA  1 
ATOM   1404 C C   . VAL A 1 172 ? -1.623  0.256   -2.350  1.00 11.04 ? 467 VAL A C   1 
ATOM   1405 O O   . VAL A 1 172 ? -0.861  0.073   -1.402  1.00 11.73 ? 467 VAL A O   1 
ATOM   1406 C CB  . VAL A 1 172 ? -3.188  -1.660  -2.989  1.00 11.16 ? 467 VAL A CB  1 
ATOM   1407 C CG1 . VAL A 1 172 ? -3.089  -2.373  -1.627  1.00 10.74 ? 467 VAL A CG1 1 
ATOM   1408 C CG2 . VAL A 1 172 ? -4.400  -0.781  -3.078  1.00 11.51 ? 467 VAL A CG2 1 
ATOM   1409 N N   . PHE A 1 173 ? -2.222  1.400   -2.616  1.00 11.89 ? 468 PHE A N   1 
ATOM   1410 C CA  . PHE A 1 173 ? -2.055  2.663   -1.907  1.00 12.53 ? 468 PHE A CA  1 
ATOM   1411 C C   . PHE A 1 173 ? -3.443  3.306   -1.865  1.00 13.22 ? 468 PHE A C   1 
ATOM   1412 O O   . PHE A 1 173 ? -4.183  3.231   -2.829  1.00 13.50 ? 468 PHE A O   1 
ATOM   1413 C CB  . PHE A 1 173 ? -1.070  3.558   -2.607  1.00 12.10 ? 468 PHE A CB  1 
ATOM   1414 C CG  . PHE A 1 173 ? 0.203   2.857   -2.989  1.00 12.41 ? 468 PHE A CG  1 
ATOM   1415 C CD1 . PHE A 1 173 ? 0.241   2.069   -4.122  1.00 12.88 ? 468 PHE A CD1 1 
ATOM   1416 C CD2 . PHE A 1 173 ? 1.333   2.963   -2.211  1.00 12.21 ? 468 PHE A CD2 1 
ATOM   1417 C CE1 . PHE A 1 173 ? 1.428   1.446   -4.488  1.00 12.55 ? 468 PHE A CE1 1 
ATOM   1418 C CE2 . PHE A 1 173 ? 2.503   2.325   -2.549  1.00 13.47 ? 468 PHE A CE2 1 
ATOM   1419 C CZ  . PHE A 1 173 ? 2.545   1.558   -3.685  1.00 12.11 ? 468 PHE A CZ  1 
ATOM   1420 N N   . ARG A 1 174 ? -3.802  3.830   -0.694  1.00 15.06 ? 469 ARG A N   1 
ATOM   1421 C CA  . ARG A 1 174 ? -5.100  4.483   -0.447  1.00 14.85 ? 469 ARG A CA  1 
ATOM   1422 C C   . ARG A 1 174 ? -4.841  5.709   0.347   1.00 14.27 ? 469 ARG A C   1 
ATOM   1423 O O   . ARG A 1 174 ? -4.114  5.644   1.342   1.00 14.21 ? 469 ARG A O   1 
ATOM   1424 C CB  . ARG A 1 174 ? -6.023  3.553   0.324   1.00 15.04 ? 469 ARG A CB  1 
ATOM   1425 C CG  . ARG A 1 174 ? -7.485  3.941   0.280   1.00 16.79 ? 469 ARG A CG  1 
ATOM   1426 C CD  . ARG A 1 174 ? -8.295  3.042   1.211   1.00 18.46 ? 469 ARG A CD  1 
ATOM   1427 N NE  . ARG A 1 174 ? -8.285  3.459   2.578   1.00 18.59 ? 469 ARG A NE  1 
ATOM   1428 C CZ  . ARG A 1 174 ? -8.919  2.845   3.573   1.00 21.41 ? 469 ARG A CZ  1 
ATOM   1429 N NH1 . ARG A 1 174 ? -9.647  1.719   3.398   1.00 21.73 ? 469 ARG A NH1 1 
ATOM   1430 N NH2 . ARG A 1 174 ? -8.832  3.370   4.766   1.00 20.87 ? 469 ARG A NH2 1 
ATOM   1431 N N   . ILE A 1 175 ? -5.398  6.837   -0.089  1.00 13.71 ? 470 ILE A N   1 
ATOM   1432 C CA  . ILE A 1 175 ? -5.440  8.094   0.690   1.00 14.87 ? 470 ILE A CA  1 
ATOM   1433 C C   . ILE A 1 175 ? -6.870  8.662   0.727   1.00 15.25 ? 470 ILE A C   1 
ATOM   1434 O O   . ILE A 1 175 ? -7.545  8.653   -0.306  1.00 16.00 ? 470 ILE A O   1 
ATOM   1435 C CB  . ILE A 1 175 ? -4.372  9.111   0.232   1.00 15.29 ? 470 ILE A CB  1 
ATOM   1436 C CG1 . ILE A 1 175 ? -4.447  9.512   -1.251  1.00 15.82 ? 470 ILE A CG1 1 
ATOM   1437 C CG2 . ILE A 1 175 ? -3.011  8.462   0.554   1.00 17.33 ? 470 ILE A CG2 1 
ATOM   1438 C CD1 . ILE A 1 175 ? -3.603  10.738  -1.686  1.00 16.69 ? 470 ILE A CD1 1 
ATOM   1439 N N   . LEU A 1 176 ? -7.356  8.996   1.928   1.00 15.07 ? 471 LEU A N   1 
ATOM   1440 C CA  . LEU A 1 176 ? -8.702  9.489   2.074   1.00 16.45 ? 471 LEU A CA  1 
ATOM   1441 C C   . LEU A 1 176 ? -8.748  11.030  2.181   1.00 18.52 ? 471 LEU A C   1 
ATOM   1442 O O   . LEU A 1 176 ? -9.727  11.643  1.794   1.00 18.30 ? 471 LEU A O   1 
ATOM   1443 C CB  . LEU A 1 176 ? -9.374  8.866   3.278   1.00 18.16 ? 471 LEU A CB  1 
ATOM   1444 C CG  . LEU A 1 176 ? -9.571  7.324   3.323   1.00 20.60 ? 471 LEU A CG  1 
ATOM   1445 C CD1 . LEU A 1 176 ? -10.671 6.985   4.379   1.00 20.65 ? 471 LEU A CD1 1 
ATOM   1446 C CD2 . LEU A 1 176 ? -9.910  6.689   1.994   1.00 17.24 ? 471 LEU A CD2 1 
ATOM   1447 N N   . THR A 1 177 ? -7.665  11.643  2.625   1.00 16.01 ? 472 THR A N   1 
ATOM   1448 C CA  . THR A 1 177 ? -7.722  13.011  3.076   1.00 16.26 ? 472 THR A CA  1 
ATOM   1449 C C   . THR A 1 177 ? -7.002  13.914  2.088   1.00 17.70 ? 472 THR A C   1 
ATOM   1450 O O   . THR A 1 177 ? -6.171  13.486  1.284   1.00 14.07 ? 472 THR A O   1 
ATOM   1451 C CB  . THR A 1 177 ? -7.055  13.113  4.423   1.00 16.78 ? 472 THR A CB  1 
ATOM   1452 O OG1 . THR A 1 177 ? -5.749  12.480  4.372   1.00 16.52 ? 472 THR A OG1 1 
ATOM   1453 C CG2 . THR A 1 177 ? -7.928  12.454  5.538   1.00 16.38 ? 472 THR A CG2 1 
ATOM   1454 N N   . LEU A 1 178 ? -7.273  15.193  2.264   1.00 17.70 ? 473 LEU A N   1 
ATOM   1455 C CA  . LEU A 1 178 ? -6.741  16.255  1.486   1.00 19.88 ? 473 LEU A CA  1 
ATOM   1456 C C   . LEU A 1 178 ? -5.763  16.912  2.438   1.00 21.63 ? 473 LEU A C   1 
ATOM   1457 O O   . LEU A 1 178 ? -6.175  17.538  3.427   1.00 22.94 ? 473 LEU A O   1 
ATOM   1458 C CB  . LEU A 1 178 ? -7.926  17.153  1.167   1.00 22.88 ? 473 LEU A CB  1 
ATOM   1459 C CG  . LEU A 1 178 ? -8.183  17.775  -0.151  1.00 29.52 ? 473 LEU A CG  1 
ATOM   1460 C CD1 . LEU A 1 178 ? -7.925  16.961  -1.390  1.00 30.30 ? 473 LEU A CD1 1 
ATOM   1461 C CD2 . LEU A 1 178 ? -9.679  18.107  -0.037  1.00 33.47 ? 473 LEU A CD2 1 
ATOM   1462 N N   . GLU A 1 179 ? -4.463  16.723  2.218   1.00 21.13 ? 474 GLU A N   1 
ATOM   1463 C CA  . GLU A 1 179 ? -3.437  17.345  3.090   1.00 20.05 ? 474 GLU A CA  1 
ATOM   1464 C C   . GLU A 1 179 ? -2.238  17.743  2.221   1.00 19.73 ? 474 GLU A C   1 
ATOM   1465 O O   . GLU A 1 179 ? -2.192  17.349  1.046   1.00 17.60 ? 474 GLU A O   1 
ATOM   1466 C CB  . GLU A 1 179 ? -3.003  16.397  4.242   1.00 20.34 ? 474 GLU A CB  1 
ATOM   1467 C CG  . GLU A 1 179 ? -3.568  14.993  4.204   1.00 20.18 ? 474 GLU A CG  1 
ATOM   1468 C CD  . GLU A 1 179 ? -3.135  14.188  5.402   1.00 21.73 ? 474 GLU A CD  1 
ATOM   1469 O OE1 . GLU A 1 179 ? -2.026  14.416  5.949   1.00 20.42 ? 474 GLU A OE1 1 
ATOM   1470 O OE2 . GLU A 1 179 ? -3.914  13.327  5.799   1.00 20.70 ? 474 GLU A OE2 1 
ATOM   1471 N N   . PRO A 1 180 ? -1.347  18.590  2.763   1.00 21.63 ? 475 PRO A N   1 
ATOM   1472 C CA  . PRO A 1 180 ? -0.213  19.145  1.951   1.00 21.87 ? 475 PRO A CA  1 
ATOM   1473 C C   . PRO A 1 180 ? 0.746   18.026  1.460   1.00 20.20 ? 475 PRO A C   1 
ATOM   1474 O O   . PRO A 1 180 ? 1.343   18.133  0.371   1.00 16.91 ? 475 PRO A O   1 
ATOM   1475 C CB  . PRO A 1 180 ? 0.532   20.094  2.922   1.00 23.14 ? 475 PRO A CB  1 
ATOM   1476 C CG  . PRO A 1 180 ? -0.382  20.327  4.079   1.00 24.01 ? 475 PRO A CG  1 
ATOM   1477 C CD  . PRO A 1 180 ? -1.543  19.336  4.022   1.00 23.45 ? 475 PRO A CD  1 
ATOM   1478 N N   . THR A 1 181 ? 0.894   16.997  2.297   1.00 16.60 ? 476 THR A N   1 
ATOM   1479 C CA  . THR A 1 181 ? 1.880   15.966  2.075   1.00 17.36 ? 476 THR A CA  1 
ATOM   1480 C C   . THR A 1 181 ? 1.283   14.802  1.246   1.00 15.50 ? 476 THR A C   1 
ATOM   1481 O O   . THR A 1 181 ? 0.251   14.182  1.609   1.00 16.38 ? 476 THR A O   1 
ATOM   1482 C CB  . THR A 1 181 ? 2.459   15.482  3.433   1.00 17.35 ? 476 THR A CB  1 
ATOM   1483 O OG1 . THR A 1 181 ? 3.018   16.602  4.126   1.00 17.02 ? 476 THR A OG1 1 
ATOM   1484 C CG2 . THR A 1 181 ? 3.580   14.414  3.234   1.00 16.57 ? 476 THR A CG2 1 
ATOM   1485 N N   . ALA A 1 182 ? 1.964   14.462  0.151   1.00 15.52 ? 477 ALA A N   1 
ATOM   1486 C CA  . ALA A 1 182 ? 1.537   13.322  -0.680  1.00 13.96 ? 477 ALA A CA  1 
ATOM   1487 C C   . ALA A 1 182 ? 2.034   12.035  -0.030  1.00 14.64 ? 477 ALA A C   1 
ATOM   1488 O O   . ALA A 1 182 ? 2.827   12.095  0.877   1.00 14.02 ? 477 ALA A O   1 
ATOM   1489 C CB  . ALA A 1 182 ? 2.148   13.465  -2.041  1.00 14.84 ? 477 ALA A CB  1 
ATOM   1490 N N   . LEU A 1 183 ? 1.628   10.910  -0.601  1.00 14.53 ? 478 LEU A N   1 
ATOM   1491 C CA  . LEU A 1 183 ? 2.174   9.603   -0.377  1.00 15.31 ? 478 LEU A CA  1 
ATOM   1492 C C   . LEU A 1 183 ? 3.036   9.247   -1.576  1.00 18.00 ? 478 LEU A C   1 
ATOM   1493 O O   . LEU A 1 183 ? 2.567   9.314   -2.769  1.00 16.28 ? 478 LEU A O   1 
ATOM   1494 C CB  . LEU A 1 183 ? 1.027   8.643   -0.253  1.00 15.51 ? 478 LEU A CB  1 
ATOM   1495 C CG  . LEU A 1 183 ? 1.256   7.225   0.202   1.00 15.75 ? 478 LEU A CG  1 
ATOM   1496 C CD1 . LEU A 1 183 ? 1.840   7.154   1.611   1.00 17.74 ? 478 LEU A CD1 1 
ATOM   1497 C CD2 . LEU A 1 183 ? -0.031  6.485   0.141   1.00 17.24 ? 478 LEU A CD2 1 
ATOM   1498 N N   . THR A 1 184 ? 4.286   8.887   -1.268  1.00 17.42 ? 479 THR A N   1 
ATOM   1499 C CA  . THR A 1 184 ? 5.343   8.823   -2.228  1.00 17.77 ? 479 THR A CA  1 
ATOM   1500 C C   . THR A 1 184 ? 6.168   7.542   -2.145  1.00 17.20 ? 479 THR A C   1 
ATOM   1501 O O   . THR A 1 184 ? 6.624   7.140   -1.132  1.00 16.09 ? 479 THR A O   1 
ATOM   1502 C CB  . THR A 1 184 ? 6.215   10.059  -2.057  1.00 19.87 ? 479 THR A CB  1 
ATOM   1503 O OG1 . THR A 1 184 ? 5.417   11.213  -2.306  1.00 18.13 ? 479 THR A OG1 1 
ATOM   1504 C CG2 . THR A 1 184 ? 7.377   10.043  -3.023  1.00 21.19 ? 479 THR A CG2 1 
ATOM   1505 N N   . ILE A 1 185 ? 6.333   6.897   -3.281  1.00 17.47 ? 480 ILE A N   1 
ATOM   1506 C CA  . ILE A 1 185 ? 7.160   5.753   -3.397  1.00 18.06 ? 480 ILE A CA  1 
ATOM   1507 C C   . ILE A 1 185 ? 8.617   6.195   -3.555  1.00 19.59 ? 480 ILE A C   1 
ATOM   1508 O O   . ILE A 1 185 ? 8.887   7.138   -4.306  1.00 19.60 ? 480 ILE A O   1 
ATOM   1509 C CB  . ILE A 1 185 ? 6.727   4.886   -4.619  1.00 16.92 ? 480 ILE A CB  1 
ATOM   1510 C CG1 . ILE A 1 185 ? 5.289   4.431   -4.413  1.00 16.63 ? 480 ILE A CG1 1 
ATOM   1511 C CG2 . ILE A 1 185 ? 7.673   3.709   -4.755  1.00 15.63 ? 480 ILE A CG2 1 
ATOM   1512 C CD1 . ILE A 1 185 ? 4.620   3.854   -5.640  1.00 19.37 ? 480 ILE A CD1 1 
ATOM   1513 N N   . CYS A 1 186 ? 9.534   5.519   -2.842  1.00 21.92 ? 481 CYS A N   1 
ATOM   1514 C CA  . CYS A 1 186 ? 11.009  5.707   -3.012  1.00 24.91 ? 481 CYS A CA  1 
ATOM   1515 C C   . CYS A 1 186 ? 11.529  4.789   -4.113  1.00 24.91 ? 481 CYS A C   1 
ATOM   1516 O O   . CYS A 1 186 ? 11.044  3.665   -4.319  1.00 25.01 ? 481 CYS A O   1 
ATOM   1517 C CB  . CYS A 1 186 ? 11.777  5.440   -1.700  1.00 26.16 ? 481 CYS A CB  1 
ATOM   1518 S SG  . CYS A 1 186 ? 11.023  6.028   -0.204  1.00 29.62 ? 481 CYS A SG  1 
ATOM   1519 N N   . PRO A 1 187 ? 12.475  5.259   -4.917  1.00 34.45 ? 482 PRO A N   1 
ATOM   1520 C CA  . PRO A 1 187 ? 13.020  4.197   -5.803  1.00 35.66 ? 482 PRO A CA  1 
ATOM   1521 C C   . PRO A 1 187 ? 14.261  3.579   -5.174  1.00 31.54 ? 482 PRO A C   1 
ATOM   1522 O O   . PRO A 1 187 ? 14.858  4.178   -4.292  1.00 29.56 ? 482 PRO A O   1 
ATOM   1523 C CB  . PRO A 1 187 ? 13.310  4.921   -7.121  1.00 37.61 ? 482 PRO A CB  1 
ATOM   1524 C CG  . PRO A 1 187 ? 12.735  6.301   -6.969  1.00 39.85 ? 482 PRO A CG  1 
ATOM   1525 C CD  . PRO A 1 187 ? 12.702  6.590   -5.479  1.00 39.51 ? 482 PRO A CD  1 
HETATM 1526 P P13 . H6P B 2 .   ? -14.144 1.930   5.419   1.00 31.85 ? 501 H6P A P13 1 
HETATM 1527 O O14 . H6P B 2 .   ? -14.451 0.508   5.065   1.00 38.92 ? 501 H6P A O14 1 
HETATM 1528 O O15 . H6P B 2 .   ? -15.256 2.848   5.811   1.00 33.80 ? 501 H6P A O15 1 
HETATM 1529 O O16 . H6P B 2 .   ? -12.988 2.054   6.547   1.00 29.40 ? 501 H6P A O16 1 
HETATM 1530 P P17 . H6P B 2 .   ? -11.443 1.538   6.798   1.00 24.96 ? 501 H6P A P17 1 
HETATM 1531 O O18 . H6P B 2 .   ? -11.537 0.716   8.089   1.00 23.52 ? 501 H6P A O18 1 
HETATM 1532 O O19 . H6P B 2 .   ? -11.130 0.765   5.522   1.00 24.64 ? 501 H6P A O19 1 
HETATM 1533 O O20 . H6P B 2 .   ? -10.506 2.750   6.981   1.00 22.75 ? 501 H6P A O20 1 
HETATM 1534 C C21 . H6P B 2 .   ? -14.459 5.580   2.018   1.00 33.59 ? 501 H6P A C21 1 
HETATM 1535 C C27 . H6P B 2 .   ? -12.469 4.255   2.748   1.00 31.74 ? 501 H6P A C27 1 
HETATM 1536 C C28 . H6P B 2 .   ? -12.946 3.853   4.101   1.00 31.80 ? 501 H6P A C28 1 
HETATM 1537 O O29 . H6P B 2 .   ? -13.362 2.466   4.122   1.00 32.24 ? 501 H6P A O29 1 
HETATM 1538 C C30 . H6P B 2 .   ? -13.126 4.947   1.814   1.00 30.99 ? 501 H6P A C30 1 
HETATM 1539 C C31 . H6P B 2 .   ? -12.479 5.118   0.400   1.00 31.66 ? 501 H6P A C31 1 
HETATM 1540 O O33 . H6P B 2 .   ? -11.415 4.195   0.171   1.00 26.48 ? 501 H6P A O33 1 
HETATM 1541 O O   . HOH C 3 .   ? -9.902  -10.345 -12.450 1.00 33.42 ? 601 HOH A O   1 
HETATM 1542 O O   . HOH C 3 .   ? 1.474   14.118  -15.338 1.00 27.04 ? 602 HOH A O   1 
HETATM 1543 O O   . HOH C 3 .   ? 0.619   -3.682  -15.866 1.00 14.90 ? 603 HOH A O   1 
HETATM 1544 O O   . HOH C 3 .   ? -6.189  -5.583  4.506   1.00 19.02 ? 604 HOH A O   1 
HETATM 1545 O O   . HOH C 3 .   ? 4.059   -20.242 5.415   1.00 16.83 ? 605 HOH A O   1 
HETATM 1546 O O   . HOH C 3 .   ? 10.899  1.728   -2.947  1.00 19.63 ? 606 HOH A O   1 
HETATM 1547 O O   . HOH C 3 .   ? 9.284   7.685   -12.785 1.00 30.70 ? 607 HOH A O   1 
HETATM 1548 O O   . HOH C 3 .   ? -2.221  -16.498 -9.377  1.00 29.94 ? 608 HOH A O   1 
HETATM 1549 O O   . HOH C 3 .   ? -11.240 4.968   7.733   1.00 22.61 ? 609 HOH A O   1 
HETATM 1550 O O   . HOH C 3 .   ? -11.960 9.864   12.053  1.00 38.00 ? 610 HOH A O   1 
HETATM 1551 O O   . HOH C 3 .   ? 6.119   13.074  -0.833  1.00 16.95 ? 611 HOH A O   1 
HETATM 1552 O O   . HOH C 3 .   ? -5.030  2.183   16.227  1.00 31.86 ? 612 HOH A O   1 
HETATM 1553 O O   . HOH C 3 .   ? 7.008   13.344  3.173   1.00 26.10 ? 613 HOH A O   1 
HETATM 1554 O O   . HOH C 3 .   ? 0.026   6.197   17.530  1.00 24.52 ? 614 HOH A O   1 
HETATM 1555 O O   . HOH C 3 .   ? 5.446   11.474  1.814   1.00 12.38 ? 615 HOH A O   1 
HETATM 1556 O O   . HOH C 3 .   ? 8.226   11.181  -6.668  1.00 26.38 ? 616 HOH A O   1 
HETATM 1557 O O   . HOH C 3 .   ? 24.996  -5.560  2.459   1.00 42.81 ? 617 HOH A O   1 
HETATM 1558 O O   . HOH C 3 .   ? 20.370  -3.968  0.998   1.00 21.22 ? 618 HOH A O   1 
HETATM 1559 O O   . HOH C 3 .   ? -16.036 6.267   -2.172  1.00 23.35 ? 619 HOH A O   1 
HETATM 1560 O O   . HOH C 3 .   ? -2.024  -1.989  -12.596 1.00 13.32 ? 620 HOH A O   1 
HETATM 1561 O O   . HOH C 3 .   ? -5.433  3.137   10.289  1.00 19.05 ? 621 HOH A O   1 
HETATM 1562 O O   . HOH C 3 .   ? -8.993  6.785   7.349   1.00 25.32 ? 622 HOH A O   1 
HETATM 1563 O O   . HOH C 3 .   ? -12.701 -0.809  3.654   1.00 19.20 ? 623 HOH A O   1 
HETATM 1564 O O   . HOH C 3 .   ? -6.255  5.558   3.297   1.00 13.96 ? 624 HOH A O   1 
HETATM 1565 O O   . HOH C 3 .   ? 3.473   10.183  -16.259 1.00 23.71 ? 625 HOH A O   1 
HETATM 1566 O O   . HOH C 3 .   ? -3.938  14.565  0.419   1.00 21.28 ? 626 HOH A O   1 
HETATM 1567 O O   . HOH C 3 .   ? 9.930   9.330   -5.354  1.00 19.37 ? 627 HOH A O   1 
HETATM 1568 O O   . HOH C 3 .   ? 4.523   -18.683 -6.618  1.00 22.68 ? 628 HOH A O   1 
HETATM 1569 O O   . HOH C 3 .   ? -14.064 -1.657  -4.207  1.00 19.90 ? 629 HOH A O   1 
HETATM 1570 O O   . HOH C 3 .   ? -14.040 -9.443  5.083   1.00 27.81 ? 630 HOH A O   1 
HETATM 1571 O O   . HOH C 3 .   ? -15.384 -0.648  -16.725 1.00 35.58 ? 631 HOH A O   1 
HETATM 1572 O O   . HOH C 3 .   ? -9.894  -6.480  -10.091 1.00 19.61 ? 632 HOH A O   1 
HETATM 1573 O O   . HOH C 3 .   ? -2.075  3.307   16.999  1.00 25.36 ? 633 HOH A O   1 
HETATM 1574 O O   . HOH C 3 .   ? -11.287 0.808   12.611  1.00 21.18 ? 634 HOH A O   1 
HETATM 1575 O O   . HOH C 3 .   ? -3.625  18.677  -0.777  1.00 22.49 ? 635 HOH A O   1 
HETATM 1576 O O   . HOH C 3 .   ? 2.441   9.517   8.424   1.00 17.07 ? 636 HOH A O   1 
HETATM 1577 O O   . HOH C 3 .   ? 17.671  -14.174 -1.060  1.00 31.81 ? 637 HOH A O   1 
HETATM 1578 O O   . HOH C 3 .   ? -7.502  12.867  -11.175 1.00 21.66 ? 638 HOH A O   1 
HETATM 1579 O O   . HOH C 3 .   ? 1.600   17.255  -2.161  1.00 16.96 ? 639 HOH A O   1 
HETATM 1580 O O   . HOH C 3 .   ? -14.422 5.445   -12.066 1.00 29.54 ? 640 HOH A O   1 
HETATM 1581 O O   . HOH C 3 .   ? 11.029  -6.983  -6.779  1.00 23.11 ? 641 HOH A O   1 
HETATM 1582 O O   . HOH C 3 .   ? 3.210   7.408   10.210  1.00 15.74 ? 642 HOH A O   1 
HETATM 1583 O O   . HOH C 3 .   ? 8.725   -15.126 5.055   1.00 28.64 ? 643 HOH A O   1 
HETATM 1584 O O   . HOH C 3 .   ? -13.494 0.885   -5.583  1.00 17.24 ? 644 HOH A O   1 
HETATM 1585 O O   . HOH C 3 .   ? 1.119   10.299  -13.984 1.00 29.84 ? 645 HOH A O   1 
HETATM 1586 O O   . HOH C 3 .   ? 10.944  10.061  -9.793  1.00 25.28 ? 646 HOH A O   1 
HETATM 1587 O O   . HOH C 3 .   ? -4.034  -12.957 -10.491 1.00 33.19 ? 647 HOH A O   1 
HETATM 1588 O O   . HOH C 3 .   ? -15.790 6.938   -9.584  1.00 24.13 ? 648 HOH A O   1 
HETATM 1589 O O   . HOH C 3 .   ? 2.711   -7.285  -13.767 1.00 24.15 ? 649 HOH A O   1 
HETATM 1590 O O   . HOH C 3 .   ? -12.920 14.916  1.908   1.00 24.52 ? 650 HOH A O   1 
HETATM 1591 O O   . HOH C 3 .   ? -9.032  -10.318 8.842   1.00 30.02 ? 651 HOH A O   1 
HETATM 1592 O O   . HOH C 3 .   ? 7.624   12.324  -17.686 1.00 32.10 ? 652 HOH A O   1 
HETATM 1593 O O   . HOH C 3 .   ? 0.586   -22.921 5.705   1.00 32.65 ? 653 HOH A O   1 
HETATM 1594 O O   . HOH C 3 .   ? -7.275  9.299   -11.067 1.00 13.24 ? 654 HOH A O   1 
HETATM 1595 O O   . HOH C 3 .   ? -0.080  16.347  5.481   1.00 24.14 ? 655 HOH A O   1 
HETATM 1596 O O   . HOH C 3 .   ? 4.516   15.508  -0.243  1.00 18.20 ? 656 HOH A O   1 
HETATM 1597 O O   . HOH C 3 .   ? 4.476   -2.861  -9.034  1.00 20.31 ? 657 HOH A O   1 
HETATM 1598 O O   . HOH C 3 .   ? 12.291  -1.190  -3.895  1.00 18.56 ? 658 HOH A O   1 
HETATM 1599 O O   . HOH C 3 .   ? -13.461 -11.230 6.710   1.00 37.01 ? 659 HOH A O   1 
HETATM 1600 O O   . HOH C 3 .   ? 7.951   0.763   14.743  1.00 27.16 ? 660 HOH A O   1 
HETATM 1601 O O   . HOH C 3 .   ? 10.062  1.320   -5.962  1.00 27.23 ? 661 HOH A O   1 
HETATM 1602 O O   . HOH C 3 .   ? -9.723  -11.191 -4.246  1.00 29.93 ? 662 HOH A O   1 
HETATM 1603 O O   . HOH C 3 .   ? -3.994  18.123  -3.040  1.00 26.31 ? 663 HOH A O   1 
HETATM 1604 O O   . HOH C 3 .   ? -12.625 -7.669  -3.276  1.00 17.80 ? 664 HOH A O   1 
HETATM 1605 O O   . HOH C 3 .   ? 1.965   -0.720  -1.063  1.00 11.12 ? 665 HOH A O   1 
HETATM 1606 O O   . HOH C 3 .   ? 6.206   14.730  5.411   1.00 21.01 ? 666 HOH A O   1 
HETATM 1607 O O   . HOH C 3 .   ? -1.118  -12.760 10.432  1.00 26.70 ? 667 HOH A O   1 
HETATM 1608 O O   . HOH C 3 .   ? -6.174  6.817   -16.883 1.00 25.84 ? 668 HOH A O   1 
HETATM 1609 O O   . HOH C 3 .   ? -13.392 -3.430  12.504  1.00 25.40 ? 669 HOH A O   1 
HETATM 1610 O O   . HOH C 3 .   ? -5.412  8.833   -12.802 1.00 17.52 ? 670 HOH A O   1 
HETATM 1611 O O   . HOH C 3 .   ? 0.625   11.949  11.398  1.00 25.28 ? 671 HOH A O   1 
HETATM 1612 O O   . HOH C 3 .   ? 1.481   9.356   14.654  1.00 24.36 ? 672 HOH A O   1 
HETATM 1613 O O   . HOH C 3 .   ? -18.625 5.203   -7.371  1.00 19.58 ? 673 HOH A O   1 
HETATM 1614 O O   . HOH C 3 .   ? 6.247   -12.373 -10.047 1.00 29.54 ? 674 HOH A O   1 
HETATM 1615 O O   . HOH C 3 .   ? 5.214   -0.884  -10.819 1.00 22.56 ? 675 HOH A O   1 
HETATM 1616 O O   . HOH C 3 .   ? -4.470  -3.300  -12.815 1.00 21.40 ? 676 HOH A O   1 
HETATM 1617 O O   . HOH C 3 .   ? 23.192  1.742   11.687  1.00 18.28 ? 677 HOH A O   1 
HETATM 1618 O O   . HOH C 3 .   ? -4.302  -1.157  -15.826 1.00 26.72 ? 678 HOH A O   1 
HETATM 1619 O O   . HOH C 3 .   ? 17.125  2.709   -5.420  1.00 37.19 ? 679 HOH A O   1 
HETATM 1620 O O   . HOH C 3 .   ? 12.404  -11.829 -6.462  1.00 29.73 ? 680 HOH A O   1 
HETATM 1621 O O   . HOH C 3 .   ? 7.018   -1.443  -12.556 1.00 38.66 ? 681 HOH A O   1 
HETATM 1622 O O   . HOH C 3 .   ? 10.992  -4.068  -10.392 1.00 31.20 ? 682 HOH A O   1 
HETATM 1623 O O   . HOH C 3 .   ? -17.393 -6.385  1.971   1.00 27.94 ? 683 HOH A O   1 
HETATM 1624 O O   . HOH C 3 .   ? -3.815  -13.877 -3.847  1.00 30.55 ? 684 HOH A O   1 
HETATM 1625 O O   . HOH C 3 .   ? -1.434  -3.918  -14.551 1.00 20.25 ? 685 HOH A O   1 
HETATM 1626 O O   . HOH C 3 .   ? -9.422  15.749  4.279   1.00 24.85 ? 686 HOH A O   1 
HETATM 1627 O O   . HOH C 3 .   ? 2.833   -8.797  13.411  1.00 21.88 ? 687 HOH A O   1 
HETATM 1628 O O   . HOH C 3 .   ? -3.448  10.907  -12.539 1.00 20.70 ? 688 HOH A O   1 
HETATM 1629 O O   . HOH C 3 .   ? -11.262 7.520   10.993  1.00 40.06 ? 689 HOH A O   1 
HETATM 1630 O O   . HOH C 3 .   ? -8.148  20.096  -5.845  1.00 33.66 ? 690 HOH A O   1 
HETATM 1631 O O   . HOH C 3 .   ? 20.487  -1.203  0.280   1.00 47.91 ? 691 HOH A O   1 
HETATM 1632 O O   . HOH C 3 .   ? -13.508 -5.300  -10.531 1.00 26.07 ? 692 HOH A O   1 
HETATM 1633 O O   . HOH C 3 .   ? -10.865 19.632  -7.417  1.00 26.19 ? 693 HOH A O   1 
HETATM 1634 O O   . HOH C 3 .   ? -15.714 -4.906  -9.590  1.00 26.33 ? 694 HOH A O   1 
HETATM 1635 O O   . HOH C 3 .   ? -17.708 3.330   -18.144 1.00 35.56 ? 695 HOH A O   1 
HETATM 1636 O O   . HOH C 3 .   ? 6.860   13.807  9.898   1.00 32.16 ? 696 HOH A O   1 
HETATM 1637 O O   . HOH C 3 .   ? 7.811   13.383  -4.641  1.00 31.60 ? 697 HOH A O   1 
HETATM 1638 O O   . HOH C 3 .   ? 7.136   -3.501  -9.397  1.00 25.30 ? 698 HOH A O   1 
HETATM 1639 O O   . HOH C 3 .   ? -4.341  19.210  5.683   1.00 33.26 ? 699 HOH A O   1 
HETATM 1640 O O   . HOH C 3 .   ? 13.689  11.630  2.143   1.00 30.33 ? 700 HOH A O   1 
HETATM 1641 O O   . HOH C 3 .   ? 20.532  1.216   12.076  1.00 44.23 ? 701 HOH A O   1 
HETATM 1642 O O   . HOH C 3 .   ? 10.473  -6.559  -9.417  1.00 33.33 ? 702 HOH A O   1 
HETATM 1643 O O   . HOH C 3 .   ? 17.822  4.993   13.131  1.00 38.46 ? 703 HOH A O   1 
HETATM 1644 O O   . HOH C 3 .   ? -13.456 5.776   6.611   1.00 31.87 ? 704 HOH A O   1 
HETATM 1645 O O   . HOH C 3 .   ? 13.705  1.433   -6.339  1.00 35.01 ? 705 HOH A O   1 
HETATM 1646 O O   . HOH C 3 .   ? -1.650  10.674  -14.360 1.00 27.46 ? 706 HOH A O   1 
HETATM 1647 O O   . HOH C 3 .   ? -15.607 12.843  -17.352 1.00 37.63 ? 707 HOH A O   1 
HETATM 1648 O O   . HOH C 3 .   ? -3.201  0.841   -22.110 1.00 39.72 ? 708 HOH A O   1 
HETATM 1649 O O   . HOH C 3 .   ? 2.233   -23.763 7.339   1.00 33.87 ? 709 HOH A O   1 
HETATM 1650 O O   . HOH C 3 .   ? 3.631   -0.534  25.691  1.00 34.73 ? 710 HOH A O   1 
HETATM 1651 O O   . HOH C 3 .   ? 1.283   -6.769  14.736  1.00 35.31 ? 711 HOH A O   1 
HETATM 1652 O O   . HOH C 3 .   ? -18.885 1.253   -17.638 1.00 30.91 ? 712 HOH A O   1 
HETATM 1653 O O   . HOH C 3 .   ? 8.481   -5.537  17.046  1.00 32.99 ? 713 HOH A O   1 
HETATM 1654 O O   . HOH C 3 .   ? 5.888   -20.212 -8.744  1.00 18.68 ? 714 HOH A O   1 
HETATM 1655 O O   . HOH C 3 .   ? -4.917  -16.987 5.202   1.00 35.56 ? 715 HOH A O   1 
HETATM 1656 O O   . HOH C 3 .   ? -7.144  14.124  -13.037 1.00 26.51 ? 716 HOH A O   1 
HETATM 1657 O O   . HOH C 3 .   ? -8.369  15.675  6.516   1.00 27.29 ? 717 HOH A O   1 
HETATM 1658 O O   . HOH C 3 .   ? 9.402   -12.661 4.924   1.00 24.04 ? 718 HOH A O   1 
HETATM 1659 O O   . HOH C 3 .   ? 12.231  8.297   10.750  1.00 24.07 ? 719 HOH A O   1 
HETATM 1660 O O   . HOH C 3 .   ? 14.615  7.560   -1.001  1.00 39.49 ? 720 HOH A O   1 
HETATM 1661 O O   . HOH C 3 .   ? 7.462   -5.502  -10.743 1.00 28.94 ? 721 HOH A O   1 
HETATM 1662 O O   . HOH C 3 .   ? -16.797 -13.525 1.952   1.00 34.26 ? 722 HOH A O   1 
HETATM 1663 O O   . HOH C 3 .   ? 19.508  -4.310  -6.341  1.00 45.29 ? 723 HOH A O   1 
HETATM 1664 O O   . HOH C 3 .   ? 7.767   1.851   23.803  1.00 31.58 ? 724 HOH A O   1 
# 
loop_
_pdbx_poly_seq_scheme.asym_id 
_pdbx_poly_seq_scheme.entity_id 
_pdbx_poly_seq_scheme.seq_id 
_pdbx_poly_seq_scheme.mon_id 
_pdbx_poly_seq_scheme.ndb_seq_num 
_pdbx_poly_seq_scheme.pdb_seq_num 
_pdbx_poly_seq_scheme.auth_seq_num 
_pdbx_poly_seq_scheme.pdb_mon_id 
_pdbx_poly_seq_scheme.auth_mon_id 
_pdbx_poly_seq_scheme.pdb_strand_id 
_pdbx_poly_seq_scheme.pdb_ins_code 
_pdbx_poly_seq_scheme.hetero 
A 1 1   MET 1   296 ?   ?   ?   A . n 
A 1 2   GLY 2   297 297 GLY GLY A . n 
A 1 3   ALA 3   298 298 ALA ALA A . n 
A 1 4   TYR 4   299 299 TYR TYR A . n 
A 1 5   ASN 5   300 300 ASN ASN A . n 
A 1 6   GLU 6   301 301 GLU GLU A . n 
A 1 7   TRP 7   302 302 TRP TRP A . n 
A 1 8   LYS 8   303 303 LYS LYS A . n 
A 1 9   LYS 9   304 304 LYS LYS A . n 
A 1 10  ALA 10  305 305 ALA ALA A . n 
A 1 11  LEU 11  306 306 LEU LEU A . n 
A 1 12  PHE 12  307 307 PHE PHE A . n 
A 1 13  LYS 13  308 308 LYS LYS A . n 
A 1 14  PRO 14  309 309 PRO PRO A . n 
A 1 15  ALA 15  310 310 ALA ALA A . n 
A 1 16  ASP 16  311 311 ASP ASP A . n 
A 1 17  VAL 17  312 312 VAL VAL A . n 
A 1 18  ILE 18  313 313 ILE ILE A . n 
A 1 19  LEU 19  314 314 LEU LEU A . n 
A 1 20  ASP 20  315 315 ASP ASP A . n 
A 1 21  PRO 21  316 316 PRO PRO A . n 
A 1 22  LYS 22  317 317 LYS LYS A . n 
A 1 23  THR 23  318 318 THR THR A . n 
A 1 24  ALA 24  319 319 ALA ALA A . n 
A 1 25  ASN 25  320 320 ASN ASN A . n 
A 1 26  PRO 26  321 321 PRO PRO A . n 
A 1 27  ILE 27  322 322 ILE ILE A . n 
A 1 28  LEU 28  323 323 LEU LEU A . n 
A 1 29  LEU 29  324 324 LEU LEU A . n 
A 1 30  VAL 30  325 325 VAL VAL A . n 
A 1 31  SER 31  326 326 SER SER A . n 
A 1 32  GLU 32  327 327 GLU GLU A . n 
A 1 33  ASP 33  328 328 ASP ASP A . n 
A 1 34  GLN 34  329 329 GLN GLN A . n 
A 1 35  ARG 35  330 330 ARG ARG A . n 
A 1 36  SER 36  331 331 SER SER A . n 
A 1 37  VAL 37  332 332 VAL VAL A . n 
A 1 38  GLN 38  333 333 GLN GLN A . n 
A 1 39  ARG 39  334 334 ARG ARG A . n 
A 1 40  ALA 40  335 335 ALA ALA A . n 
A 1 41  LYS 41  336 336 LYS LYS A . n 
A 1 42  GLU 42  337 337 GLU GLU A . n 
A 1 43  PRO 43  338 338 PRO PRO A . n 
A 1 44  GLN 44  339 339 GLN GLN A . n 
A 1 45  ASP 45  340 340 ASP ASP A . n 
A 1 46  LEU 46  341 341 LEU LEU A . n 
A 1 47  PRO 47  342 342 PRO PRO A . n 
A 1 48  ASP 48  343 343 ASP ASP A . n 
A 1 49  ASN 49  344 344 ASN ASN A . n 
A 1 50  PRO 50  345 345 PRO PRO A . n 
A 1 51  GLU 51  346 346 GLU GLU A . n 
A 1 52  ARG 52  347 347 ARG ARG A . n 
A 1 53  PHE 53  348 348 PHE PHE A . n 
A 1 54  ASN 54  349 349 ASN ASN A . n 
A 1 55  TRP 55  350 350 TRP TRP A . n 
A 1 56  HIS 56  351 351 HIS HIS A . n 
A 1 57  TYR 57  352 352 TYR TYR A . n 
A 1 58  CYS 58  353 353 CYS CYS A . n 
A 1 59  VAL 59  354 354 VAL VAL A . n 
A 1 60  LEU 60  355 355 LEU LEU A . n 
A 1 61  GLY 61  356 356 GLY GLY A . n 
A 1 62  CYS 62  357 357 CYS CYS A . n 
A 1 63  GLU 63  358 358 GLU GLU A . n 
A 1 64  SER 64  359 359 SER SER A . n 
A 1 65  PHE 65  360 360 PHE PHE A . n 
A 1 66  ILE 66  361 361 ILE ILE A . n 
A 1 67  SER 67  362 362 SER SER A . n 
A 1 68  GLY 68  363 363 GLY GLY A . n 
A 1 69  ARG 69  364 364 ARG ARG A . n 
A 1 70  HIS 70  365 365 HIS HIS A . n 
A 1 71  TYR 71  366 366 TYR TYR A . n 
A 1 72  TRP 72  367 367 TRP TRP A . n 
A 1 73  GLU 73  368 368 GLU GLU A . n 
A 1 74  VAL 74  369 369 VAL VAL A . n 
A 1 75  GLU 75  370 370 GLU GLU A . n 
A 1 76  VAL 76  371 371 VAL VAL A . n 
A 1 77  GLY 77  372 372 GLY GLY A . n 
A 1 78  ASP 78  373 373 ASP ASP A . n 
A 1 79  ARG 79  374 374 ARG ARG A . n 
A 1 80  LYS 80  375 375 LYS LYS A . n 
A 1 81  GLU 81  376 376 GLU GLU A . n 
A 1 82  TRP 82  377 377 TRP TRP A . n 
A 1 83  HIS 83  378 378 HIS HIS A . n 
A 1 84  ILE 84  379 379 ILE ILE A . n 
A 1 85  GLY 85  380 380 GLY GLY A . n 
A 1 86  VAL 86  381 381 VAL VAL A . n 
A 1 87  CYS 87  382 382 CYS CYS A . n 
A 1 88  SER 88  383 383 SER SER A . n 
A 1 89  LYS 89  384 384 LYS LYS A . n 
A 1 90  ASN 90  385 385 ASN ASN A . n 
A 1 91  VAL 91  386 386 VAL VAL A . n 
A 1 92  GLN 92  387 387 GLN GLN A . n 
A 1 93  ARG 93  388 388 ARG ARG A . n 
A 1 94  LYS 94  389 389 LYS LYS A . n 
A 1 95  GLY 95  390 390 GLY GLY A . n 
A 1 96  TRP 96  391 391 TRP TRP A . n 
A 1 97  VAL 97  392 392 VAL VAL A . n 
A 1 98  LYS 98  393 393 LYS LYS A . n 
A 1 99  MET 99  394 394 MET MET A . n 
A 1 100 THR 100 395 395 THR THR A . n 
A 1 101 PRO 101 396 396 PRO PRO A . n 
A 1 102 GLU 102 397 397 GLU GLU A . n 
A 1 103 ASN 103 398 398 ASN ASN A . n 
A 1 104 GLY 104 399 399 GLY GLY A . n 
A 1 105 PHE 105 400 400 PHE PHE A . n 
A 1 106 TRP 106 401 401 TRP TRP A . n 
A 1 107 THR 107 402 402 THR THR A . n 
A 1 108 MET 108 403 403 MET MET A . n 
A 1 109 GLY 109 404 404 GLY GLY A . n 
A 1 110 LEU 110 405 405 LEU LEU A . n 
A 1 111 THR 111 406 406 THR THR A . n 
A 1 112 ASP 112 407 407 ASP ASP A . n 
A 1 113 GLY 113 408 408 GLY GLY A . n 
A 1 114 ASN 114 409 409 ASN ASN A . n 
A 1 115 LYS 115 410 410 LYS LYS A . n 
A 1 116 TYR 116 411 411 TYR TYR A . n 
A 1 117 ARG 117 412 412 ARG ARG A . n 
A 1 118 THR 118 413 413 THR THR A . n 
A 1 119 LEU 119 414 414 LEU LEU A . n 
A 1 120 THR 120 415 415 THR THR A . n 
A 1 121 GLU 121 416 416 GLU GLU A . n 
A 1 122 PRO 122 417 417 PRO PRO A . n 
A 1 123 ARG 123 418 418 ARG ARG A . n 
A 1 124 THR 124 419 419 THR THR A . n 
A 1 125 ASN 125 420 420 ASN ASN A . n 
A 1 126 LEU 126 421 421 LEU LEU A . n 
A 1 127 LYS 127 422 422 LYS LYS A . n 
A 1 128 LEU 128 423 423 LEU LEU A . n 
A 1 129 PRO 129 424 424 PRO PRO A . n 
A 1 130 LYS 130 425 425 LYS LYS A . n 
A 1 131 PRO 131 426 426 PRO PRO A . n 
A 1 132 PRO 132 427 427 PRO PRO A . n 
A 1 133 LYS 133 428 428 LYS LYS A . n 
A 1 134 LYS 134 429 429 LYS LYS A . n 
A 1 135 VAL 135 430 430 VAL VAL A . n 
A 1 136 GLY 136 431 431 GLY GLY A . n 
A 1 137 VAL 137 432 432 VAL VAL A . n 
A 1 138 PHE 138 433 433 PHE PHE A . n 
A 1 139 LEU 139 434 434 LEU LEU A . n 
A 1 140 ASP 140 435 435 ASP ASP A . n 
A 1 141 TYR 141 436 436 TYR TYR A . n 
A 1 142 GLU 142 437 437 GLU GLU A . n 
A 1 143 THR 143 438 438 THR THR A . n 
A 1 144 GLY 144 439 439 GLY GLY A . n 
A 1 145 ASP 145 440 440 ASP ASP A . n 
A 1 146 ILE 146 441 441 ILE ILE A . n 
A 1 147 SER 147 442 442 SER SER A . n 
A 1 148 PHE 148 443 443 PHE PHE A . n 
A 1 149 TYR 149 444 444 TYR TYR A . n 
A 1 150 ASN 150 445 445 ASN ASN A . n 
A 1 151 ALA 151 446 446 ALA ALA A . n 
A 1 152 VAL 152 447 447 VAL VAL A . n 
A 1 153 ASP 153 448 448 ASP ASP A . n 
A 1 154 GLY 154 449 449 GLY GLY A . n 
A 1 155 SER 155 450 450 SER SER A . n 
A 1 156 HIS 156 451 451 HIS HIS A . n 
A 1 157 ILE 157 452 452 ILE ILE A . n 
A 1 158 HIS 158 453 453 HIS HIS A . n 
A 1 159 THR 159 454 454 THR THR A . n 
A 1 160 PHE 160 455 455 PHE PHE A . n 
A 1 161 LEU 161 456 456 LEU LEU A . n 
A 1 162 ASP 162 457 457 ASP ASP A . n 
A 1 163 VAL 163 458 458 VAL VAL A . n 
A 1 164 SER 164 459 459 SER SER A . n 
A 1 165 PHE 165 460 460 PHE PHE A . n 
A 1 166 SER 166 461 461 SER SER A . n 
A 1 167 GLU 167 462 462 GLU GLU A . n 
A 1 168 ALA 168 463 463 ALA ALA A . n 
A 1 169 LEU 169 464 464 LEU LEU A . n 
A 1 170 TYR 170 465 465 TYR TYR A . n 
A 1 171 PRO 171 466 466 PRO PRO A . n 
A 1 172 VAL 172 467 467 VAL VAL A . n 
A 1 173 PHE 173 468 468 PHE PHE A . n 
A 1 174 ARG 174 469 469 ARG ARG A . n 
A 1 175 ILE 175 470 470 ILE ILE A . n 
A 1 176 LEU 176 471 471 LEU LEU A . n 
A 1 177 THR 177 472 472 THR THR A . n 
A 1 178 LEU 178 473 473 LEU LEU A . n 
A 1 179 GLU 179 474 474 GLU GLU A . n 
A 1 180 PRO 180 475 475 PRO PRO A . n 
A 1 181 THR 181 476 476 THR THR A . n 
A 1 182 ALA 182 477 477 ALA ALA A . n 
A 1 183 LEU 183 478 478 LEU LEU A . n 
A 1 184 THR 184 479 479 THR THR A . n 
A 1 185 ILE 185 480 480 ILE ILE A . n 
A 1 186 CYS 186 481 481 CYS CYS A . n 
A 1 187 PRO 187 482 482 PRO PRO A . n 
A 1 188 ALA 188 483 ?   ?   ?   A . n 
A 1 189 LEU 189 484 ?   ?   ?   A . n 
A 1 190 GLU 190 485 ?   ?   ?   A . n 
A 1 191 HIS 191 486 ?   ?   ?   A . n 
A 1 192 HIS 192 487 ?   ?   ?   A . n 
A 1 193 HIS 193 488 ?   ?   ?   A . n 
A 1 194 HIS 194 489 ?   ?   ?   A . n 
A 1 195 HIS 195 490 ?   ?   ?   A . n 
A 1 196 HIS 196 491 ?   ?   ?   A . n 
# 
loop_
_pdbx_nonpoly_scheme.asym_id 
_pdbx_nonpoly_scheme.entity_id 
_pdbx_nonpoly_scheme.mon_id 
_pdbx_nonpoly_scheme.ndb_seq_num 
_pdbx_nonpoly_scheme.pdb_seq_num 
_pdbx_nonpoly_scheme.auth_seq_num 
_pdbx_nonpoly_scheme.pdb_mon_id 
_pdbx_nonpoly_scheme.auth_mon_id 
_pdbx_nonpoly_scheme.pdb_strand_id 
_pdbx_nonpoly_scheme.pdb_ins_code 
B 2 H6P 1   501 501 H6P H6P A . 
C 3 HOH 1   601 601 HOH HOH A . 
C 3 HOH 2   602 602 HOH HOH A . 
C 3 HOH 3   603 603 HOH HOH A . 
C 3 HOH 4   604 604 HOH HOH A . 
C 3 HOH 5   605 605 HOH HOH A . 
C 3 HOH 6   606 606 HOH HOH A . 
C 3 HOH 7   607 607 HOH HOH A . 
C 3 HOH 8   608 608 HOH HOH A . 
C 3 HOH 9   609 609 HOH HOH A . 
C 3 HOH 10  610 610 HOH HOH A . 
C 3 HOH 11  611 611 HOH HOH A . 
C 3 HOH 12  612 612 HOH HOH A . 
C 3 HOH 13  613 613 HOH HOH A . 
C 3 HOH 14  614 614 HOH HOH A . 
C 3 HOH 15  615 615 HOH HOH A . 
C 3 HOH 16  616 616 HOH HOH A . 
C 3 HOH 17  617 617 HOH HOH A . 
C 3 HOH 18  618 618 HOH HOH A . 
C 3 HOH 19  619 620 HOH HOH A . 
C 3 HOH 20  620 621 HOH HOH A . 
C 3 HOH 21  621 622 HOH HOH A . 
C 3 HOH 22  622 623 HOH HOH A . 
C 3 HOH 23  623 624 HOH HOH A . 
C 3 HOH 24  624 625 HOH HOH A . 
C 3 HOH 25  625 626 HOH HOH A . 
C 3 HOH 26  626 619 HOH HOH A . 
C 3 HOH 27  627 627 HOH HOH A . 
C 3 HOH 28  628 628 HOH HOH A . 
C 3 HOH 29  629 629 HOH HOH A . 
C 3 HOH 30  630 630 HOH HOH A . 
C 3 HOH 31  631 631 HOH HOH A . 
C 3 HOH 32  632 632 HOH HOH A . 
C 3 HOH 33  633 633 HOH HOH A . 
C 3 HOH 34  634 634 HOH HOH A . 
C 3 HOH 35  635 635 HOH HOH A . 
C 3 HOH 36  636 636 HOH HOH A . 
C 3 HOH 37  637 637 HOH HOH A . 
C 3 HOH 38  638 638 HOH HOH A . 
C 3 HOH 39  639 639 HOH HOH A . 
C 3 HOH 40  640 640 HOH HOH A . 
C 3 HOH 41  641 641 HOH HOH A . 
C 3 HOH 42  642 642 HOH HOH A . 
C 3 HOH 43  643 643 HOH HOH A . 
C 3 HOH 44  644 644 HOH HOH A . 
C 3 HOH 45  645 645 HOH HOH A . 
C 3 HOH 46  646 646 HOH HOH A . 
C 3 HOH 47  647 647 HOH HOH A . 
C 3 HOH 48  648 648 HOH HOH A . 
C 3 HOH 49  649 649 HOH HOH A . 
C 3 HOH 50  650 650 HOH HOH A . 
C 3 HOH 51  651 651 HOH HOH A . 
C 3 HOH 52  652 652 HOH HOH A . 
C 3 HOH 53  653 653 HOH HOH A . 
C 3 HOH 54  654 654 HOH HOH A . 
C 3 HOH 55  655 655 HOH HOH A . 
C 3 HOH 56  656 656 HOH HOH A . 
C 3 HOH 57  657 657 HOH HOH A . 
C 3 HOH 58  658 658 HOH HOH A . 
C 3 HOH 59  659 659 HOH HOH A . 
C 3 HOH 60  660 660 HOH HOH A . 
C 3 HOH 61  661 661 HOH HOH A . 
C 3 HOH 62  662 662 HOH HOH A . 
C 3 HOH 63  663 663 HOH HOH A . 
C 3 HOH 64  664 664 HOH HOH A . 
C 3 HOH 65  665 665 HOH HOH A . 
C 3 HOH 66  666 666 HOH HOH A . 
C 3 HOH 67  667 667 HOH HOH A . 
C 3 HOH 68  668 668 HOH HOH A . 
C 3 HOH 69  669 669 HOH HOH A . 
C 3 HOH 70  670 670 HOH HOH A . 
C 3 HOH 71  671 671 HOH HOH A . 
C 3 HOH 72  672 672 HOH HOH A . 
C 3 HOH 73  673 673 HOH HOH A . 
C 3 HOH 74  674 674 HOH HOH A . 
C 3 HOH 75  675 675 HOH HOH A . 
C 3 HOH 76  676 676 HOH HOH A . 
C 3 HOH 77  677 677 HOH HOH A . 
C 3 HOH 78  678 678 HOH HOH A . 
C 3 HOH 79  679 679 HOH HOH A . 
C 3 HOH 80  680 680 HOH HOH A . 
C 3 HOH 81  681 681 HOH HOH A . 
C 3 HOH 82  682 682 HOH HOH A . 
C 3 HOH 83  683 683 HOH HOH A . 
C 3 HOH 84  684 684 HOH HOH A . 
C 3 HOH 85  685 685 HOH HOH A . 
C 3 HOH 86  686 686 HOH HOH A . 
C 3 HOH 87  687 687 HOH HOH A . 
C 3 HOH 88  688 688 HOH HOH A . 
C 3 HOH 89  689 689 HOH HOH A . 
C 3 HOH 90  690 690 HOH HOH A . 
C 3 HOH 91  691 691 HOH HOH A . 
C 3 HOH 92  692 692 HOH HOH A . 
C 3 HOH 93  693 693 HOH HOH A . 
C 3 HOH 94  694 694 HOH HOH A . 
C 3 HOH 95  695 695 HOH HOH A . 
C 3 HOH 96  696 696 HOH HOH A . 
C 3 HOH 97  697 697 HOH HOH A . 
C 3 HOH 98  698 698 HOH HOH A . 
C 3 HOH 99  699 699 HOH HOH A . 
C 3 HOH 100 700 700 HOH HOH A . 
C 3 HOH 101 701 701 HOH HOH A . 
C 3 HOH 102 702 702 HOH HOH A . 
C 3 HOH 103 703 703 HOH HOH A . 
C 3 HOH 104 704 704 HOH HOH A . 
C 3 HOH 105 705 705 HOH HOH A . 
C 3 HOH 106 706 706 HOH HOH A . 
C 3 HOH 107 707 707 HOH HOH A . 
C 3 HOH 108 708 708 HOH HOH A . 
C 3 HOH 109 709 709 HOH HOH A . 
C 3 HOH 110 710 710 HOH HOH A . 
C 3 HOH 111 711 711 HOH HOH A . 
C 3 HOH 112 712 712 HOH HOH A . 
C 3 HOH 113 713 713 HOH HOH A . 
C 3 HOH 114 714 714 HOH HOH A . 
C 3 HOH 115 715 715 HOH HOH A . 
C 3 HOH 116 716 716 HOH HOH A . 
C 3 HOH 117 717 717 HOH HOH A . 
C 3 HOH 118 718 718 HOH HOH A . 
C 3 HOH 119 719 719 HOH HOH A . 
C 3 HOH 120 720 720 HOH HOH A . 
C 3 HOH 121 721 721 HOH HOH A . 
C 3 HOH 122 722 722 HOH HOH A . 
C 3 HOH 123 723 723 HOH HOH A . 
C 3 HOH 124 724 724 HOH HOH A . 
# 
_pdbx_struct_assembly.id                   1 
_pdbx_struct_assembly.details              author_defined_assembly 
_pdbx_struct_assembly.method_details       ? 
_pdbx_struct_assembly.oligomeric_details   monomeric 
_pdbx_struct_assembly.oligomeric_count     1 
# 
_pdbx_struct_assembly_gen.assembly_id       1 
_pdbx_struct_assembly_gen.oper_expression   1 
_pdbx_struct_assembly_gen.asym_id_list      A,B,C 
# 
loop_
_pdbx_struct_assembly_prop.biol_id 
_pdbx_struct_assembly_prop.type 
_pdbx_struct_assembly_prop.value 
_pdbx_struct_assembly_prop.details 
1 'ABSA (A^2)' 0    ? 
1 MORE         0    ? 
1 'SSA (A^2)'  9240 ? 
# 
_pdbx_struct_oper_list.id                   1 
_pdbx_struct_oper_list.type                 'identity operation' 
_pdbx_struct_oper_list.name                 1_555 
_pdbx_struct_oper_list.symmetry_operation   x,y,z 
_pdbx_struct_oper_list.matrix[1][1]         1.0000000000 
_pdbx_struct_oper_list.matrix[1][2]         0.0000000000 
_pdbx_struct_oper_list.matrix[1][3]         0.0000000000 
_pdbx_struct_oper_list.vector[1]            0.0000000000 
_pdbx_struct_oper_list.matrix[2][1]         0.0000000000 
_pdbx_struct_oper_list.matrix[2][2]         1.0000000000 
_pdbx_struct_oper_list.matrix[2][3]         0.0000000000 
_pdbx_struct_oper_list.vector[2]            0.0000000000 
_pdbx_struct_oper_list.matrix[3][1]         0.0000000000 
_pdbx_struct_oper_list.matrix[3][2]         0.0000000000 
_pdbx_struct_oper_list.matrix[3][3]         1.0000000000 
_pdbx_struct_oper_list.vector[3]            0.0000000000 
# 
loop_
_pdbx_audit_revision_history.ordinal 
_pdbx_audit_revision_history.data_content_type 
_pdbx_audit_revision_history.major_revision 
_pdbx_audit_revision_history.minor_revision 
_pdbx_audit_revision_history.revision_date 
1 'Structure model' 1 0 2019-04-03 
2 'Structure model' 1 1 2019-04-10 
3 'Structure model' 1 2 2019-05-01 
4 'Structure model' 1 3 2023-11-22 
# 
_pdbx_audit_revision_details.ordinal             1 
_pdbx_audit_revision_details.revision_ordinal    1 
_pdbx_audit_revision_details.data_content_type   'Structure model' 
_pdbx_audit_revision_details.provider            repository 
_pdbx_audit_revision_details.type                'Initial release' 
_pdbx_audit_revision_details.description         ? 
_pdbx_audit_revision_details.details             ? 
# 
loop_
_pdbx_audit_revision_group.ordinal 
_pdbx_audit_revision_group.revision_ordinal 
_pdbx_audit_revision_group.data_content_type 
_pdbx_audit_revision_group.group 
1 2 'Structure model' 'Data collection'        
2 2 'Structure model' 'Database references'    
3 3 'Structure model' 'Data collection'        
4 3 'Structure model' 'Database references'    
5 4 'Structure model' 'Data collection'        
6 4 'Structure model' 'Database references'    
7 4 'Structure model' 'Refinement description' 
# 
loop_
_pdbx_audit_revision_category.ordinal 
_pdbx_audit_revision_category.revision_ordinal 
_pdbx_audit_revision_category.data_content_type 
_pdbx_audit_revision_category.category 
1 2 'Structure model' citation                      
2 2 'Structure model' citation_author               
3 3 'Structure model' citation                      
4 4 'Structure model' chem_comp_atom                
5 4 'Structure model' chem_comp_bond                
6 4 'Structure model' database_2                    
7 4 'Structure model' pdbx_initial_refinement_model 
# 
loop_
_pdbx_audit_revision_item.ordinal 
_pdbx_audit_revision_item.revision_ordinal 
_pdbx_audit_revision_item.data_content_type 
_pdbx_audit_revision_item.item 
1 2 'Structure model' '_citation.journal_id_ISSN'           
2 2 'Structure model' '_citation.journal_volume'            
3 2 'Structure model' '_citation.pdbx_database_id_PubMed'   
4 2 'Structure model' '_citation.title'                     
5 2 'Structure model' '_citation_author.name'               
6 3 'Structure model' '_citation.journal_volume'            
7 3 'Structure model' '_citation.page_first'                
8 4 'Structure model' '_database_2.pdbx_DOI'                
9 4 'Structure model' '_database_2.pdbx_database_accession' 
# 
loop_
_software.citation_id 
_software.classification 
_software.compiler_name 
_software.compiler_version 
_software.contact_author 
_software.contact_author_email 
_software.date 
_software.description 
_software.dependencies 
_software.hardware 
_software.language 
_software.location 
_software.mods 
_software.name 
_software.os 
_software.os_version 
_software.type 
_software.version 
_software.pdbx_ordinal 
? 'data reduction' ? ? ? ? ? ? ? ? ? ? ? HKL-2000 ? ? ? .        1 
? 'data scaling'   ? ? ? ? ? ? ? ? ? ? ? HKL-2000 ? ? ? .        2 
? phasing          ? ? ? ? ? ? ? ? ? ? ? PHASER   ? ? ? .        3 
? refinement       ? ? ? ? ? ? ? ? ? ? ? REFMAC   ? ? ? 5.8.0103 4 
# 
_pdbx_validate_close_contact.id               1 
_pdbx_validate_close_contact.PDB_model_num    1 
_pdbx_validate_close_contact.auth_atom_id_1   ND2 
_pdbx_validate_close_contact.auth_asym_id_1   A 
_pdbx_validate_close_contact.auth_comp_id_1   ASN 
_pdbx_validate_close_contact.auth_seq_id_1    385 
_pdbx_validate_close_contact.PDB_ins_code_1   ? 
_pdbx_validate_close_contact.label_alt_id_1   A 
_pdbx_validate_close_contact.auth_atom_id_2   O 
_pdbx_validate_close_contact.auth_asym_id_2   A 
_pdbx_validate_close_contact.auth_comp_id_2   HOH 
_pdbx_validate_close_contact.auth_seq_id_2    601 
_pdbx_validate_close_contact.PDB_ins_code_2   ? 
_pdbx_validate_close_contact.label_alt_id_2   ? 
_pdbx_validate_close_contact.dist             2.17 
# 
_pdbx_validate_rmsd_angle.id                         1 
_pdbx_validate_rmsd_angle.PDB_model_num              1 
_pdbx_validate_rmsd_angle.auth_atom_id_1             NE 
_pdbx_validate_rmsd_angle.auth_asym_id_1             A 
_pdbx_validate_rmsd_angle.auth_comp_id_1             ARG 
_pdbx_validate_rmsd_angle.auth_seq_id_1              330 
_pdbx_validate_rmsd_angle.PDB_ins_code_1             ? 
_pdbx_validate_rmsd_angle.label_alt_id_1             ? 
_pdbx_validate_rmsd_angle.auth_atom_id_2             CZ 
_pdbx_validate_rmsd_angle.auth_asym_id_2             A 
_pdbx_validate_rmsd_angle.auth_comp_id_2             ARG 
_pdbx_validate_rmsd_angle.auth_seq_id_2              330 
_pdbx_validate_rmsd_angle.PDB_ins_code_2             ? 
_pdbx_validate_rmsd_angle.label_alt_id_2             ? 
_pdbx_validate_rmsd_angle.auth_atom_id_3             NH2 
_pdbx_validate_rmsd_angle.auth_asym_id_3             A 
_pdbx_validate_rmsd_angle.auth_comp_id_3             ARG 
_pdbx_validate_rmsd_angle.auth_seq_id_3              330 
_pdbx_validate_rmsd_angle.PDB_ins_code_3             ? 
_pdbx_validate_rmsd_angle.label_alt_id_3             ? 
_pdbx_validate_rmsd_angle.angle_value                116.76 
_pdbx_validate_rmsd_angle.angle_target_value         120.30 
_pdbx_validate_rmsd_angle.angle_deviation            -3.54 
_pdbx_validate_rmsd_angle.angle_standard_deviation   0.50 
_pdbx_validate_rmsd_angle.linker_flag                N 
# 
loop_
_pdbx_validate_torsion.id 
_pdbx_validate_torsion.PDB_model_num 
_pdbx_validate_torsion.auth_comp_id 
_pdbx_validate_torsion.auth_asym_id 
_pdbx_validate_torsion.auth_seq_id 
_pdbx_validate_torsion.PDB_ins_code 
_pdbx_validate_torsion.label_alt_id 
_pdbx_validate_torsion.phi 
_pdbx_validate_torsion.psi 
1 1 ASP A 343 ? ? -98.09  55.35  
2 1 TRP A 350 ? ? -121.59 -60.00 
3 1 ASP A 407 ? ? 49.88   29.93  
4 1 ASN A 409 ? ? -145.19 13.07  
# 
loop_
_pdbx_unobs_or_zero_occ_atoms.id 
_pdbx_unobs_or_zero_occ_atoms.PDB_model_num 
_pdbx_unobs_or_zero_occ_atoms.polymer_flag 
_pdbx_unobs_or_zero_occ_atoms.occupancy_flag 
_pdbx_unobs_or_zero_occ_atoms.auth_asym_id 
_pdbx_unobs_or_zero_occ_atoms.auth_comp_id 
_pdbx_unobs_or_zero_occ_atoms.auth_seq_id 
_pdbx_unobs_or_zero_occ_atoms.PDB_ins_code 
_pdbx_unobs_or_zero_occ_atoms.auth_atom_id 
_pdbx_unobs_or_zero_occ_atoms.label_alt_id 
_pdbx_unobs_or_zero_occ_atoms.label_asym_id 
_pdbx_unobs_or_zero_occ_atoms.label_comp_id 
_pdbx_unobs_or_zero_occ_atoms.label_seq_id 
_pdbx_unobs_or_zero_occ_atoms.label_atom_id 
1 1 Y 1 A ASN 320 ? ND2 ? A ASN 25 ND2 
2 1 Y 1 A GLN 333 ? NE2 ? A GLN 38 NE2 
# 
loop_
_pdbx_unobs_or_zero_occ_residues.id 
_pdbx_unobs_or_zero_occ_residues.PDB_model_num 
_pdbx_unobs_or_zero_occ_residues.polymer_flag 
_pdbx_unobs_or_zero_occ_residues.occupancy_flag 
_pdbx_unobs_or_zero_occ_residues.auth_asym_id 
_pdbx_unobs_or_zero_occ_residues.auth_comp_id 
_pdbx_unobs_or_zero_occ_residues.auth_seq_id 
_pdbx_unobs_or_zero_occ_residues.PDB_ins_code 
_pdbx_unobs_or_zero_occ_residues.label_asym_id 
_pdbx_unobs_or_zero_occ_residues.label_comp_id 
_pdbx_unobs_or_zero_occ_residues.label_seq_id 
1  1 Y 1 A MET 296 ? A MET 1   
2  1 Y 1 A ALA 483 ? A ALA 188 
3  1 Y 1 A LEU 484 ? A LEU 189 
4  1 Y 1 A GLU 485 ? A GLU 190 
5  1 Y 1 A HIS 486 ? A HIS 191 
6  1 Y 1 A HIS 487 ? A HIS 192 
7  1 Y 1 A HIS 488 ? A HIS 193 
8  1 Y 1 A HIS 489 ? A HIS 194 
9  1 Y 1 A HIS 490 ? A HIS 195 
10 1 Y 1 A HIS 491 ? A HIS 196 
# 
loop_
_chem_comp_atom.comp_id 
_chem_comp_atom.atom_id 
_chem_comp_atom.type_symbol 
_chem_comp_atom.pdbx_aromatic_flag 
_chem_comp_atom.pdbx_stereo_config 
_chem_comp_atom.pdbx_ordinal 
ALA N    N N N 1   
ALA CA   C N S 2   
ALA C    C N N 3   
ALA O    O N N 4   
ALA CB   C N N 5   
ALA OXT  O N N 6   
ALA H    H N N 7   
ALA H2   H N N 8   
ALA HA   H N N 9   
ALA HB1  H N N 10  
ALA HB2  H N N 11  
ALA HB3  H N N 12  
ALA HXT  H N N 13  
ARG N    N N N 14  
ARG CA   C N S 15  
ARG C    C N N 16  
ARG O    O N N 17  
ARG CB   C N N 18  
ARG CG   C N N 19  
ARG CD   C N N 20  
ARG NE   N N N 21  
ARG CZ   C N N 22  
ARG NH1  N N N 23  
ARG NH2  N N N 24  
ARG OXT  O N N 25  
ARG H    H N N 26  
ARG H2   H N N 27  
ARG HA   H N N 28  
ARG HB2  H N N 29  
ARG HB3  H N N 30  
ARG HG2  H N N 31  
ARG HG3  H N N 32  
ARG HD2  H N N 33  
ARG HD3  H N N 34  
ARG HE   H N N 35  
ARG HH11 H N N 36  
ARG HH12 H N N 37  
ARG HH21 H N N 38  
ARG HH22 H N N 39  
ARG HXT  H N N 40  
ASN N    N N N 41  
ASN CA   C N S 42  
ASN C    C N N 43  
ASN O    O N N 44  
ASN CB   C N N 45  
ASN CG   C N N 46  
ASN OD1  O N N 47  
ASN ND2  N N N 48  
ASN OXT  O N N 49  
ASN H    H N N 50  
ASN H2   H N N 51  
ASN HA   H N N 52  
ASN HB2  H N N 53  
ASN HB3  H N N 54  
ASN HD21 H N N 55  
ASN HD22 H N N 56  
ASN HXT  H N N 57  
ASP N    N N N 58  
ASP CA   C N S 59  
ASP C    C N N 60  
ASP O    O N N 61  
ASP CB   C N N 62  
ASP CG   C N N 63  
ASP OD1  O N N 64  
ASP OD2  O N N 65  
ASP OXT  O N N 66  
ASP H    H N N 67  
ASP H2   H N N 68  
ASP HA   H N N 69  
ASP HB2  H N N 70  
ASP HB3  H N N 71  
ASP HD2  H N N 72  
ASP HXT  H N N 73  
CYS N    N N N 74  
CYS CA   C N R 75  
CYS C    C N N 76  
CYS O    O N N 77  
CYS CB   C N N 78  
CYS SG   S N N 79  
CYS OXT  O N N 80  
CYS H    H N N 81  
CYS H2   H N N 82  
CYS HA   H N N 83  
CYS HB2  H N N 84  
CYS HB3  H N N 85  
CYS HG   H N N 86  
CYS HXT  H N N 87  
GLN N    N N N 88  
GLN CA   C N S 89  
GLN C    C N N 90  
GLN O    O N N 91  
GLN CB   C N N 92  
GLN CG   C N N 93  
GLN CD   C N N 94  
GLN OE1  O N N 95  
GLN NE2  N N N 96  
GLN OXT  O N N 97  
GLN H    H N N 98  
GLN H2   H N N 99  
GLN HA   H N N 100 
GLN HB2  H N N 101 
GLN HB3  H N N 102 
GLN HG2  H N N 103 
GLN HG3  H N N 104 
GLN HE21 H N N 105 
GLN HE22 H N N 106 
GLN HXT  H N N 107 
GLU N    N N N 108 
GLU CA   C N S 109 
GLU C    C N N 110 
GLU O    O N N 111 
GLU CB   C N N 112 
GLU CG   C N N 113 
GLU CD   C N N 114 
GLU OE1  O N N 115 
GLU OE2  O N N 116 
GLU OXT  O N N 117 
GLU H    H N N 118 
GLU H2   H N N 119 
GLU HA   H N N 120 
GLU HB2  H N N 121 
GLU HB3  H N N 122 
GLU HG2  H N N 123 
GLU HG3  H N N 124 
GLU HE2  H N N 125 
GLU HXT  H N N 126 
GLY N    N N N 127 
GLY CA   C N N 128 
GLY C    C N N 129 
GLY O    O N N 130 
GLY OXT  O N N 131 
GLY H    H N N 132 
GLY H2   H N N 133 
GLY HA2  H N N 134 
GLY HA3  H N N 135 
GLY HXT  H N N 136 
H6P P13  P N N 137 
H6P O14  O N N 138 
H6P O15  O N N 139 
H6P O16  O N N 140 
H6P P17  P N N 141 
H6P O18  O N N 142 
H6P O19  O N N 143 
H6P O20  O N N 144 
H6P C21  C N N 145 
H6P C27  C N N 146 
H6P C28  C N N 147 
H6P O29  O N N 148 
H6P C30  C N N 149 
H6P C31  C N N 150 
H6P O33  O N N 151 
H6P HO15 H N N 152 
H6P HO18 H N N 153 
H6P HO20 H N N 154 
H6P H21  H N N 155 
H6P H21A H N N 156 
H6P H21B H N N 157 
H6P H27  H N N 158 
H6P H28  H N N 159 
H6P H28A H N N 160 
H6P H31  H N N 161 
H6P H31A H N N 162 
H6P HO33 H N N 163 
HIS N    N N N 164 
HIS CA   C N S 165 
HIS C    C N N 166 
HIS O    O N N 167 
HIS CB   C N N 168 
HIS CG   C Y N 169 
HIS ND1  N Y N 170 
HIS CD2  C Y N 171 
HIS CE1  C Y N 172 
HIS NE2  N Y N 173 
HIS OXT  O N N 174 
HIS H    H N N 175 
HIS H2   H N N 176 
HIS HA   H N N 177 
HIS HB2  H N N 178 
HIS HB3  H N N 179 
HIS HD1  H N N 180 
HIS HD2  H N N 181 
HIS HE1  H N N 182 
HIS HE2  H N N 183 
HIS HXT  H N N 184 
HOH O    O N N 185 
HOH H1   H N N 186 
HOH H2   H N N 187 
ILE N    N N N 188 
ILE CA   C N S 189 
ILE C    C N N 190 
ILE O    O N N 191 
ILE CB   C N S 192 
ILE CG1  C N N 193 
ILE CG2  C N N 194 
ILE CD1  C N N 195 
ILE OXT  O N N 196 
ILE H    H N N 197 
ILE H2   H N N 198 
ILE HA   H N N 199 
ILE HB   H N N 200 
ILE HG12 H N N 201 
ILE HG13 H N N 202 
ILE HG21 H N N 203 
ILE HG22 H N N 204 
ILE HG23 H N N 205 
ILE HD11 H N N 206 
ILE HD12 H N N 207 
ILE HD13 H N N 208 
ILE HXT  H N N 209 
LEU N    N N N 210 
LEU CA   C N S 211 
LEU C    C N N 212 
LEU O    O N N 213 
LEU CB   C N N 214 
LEU CG   C N N 215 
LEU CD1  C N N 216 
LEU CD2  C N N 217 
LEU OXT  O N N 218 
LEU H    H N N 219 
LEU H2   H N N 220 
LEU HA   H N N 221 
LEU HB2  H N N 222 
LEU HB3  H N N 223 
LEU HG   H N N 224 
LEU HD11 H N N 225 
LEU HD12 H N N 226 
LEU HD13 H N N 227 
LEU HD21 H N N 228 
LEU HD22 H N N 229 
LEU HD23 H N N 230 
LEU HXT  H N N 231 
LYS N    N N N 232 
LYS CA   C N S 233 
LYS C    C N N 234 
LYS O    O N N 235 
LYS CB   C N N 236 
LYS CG   C N N 237 
LYS CD   C N N 238 
LYS CE   C N N 239 
LYS NZ   N N N 240 
LYS OXT  O N N 241 
LYS H    H N N 242 
LYS H2   H N N 243 
LYS HA   H N N 244 
LYS HB2  H N N 245 
LYS HB3  H N N 246 
LYS HG2  H N N 247 
LYS HG3  H N N 248 
LYS HD2  H N N 249 
LYS HD3  H N N 250 
LYS HE2  H N N 251 
LYS HE3  H N N 252 
LYS HZ1  H N N 253 
LYS HZ2  H N N 254 
LYS HZ3  H N N 255 
LYS HXT  H N N 256 
MET N    N N N 257 
MET CA   C N S 258 
MET C    C N N 259 
MET O    O N N 260 
MET CB   C N N 261 
MET CG   C N N 262 
MET SD   S N N 263 
MET CE   C N N 264 
MET OXT  O N N 265 
MET H    H N N 266 
MET H2   H N N 267 
MET HA   H N N 268 
MET HB2  H N N 269 
MET HB3  H N N 270 
MET HG2  H N N 271 
MET HG3  H N N 272 
MET HE1  H N N 273 
MET HE2  H N N 274 
MET HE3  H N N 275 
MET HXT  H N N 276 
PHE N    N N N 277 
PHE CA   C N S 278 
PHE C    C N N 279 
PHE O    O N N 280 
PHE CB   C N N 281 
PHE CG   C Y N 282 
PHE CD1  C Y N 283 
PHE CD2  C Y N 284 
PHE CE1  C Y N 285 
PHE CE2  C Y N 286 
PHE CZ   C Y N 287 
PHE OXT  O N N 288 
PHE H    H N N 289 
PHE H2   H N N 290 
PHE HA   H N N 291 
PHE HB2  H N N 292 
PHE HB3  H N N 293 
PHE HD1  H N N 294 
PHE HD2  H N N 295 
PHE HE1  H N N 296 
PHE HE2  H N N 297 
PHE HZ   H N N 298 
PHE HXT  H N N 299 
PRO N    N N N 300 
PRO CA   C N S 301 
PRO C    C N N 302 
PRO O    O N N 303 
PRO CB   C N N 304 
PRO CG   C N N 305 
PRO CD   C N N 306 
PRO OXT  O N N 307 
PRO H    H N N 308 
PRO HA   H N N 309 
PRO HB2  H N N 310 
PRO HB3  H N N 311 
PRO HG2  H N N 312 
PRO HG3  H N N 313 
PRO HD2  H N N 314 
PRO HD3  H N N 315 
PRO HXT  H N N 316 
SER N    N N N 317 
SER CA   C N S 318 
SER C    C N N 319 
SER O    O N N 320 
SER CB   C N N 321 
SER OG   O N N 322 
SER OXT  O N N 323 
SER H    H N N 324 
SER H2   H N N 325 
SER HA   H N N 326 
SER HB2  H N N 327 
SER HB3  H N N 328 
SER HG   H N N 329 
SER HXT  H N N 330 
THR N    N N N 331 
THR CA   C N S 332 
THR C    C N N 333 
THR O    O N N 334 
THR CB   C N R 335 
THR OG1  O N N 336 
THR CG2  C N N 337 
THR OXT  O N N 338 
THR H    H N N 339 
THR H2   H N N 340 
THR HA   H N N 341 
THR HB   H N N 342 
THR HG1  H N N 343 
THR HG21 H N N 344 
THR HG22 H N N 345 
THR HG23 H N N 346 
THR HXT  H N N 347 
TRP N    N N N 348 
TRP CA   C N S 349 
TRP C    C N N 350 
TRP O    O N N 351 
TRP CB   C N N 352 
TRP CG   C Y N 353 
TRP CD1  C Y N 354 
TRP CD2  C Y N 355 
TRP NE1  N Y N 356 
TRP CE2  C Y N 357 
TRP CE3  C Y N 358 
TRP CZ2  C Y N 359 
TRP CZ3  C Y N 360 
TRP CH2  C Y N 361 
TRP OXT  O N N 362 
TRP H    H N N 363 
TRP H2   H N N 364 
TRP HA   H N N 365 
TRP HB2  H N N 366 
TRP HB3  H N N 367 
TRP HD1  H N N 368 
TRP HE1  H N N 369 
TRP HE3  H N N 370 
TRP HZ2  H N N 371 
TRP HZ3  H N N 372 
TRP HH2  H N N 373 
TRP HXT  H N N 374 
TYR N    N N N 375 
TYR CA   C N S 376 
TYR C    C N N 377 
TYR O    O N N 378 
TYR CB   C N N 379 
TYR CG   C Y N 380 
TYR CD1  C Y N 381 
TYR CD2  C Y N 382 
TYR CE1  C Y N 383 
TYR CE2  C Y N 384 
TYR CZ   C Y N 385 
TYR OH   O N N 386 
TYR OXT  O N N 387 
TYR H    H N N 388 
TYR H2   H N N 389 
TYR HA   H N N 390 
TYR HB2  H N N 391 
TYR HB3  H N N 392 
TYR HD1  H N N 393 
TYR HD2  H N N 394 
TYR HE1  H N N 395 
TYR HE2  H N N 396 
TYR HH   H N N 397 
TYR HXT  H N N 398 
VAL N    N N N 399 
VAL CA   C N S 400 
VAL C    C N N 401 
VAL O    O N N 402 
VAL CB   C N N 403 
VAL CG1  C N N 404 
VAL CG2  C N N 405 
VAL OXT  O N N 406 
VAL H    H N N 407 
VAL H2   H N N 408 
VAL HA   H N N 409 
VAL HB   H N N 410 
VAL HG11 H N N 411 
VAL HG12 H N N 412 
VAL HG13 H N N 413 
VAL HG21 H N N 414 
VAL HG22 H N N 415 
VAL HG23 H N N 416 
VAL HXT  H N N 417 
# 
loop_
_chem_comp_bond.comp_id 
_chem_comp_bond.atom_id_1 
_chem_comp_bond.atom_id_2 
_chem_comp_bond.value_order 
_chem_comp_bond.pdbx_aromatic_flag 
_chem_comp_bond.pdbx_stereo_config 
_chem_comp_bond.pdbx_ordinal 
ALA N   CA   sing N N 1   
ALA N   H    sing N N 2   
ALA N   H2   sing N N 3   
ALA CA  C    sing N N 4   
ALA CA  CB   sing N N 5   
ALA CA  HA   sing N N 6   
ALA C   O    doub N N 7   
ALA C   OXT  sing N N 8   
ALA CB  HB1  sing N N 9   
ALA CB  HB2  sing N N 10  
ALA CB  HB3  sing N N 11  
ALA OXT HXT  sing N N 12  
ARG N   CA   sing N N 13  
ARG N   H    sing N N 14  
ARG N   H2   sing N N 15  
ARG CA  C    sing N N 16  
ARG CA  CB   sing N N 17  
ARG CA  HA   sing N N 18  
ARG C   O    doub N N 19  
ARG C   OXT  sing N N 20  
ARG CB  CG   sing N N 21  
ARG CB  HB2  sing N N 22  
ARG CB  HB3  sing N N 23  
ARG CG  CD   sing N N 24  
ARG CG  HG2  sing N N 25  
ARG CG  HG3  sing N N 26  
ARG CD  NE   sing N N 27  
ARG CD  HD2  sing N N 28  
ARG CD  HD3  sing N N 29  
ARG NE  CZ   sing N N 30  
ARG NE  HE   sing N N 31  
ARG CZ  NH1  sing N N 32  
ARG CZ  NH2  doub N N 33  
ARG NH1 HH11 sing N N 34  
ARG NH1 HH12 sing N N 35  
ARG NH2 HH21 sing N N 36  
ARG NH2 HH22 sing N N 37  
ARG OXT HXT  sing N N 38  
ASN N   CA   sing N N 39  
ASN N   H    sing N N 40  
ASN N   H2   sing N N 41  
ASN CA  C    sing N N 42  
ASN CA  CB   sing N N 43  
ASN CA  HA   sing N N 44  
ASN C   O    doub N N 45  
ASN C   OXT  sing N N 46  
ASN CB  CG   sing N N 47  
ASN CB  HB2  sing N N 48  
ASN CB  HB3  sing N N 49  
ASN CG  OD1  doub N N 50  
ASN CG  ND2  sing N N 51  
ASN ND2 HD21 sing N N 52  
ASN ND2 HD22 sing N N 53  
ASN OXT HXT  sing N N 54  
ASP N   CA   sing N N 55  
ASP N   H    sing N N 56  
ASP N   H2   sing N N 57  
ASP CA  C    sing N N 58  
ASP CA  CB   sing N N 59  
ASP CA  HA   sing N N 60  
ASP C   O    doub N N 61  
ASP C   OXT  sing N N 62  
ASP CB  CG   sing N N 63  
ASP CB  HB2  sing N N 64  
ASP CB  HB3  sing N N 65  
ASP CG  OD1  doub N N 66  
ASP CG  OD2  sing N N 67  
ASP OD2 HD2  sing N N 68  
ASP OXT HXT  sing N N 69  
CYS N   CA   sing N N 70  
CYS N   H    sing N N 71  
CYS N   H2   sing N N 72  
CYS CA  C    sing N N 73  
CYS CA  CB   sing N N 74  
CYS CA  HA   sing N N 75  
CYS C   O    doub N N 76  
CYS C   OXT  sing N N 77  
CYS CB  SG   sing N N 78  
CYS CB  HB2  sing N N 79  
CYS CB  HB3  sing N N 80  
CYS SG  HG   sing N N 81  
CYS OXT HXT  sing N N 82  
GLN N   CA   sing N N 83  
GLN N   H    sing N N 84  
GLN N   H2   sing N N 85  
GLN CA  C    sing N N 86  
GLN CA  CB   sing N N 87  
GLN CA  HA   sing N N 88  
GLN C   O    doub N N 89  
GLN C   OXT  sing N N 90  
GLN CB  CG   sing N N 91  
GLN CB  HB2  sing N N 92  
GLN CB  HB3  sing N N 93  
GLN CG  CD   sing N N 94  
GLN CG  HG2  sing N N 95  
GLN CG  HG3  sing N N 96  
GLN CD  OE1  doub N N 97  
GLN CD  NE2  sing N N 98  
GLN NE2 HE21 sing N N 99  
GLN NE2 HE22 sing N N 100 
GLN OXT HXT  sing N N 101 
GLU N   CA   sing N N 102 
GLU N   H    sing N N 103 
GLU N   H2   sing N N 104 
GLU CA  C    sing N N 105 
GLU CA  CB   sing N N 106 
GLU CA  HA   sing N N 107 
GLU C   O    doub N N 108 
GLU C   OXT  sing N N 109 
GLU CB  CG   sing N N 110 
GLU CB  HB2  sing N N 111 
GLU CB  HB3  sing N N 112 
GLU CG  CD   sing N N 113 
GLU CG  HG2  sing N N 114 
GLU CG  HG3  sing N N 115 
GLU CD  OE1  doub N N 116 
GLU CD  OE2  sing N N 117 
GLU OE2 HE2  sing N N 118 
GLU OXT HXT  sing N N 119 
GLY N   CA   sing N N 120 
GLY N   H    sing N N 121 
GLY N   H2   sing N N 122 
GLY CA  C    sing N N 123 
GLY CA  HA2  sing N N 124 
GLY CA  HA3  sing N N 125 
GLY C   O    doub N N 126 
GLY C   OXT  sing N N 127 
GLY OXT HXT  sing N N 128 
H6P O14 P13  doub N N 129 
H6P O15 P13  sing N N 130 
H6P O16 P13  sing N N 131 
H6P P13 O29  sing N N 132 
H6P O15 HO15 sing N N 133 
H6P O16 P17  sing N N 134 
H6P O19 P17  doub N N 135 
H6P P17 O20  sing N N 136 
H6P P17 O18  sing N N 137 
H6P O18 HO18 sing N N 138 
H6P O20 HO20 sing N N 139 
H6P C21 C30  sing N N 140 
H6P C21 H21  sing N N 141 
H6P C21 H21A sing N N 142 
H6P C21 H21B sing N N 143 
H6P C30 C27  doub N E 144 
H6P C28 C27  sing N N 145 
H6P C27 H27  sing N N 146 
H6P O29 C28  sing N N 147 
H6P C28 H28  sing N N 148 
H6P C28 H28A sing N N 149 
H6P C30 C31  sing N N 150 
H6P C31 O33  sing N N 151 
H6P C31 H31  sing N N 152 
H6P C31 H31A sing N N 153 
H6P O33 HO33 sing N N 154 
HIS N   CA   sing N N 155 
HIS N   H    sing N N 156 
HIS N   H2   sing N N 157 
HIS CA  C    sing N N 158 
HIS CA  CB   sing N N 159 
HIS CA  HA   sing N N 160 
HIS C   O    doub N N 161 
HIS C   OXT  sing N N 162 
HIS CB  CG   sing N N 163 
HIS CB  HB2  sing N N 164 
HIS CB  HB3  sing N N 165 
HIS CG  ND1  sing Y N 166 
HIS CG  CD2  doub Y N 167 
HIS ND1 CE1  doub Y N 168 
HIS ND1 HD1  sing N N 169 
HIS CD2 NE2  sing Y N 170 
HIS CD2 HD2  sing N N 171 
HIS CE1 NE2  sing Y N 172 
HIS CE1 HE1  sing N N 173 
HIS NE2 HE2  sing N N 174 
HIS OXT HXT  sing N N 175 
HOH O   H1   sing N N 176 
HOH O   H2   sing N N 177 
ILE N   CA   sing N N 178 
ILE N   H    sing N N 179 
ILE N   H2   sing N N 180 
ILE CA  C    sing N N 181 
ILE CA  CB   sing N N 182 
ILE CA  HA   sing N N 183 
ILE C   O    doub N N 184 
ILE C   OXT  sing N N 185 
ILE CB  CG1  sing N N 186 
ILE CB  CG2  sing N N 187 
ILE CB  HB   sing N N 188 
ILE CG1 CD1  sing N N 189 
ILE CG1 HG12 sing N N 190 
ILE CG1 HG13 sing N N 191 
ILE CG2 HG21 sing N N 192 
ILE CG2 HG22 sing N N 193 
ILE CG2 HG23 sing N N 194 
ILE CD1 HD11 sing N N 195 
ILE CD1 HD12 sing N N 196 
ILE CD1 HD13 sing N N 197 
ILE OXT HXT  sing N N 198 
LEU N   CA   sing N N 199 
LEU N   H    sing N N 200 
LEU N   H2   sing N N 201 
LEU CA  C    sing N N 202 
LEU CA  CB   sing N N 203 
LEU CA  HA   sing N N 204 
LEU C   O    doub N N 205 
LEU C   OXT  sing N N 206 
LEU CB  CG   sing N N 207 
LEU CB  HB2  sing N N 208 
LEU CB  HB3  sing N N 209 
LEU CG  CD1  sing N N 210 
LEU CG  CD2  sing N N 211 
LEU CG  HG   sing N N 212 
LEU CD1 HD11 sing N N 213 
LEU CD1 HD12 sing N N 214 
LEU CD1 HD13 sing N N 215 
LEU CD2 HD21 sing N N 216 
LEU CD2 HD22 sing N N 217 
LEU CD2 HD23 sing N N 218 
LEU OXT HXT  sing N N 219 
LYS N   CA   sing N N 220 
LYS N   H    sing N N 221 
LYS N   H2   sing N N 222 
LYS CA  C    sing N N 223 
LYS CA  CB   sing N N 224 
LYS CA  HA   sing N N 225 
LYS C   O    doub N N 226 
LYS C   OXT  sing N N 227 
LYS CB  CG   sing N N 228 
LYS CB  HB2  sing N N 229 
LYS CB  HB3  sing N N 230 
LYS CG  CD   sing N N 231 
LYS CG  HG2  sing N N 232 
LYS CG  HG3  sing N N 233 
LYS CD  CE   sing N N 234 
LYS CD  HD2  sing N N 235 
LYS CD  HD3  sing N N 236 
LYS CE  NZ   sing N N 237 
LYS CE  HE2  sing N N 238 
LYS CE  HE3  sing N N 239 
LYS NZ  HZ1  sing N N 240 
LYS NZ  HZ2  sing N N 241 
LYS NZ  HZ3  sing N N 242 
LYS OXT HXT  sing N N 243 
MET N   CA   sing N N 244 
MET N   H    sing N N 245 
MET N   H2   sing N N 246 
MET CA  C    sing N N 247 
MET CA  CB   sing N N 248 
MET CA  HA   sing N N 249 
MET C   O    doub N N 250 
MET C   OXT  sing N N 251 
MET CB  CG   sing N N 252 
MET CB  HB2  sing N N 253 
MET CB  HB3  sing N N 254 
MET CG  SD   sing N N 255 
MET CG  HG2  sing N N 256 
MET CG  HG3  sing N N 257 
MET SD  CE   sing N N 258 
MET CE  HE1  sing N N 259 
MET CE  HE2  sing N N 260 
MET CE  HE3  sing N N 261 
MET OXT HXT  sing N N 262 
PHE N   CA   sing N N 263 
PHE N   H    sing N N 264 
PHE N   H2   sing N N 265 
PHE CA  C    sing N N 266 
PHE CA  CB   sing N N 267 
PHE CA  HA   sing N N 268 
PHE C   O    doub N N 269 
PHE C   OXT  sing N N 270 
PHE CB  CG   sing N N 271 
PHE CB  HB2  sing N N 272 
PHE CB  HB3  sing N N 273 
PHE CG  CD1  doub Y N 274 
PHE CG  CD2  sing Y N 275 
PHE CD1 CE1  sing Y N 276 
PHE CD1 HD1  sing N N 277 
PHE CD2 CE2  doub Y N 278 
PHE CD2 HD2  sing N N 279 
PHE CE1 CZ   doub Y N 280 
PHE CE1 HE1  sing N N 281 
PHE CE2 CZ   sing Y N 282 
PHE CE2 HE2  sing N N 283 
PHE CZ  HZ   sing N N 284 
PHE OXT HXT  sing N N 285 
PRO N   CA   sing N N 286 
PRO N   CD   sing N N 287 
PRO N   H    sing N N 288 
PRO CA  C    sing N N 289 
PRO CA  CB   sing N N 290 
PRO CA  HA   sing N N 291 
PRO C   O    doub N N 292 
PRO C   OXT  sing N N 293 
PRO CB  CG   sing N N 294 
PRO CB  HB2  sing N N 295 
PRO CB  HB3  sing N N 296 
PRO CG  CD   sing N N 297 
PRO CG  HG2  sing N N 298 
PRO CG  HG3  sing N N 299 
PRO CD  HD2  sing N N 300 
PRO CD  HD3  sing N N 301 
PRO OXT HXT  sing N N 302 
SER N   CA   sing N N 303 
SER N   H    sing N N 304 
SER N   H2   sing N N 305 
SER CA  C    sing N N 306 
SER CA  CB   sing N N 307 
SER CA  HA   sing N N 308 
SER C   O    doub N N 309 
SER C   OXT  sing N N 310 
SER CB  OG   sing N N 311 
SER CB  HB2  sing N N 312 
SER CB  HB3  sing N N 313 
SER OG  HG   sing N N 314 
SER OXT HXT  sing N N 315 
THR N   CA   sing N N 316 
THR N   H    sing N N 317 
THR N   H2   sing N N 318 
THR CA  C    sing N N 319 
THR CA  CB   sing N N 320 
THR CA  HA   sing N N 321 
THR C   O    doub N N 322 
THR C   OXT  sing N N 323 
THR CB  OG1  sing N N 324 
THR CB  CG2  sing N N 325 
THR CB  HB   sing N N 326 
THR OG1 HG1  sing N N 327 
THR CG2 HG21 sing N N 328 
THR CG2 HG22 sing N N 329 
THR CG2 HG23 sing N N 330 
THR OXT HXT  sing N N 331 
TRP N   CA   sing N N 332 
TRP N   H    sing N N 333 
TRP N   H2   sing N N 334 
TRP CA  C    sing N N 335 
TRP CA  CB   sing N N 336 
TRP CA  HA   sing N N 337 
TRP C   O    doub N N 338 
TRP C   OXT  sing N N 339 
TRP CB  CG   sing N N 340 
TRP CB  HB2  sing N N 341 
TRP CB  HB3  sing N N 342 
TRP CG  CD1  doub Y N 343 
TRP CG  CD2  sing Y N 344 
TRP CD1 NE1  sing Y N 345 
TRP CD1 HD1  sing N N 346 
TRP CD2 CE2  doub Y N 347 
TRP CD2 CE3  sing Y N 348 
TRP NE1 CE2  sing Y N 349 
TRP NE1 HE1  sing N N 350 
TRP CE2 CZ2  sing Y N 351 
TRP CE3 CZ3  doub Y N 352 
TRP CE3 HE3  sing N N 353 
TRP CZ2 CH2  doub Y N 354 
TRP CZ2 HZ2  sing N N 355 
TRP CZ3 CH2  sing Y N 356 
TRP CZ3 HZ3  sing N N 357 
TRP CH2 HH2  sing N N 358 
TRP OXT HXT  sing N N 359 
TYR N   CA   sing N N 360 
TYR N   H    sing N N 361 
TYR N   H2   sing N N 362 
TYR CA  C    sing N N 363 
TYR CA  CB   sing N N 364 
TYR CA  HA   sing N N 365 
TYR C   O    doub N N 366 
TYR C   OXT  sing N N 367 
TYR CB  CG   sing N N 368 
TYR CB  HB2  sing N N 369 
TYR CB  HB3  sing N N 370 
TYR CG  CD1  doub Y N 371 
TYR CG  CD2  sing Y N 372 
TYR CD1 CE1  sing Y N 373 
TYR CD1 HD1  sing N N 374 
TYR CD2 CE2  doub Y N 375 
TYR CD2 HD2  sing N N 376 
TYR CE1 CZ   doub Y N 377 
TYR CE1 HE1  sing N N 378 
TYR CE2 CZ   sing Y N 379 
TYR CE2 HE2  sing N N 380 
TYR CZ  OH   sing N N 381 
TYR OH  HH   sing N N 382 
TYR OXT HXT  sing N N 383 
VAL N   CA   sing N N 384 
VAL N   H    sing N N 385 
VAL N   H2   sing N N 386 
VAL CA  C    sing N N 387 
VAL CA  CB   sing N N 388 
VAL CA  HA   sing N N 389 
VAL C   O    doub N N 390 
VAL C   OXT  sing N N 391 
VAL CB  CG1  sing N N 392 
VAL CB  CG2  sing N N 393 
VAL CB  HB   sing N N 394 
VAL CG1 HG11 sing N N 395 
VAL CG1 HG12 sing N N 396 
VAL CG1 HG13 sing N N 397 
VAL CG2 HG21 sing N N 398 
VAL CG2 HG22 sing N N 399 
VAL CG2 HG23 sing N N 400 
VAL OXT HXT  sing N N 401 
# 
_pdbx_entity_instance_feature.ordinal        1 
_pdbx_entity_instance_feature.comp_id        H6P 
_pdbx_entity_instance_feature.asym_id        ? 
_pdbx_entity_instance_feature.seq_num        ? 
_pdbx_entity_instance_feature.auth_comp_id   H6P 
_pdbx_entity_instance_feature.auth_asym_id   ? 
_pdbx_entity_instance_feature.auth_seq_num   ? 
_pdbx_entity_instance_feature.feature_type   'SUBJECT OF INVESTIGATION' 
_pdbx_entity_instance_feature.details        ? 
# 
loop_
_pdbx_entity_nonpoly.entity_id 
_pdbx_entity_nonpoly.name 
_pdbx_entity_nonpoly.comp_id 
2 '(2E)-4-hydroxy-3-methylbut-2-en-1-yl trihydrogen diphosphate' H6P 
3 water                                                          HOH 
# 
_pdbx_initial_refinement_model.id               1 
_pdbx_initial_refinement_model.entity_id_list   ? 
_pdbx_initial_refinement_model.type             'experimental model' 
_pdbx_initial_refinement_model.source_name      PDB 
_pdbx_initial_refinement_model.accession_code   4N7U 
_pdbx_initial_refinement_model.details          ? 
# 
_pdbx_struct_assembly_auth_evidence.id                     1 
_pdbx_struct_assembly_auth_evidence.assembly_id            1 
_pdbx_struct_assembly_auth_evidence.experimental_support   'gel filtration' 
_pdbx_struct_assembly_auth_evidence.details                ? 
# 
